data_8AXD
#
_entry.id   8AXD
#
_cell.length_a   1.00
_cell.length_b   1.00
_cell.length_c   1.00
_cell.angle_alpha   90.00
_cell.angle_beta   90.00
_cell.angle_gamma   90.00
#
_symmetry.space_group_name_H-M   'P 1'
#
loop_
_entity.id
_entity.type
_entity.pdbx_description
1 polymer '5-hydroxytryptamine receptor 3A'
2 branched 2-acetamido-2-deoxy-beta-D-glucopyranose-(1-4)-2-acetamido-2-deoxy-beta-D-glucopyranose
3 non-polymer 2-acetamido-2-deoxy-beta-D-glucopyranose
#
_entity_poly.entity_id   1
_entity_poly.type   'polypeptide(L)'
_entity_poly.pdbx_seq_one_letter_code
;MLLWVQQALLALLLPTLLAQGEARRSWSHPQFEKGGGSGGGSGGGSWSHPQFEKGGGSGGGSGGGSWSHPQFEKGGGSGG
GSGGGSWSHPQFEKENLYFQGSGRNTTRPALLRLSDYLLTNYRKGVRPVRDWRKPTTVSIDVIVYAILNVDEKNQVLTTY
IWYRQYWTDEFLQWNPEDFDNITKLSIPTDSIWVPDILINEFVDVGKSPNIPYVYIRHQGEVQNYKPLQVVTACSLDIYN
FPFDVQNCSLTFTSWLHTIQDINISLWRLPEKVKSDRSVFMNQGEWELLGVLPYFREFSMESSNYYAEMKFYVVIRRRPL
FYVVSLLLPSIFLMVMDIVGFYLPPNSGERVSFKITLLLGYSVFLIIVSDTLPATAIGTPLIGVYFVVCMALLVISLAET
IFIVRLVHKQDLQQPVPAWLRHLVLERIAWLLCLREQSTSQRPPATSQATKTDDCSAMGNHCSHMGGPQDFEKSPRDRCS
PPPPPREASLAVCGLLQELSSIRQFLEKRDEIREVARDWLRVGSVLDKLLFHIYLLAVLAYSITLVMLWSIWQYA
;
_entity_poly.pdbx_strand_id   A,B,C,D,E
#
loop_
_chem_comp.id
_chem_comp.type
_chem_comp.name
_chem_comp.formula
NAG D-saccharide, beta linking 2-acetamido-2-deoxy-beta-D-glucopyranose 'C8 H15 N O6'
#
# COMPACT_ATOMS: atom_id res chain seq x y z
N THR A 106 26.09 56.62 -28.59
CA THR A 106 24.61 56.76 -28.49
C THR A 106 24.18 56.86 -27.02
N THR A 107 23.15 57.67 -26.76
CA THR A 107 22.72 57.89 -25.38
C THR A 107 22.20 56.62 -24.74
N ARG A 108 21.43 55.83 -25.47
CA ARG A 108 20.80 54.66 -24.89
C ARG A 108 21.85 53.60 -24.53
N PRO A 109 21.58 52.76 -23.53
CA PRO A 109 22.49 51.67 -23.23
C PRO A 109 22.66 50.72 -24.41
N ALA A 110 23.86 50.15 -24.52
CA ALA A 110 24.15 49.29 -25.67
C ALA A 110 23.24 48.07 -25.71
N LEU A 111 23.03 47.41 -24.57
CA LEU A 111 22.18 46.23 -24.55
C LEU A 111 20.75 46.56 -24.95
N LEU A 112 20.21 47.65 -24.40
CA LEU A 112 18.84 48.05 -24.72
C LEU A 112 18.71 48.38 -26.21
N ARG A 113 19.67 49.12 -26.75
CA ARG A 113 19.63 49.48 -28.17
C ARG A 113 19.72 48.25 -29.04
N LEU A 114 20.60 47.30 -28.69
CA LEU A 114 20.73 46.09 -29.48
C LEU A 114 19.46 45.25 -29.43
N SER A 115 18.86 45.11 -28.25
CA SER A 115 17.61 44.36 -28.14
C SER A 115 16.50 45.01 -28.95
N ASP A 116 16.41 46.34 -28.92
CA ASP A 116 15.43 47.02 -29.73
C ASP A 116 15.69 46.79 -31.22
N TYR A 117 16.96 46.87 -31.63
CA TYR A 117 17.30 46.67 -33.03
C TYR A 117 16.97 45.25 -33.50
N LEU A 118 17.09 44.27 -32.61
CA LEU A 118 16.87 42.89 -33.00
C LEU A 118 15.39 42.50 -32.98
N LEU A 119 14.72 42.75 -31.86
CA LEU A 119 13.40 42.16 -31.61
C LEU A 119 12.24 43.03 -32.05
N THR A 120 12.49 44.24 -32.56
CA THR A 120 11.38 45.10 -32.95
C THR A 120 10.72 44.65 -34.25
N ASN A 121 11.49 44.00 -35.14
CA ASN A 121 10.96 43.52 -36.41
C ASN A 121 10.98 42.00 -36.50
N TYR A 122 11.28 41.30 -35.42
CA TYR A 122 11.40 39.84 -35.44
C TYR A 122 10.03 39.19 -35.35
N ARG A 123 9.83 38.14 -36.14
CA ARG A 123 8.61 37.34 -36.10
C ARG A 123 8.92 36.02 -35.40
N LYS A 124 8.15 35.72 -34.36
CA LYS A 124 8.42 34.55 -33.54
C LYS A 124 8.03 33.26 -34.24
N GLY A 125 7.04 33.30 -35.11
CA GLY A 125 6.50 32.12 -35.74
C GLY A 125 7.06 31.79 -37.11
N VAL A 126 8.20 32.36 -37.49
CA VAL A 126 8.81 32.14 -38.79
C VAL A 126 10.15 31.46 -38.58
N ARG A 127 10.38 30.37 -39.32
CA ARG A 127 11.65 29.67 -39.22
C ARG A 127 12.78 30.58 -39.68
N PRO A 128 13.86 30.71 -38.91
CA PRO A 128 14.90 31.72 -39.24
C PRO A 128 15.88 31.29 -40.33
N VAL A 129 15.43 31.41 -41.57
CA VAL A 129 16.27 31.17 -42.74
C VAL A 129 15.87 32.16 -43.83
N ARG A 130 16.85 32.88 -44.37
CA ARG A 130 16.55 33.78 -45.48
C ARG A 130 16.08 33.01 -46.70
N ASP A 131 16.71 31.87 -46.98
CA ASP A 131 16.29 30.99 -48.06
C ASP A 131 15.56 29.79 -47.45
N TRP A 132 14.29 29.63 -47.81
CA TRP A 132 13.47 28.58 -47.22
C TRP A 132 13.98 27.19 -47.61
N ARG A 133 14.80 27.07 -48.65
CA ARG A 133 15.33 25.77 -49.05
C ARG A 133 16.45 25.30 -48.13
N LYS A 134 17.00 26.19 -47.31
CA LYS A 134 18.08 25.82 -46.40
C LYS A 134 17.50 25.28 -45.11
N PRO A 135 17.80 24.04 -44.72
CA PRO A 135 17.28 23.52 -43.44
C PRO A 135 17.98 24.16 -42.26
N THR A 136 17.26 24.16 -41.13
CA THR A 136 17.80 24.67 -39.87
C THR A 136 18.41 23.50 -39.10
N THR A 137 19.73 23.54 -38.91
CA THR A 137 20.44 22.46 -38.24
C THR A 137 20.50 22.74 -36.75
N VAL A 138 19.99 21.81 -35.95
CA VAL A 138 19.95 21.93 -34.50
C VAL A 138 20.96 20.93 -33.94
N SER A 139 22.02 21.44 -33.34
CA SER A 139 23.04 20.60 -32.70
C SER A 139 22.68 20.44 -31.23
N ILE A 140 22.40 19.22 -30.81
CA ILE A 140 21.91 18.94 -29.47
C ILE A 140 22.98 18.22 -28.67
N ASP A 141 22.80 18.21 -27.36
CA ASP A 141 23.66 17.48 -26.44
C ASP A 141 22.82 17.02 -25.26
N VAL A 142 23.13 15.84 -24.74
CA VAL A 142 22.38 15.24 -23.65
C VAL A 142 23.35 14.81 -22.56
N ILE A 143 23.04 15.19 -21.33
CA ILE A 143 23.81 14.80 -20.16
C ILE A 143 22.85 14.21 -19.14
N VAL A 144 23.01 12.93 -18.84
CA VAL A 144 22.10 12.25 -17.91
C VAL A 144 22.50 12.61 -16.49
N TYR A 145 21.53 13.05 -15.71
CA TYR A 145 21.76 13.47 -14.33
C TYR A 145 21.37 12.38 -13.32
N ALA A 146 20.19 11.79 -13.47
CA ALA A 146 19.73 10.79 -12.51
C ALA A 146 18.68 9.90 -13.17
N ILE A 147 18.55 8.70 -12.64
CA ILE A 147 17.50 7.77 -13.04
C ILE A 147 16.45 7.79 -11.93
N LEU A 148 15.44 8.63 -12.10
CA LEU A 148 14.47 8.86 -11.03
C LEU A 148 13.68 7.59 -10.71
N ASN A 149 13.24 6.86 -11.74
CA ASN A 149 12.40 5.69 -11.52
C ASN A 149 12.45 4.80 -12.76
N VAL A 150 12.54 3.50 -12.52
CA VAL A 150 12.44 2.49 -13.56
C VAL A 150 11.27 1.59 -13.20
N ASP A 151 10.23 1.63 -14.03
CA ASP A 151 8.99 0.89 -13.78
C ASP A 151 8.94 -0.29 -14.73
N GLU A 152 9.45 -1.44 -14.27
CA GLU A 152 9.45 -2.63 -15.11
C GLU A 152 8.04 -3.13 -15.36
N LYS A 153 7.13 -2.91 -14.41
CA LYS A 153 5.75 -3.35 -14.59
C LYS A 153 5.09 -2.63 -15.76
N ASN A 154 5.21 -1.31 -15.80
CA ASN A 154 4.59 -0.51 -16.85
C ASN A 154 5.52 -0.23 -18.03
N GLN A 155 6.76 -0.72 -17.98
CA GLN A 155 7.72 -0.48 -19.05
C GLN A 155 7.91 1.03 -19.28
N VAL A 156 8.08 1.76 -18.20
CA VAL A 156 8.23 3.21 -18.22
C VAL A 156 9.51 3.58 -17.51
N LEU A 157 10.31 4.43 -18.14
CA LEU A 157 11.56 4.92 -17.58
C LEU A 157 11.44 6.41 -17.34
N THR A 158 11.84 6.86 -16.14
CA THR A 158 11.84 8.27 -15.77
C THR A 158 13.27 8.66 -15.43
N THR A 159 13.79 9.64 -16.18
CA THR A 159 15.17 10.10 -15.99
C THR A 159 15.22 11.61 -16.14
N TYR A 160 16.22 12.21 -15.52
CA TYR A 160 16.46 13.65 -15.57
C TYR A 160 17.73 13.92 -16.34
N ILE A 161 17.64 14.76 -17.37
CA ILE A 161 18.77 15.05 -18.24
C ILE A 161 18.95 16.56 -18.33
N TRP A 162 20.18 16.98 -18.65
CA TRP A 162 20.50 18.38 -18.90
C TRP A 162 20.63 18.54 -20.41
N TYR A 163 19.53 18.86 -21.05
CA TYR A 163 19.47 18.95 -22.51
C TYR A 163 19.82 20.36 -22.95
N ARG A 164 20.66 20.47 -23.97
CA ARG A 164 21.04 21.75 -24.53
C ARG A 164 21.18 21.63 -26.04
N GLN A 165 20.74 22.67 -26.75
CA GLN A 165 20.76 22.69 -28.19
C GLN A 165 21.12 24.09 -28.67
N TYR A 166 21.79 24.17 -29.82
CA TYR A 166 22.06 25.46 -30.44
C TYR A 166 21.79 25.37 -31.94
N TRP A 167 21.29 26.48 -32.48
CA TRP A 167 21.00 26.60 -33.91
C TRP A 167 21.36 28.02 -34.35
N THR A 168 21.27 28.25 -35.65
CA THR A 168 21.62 29.54 -36.24
C THR A 168 20.34 30.31 -36.55
N ASP A 169 20.25 31.53 -36.03
CA ASP A 169 19.13 32.44 -36.30
C ASP A 169 19.62 33.51 -37.25
N GLU A 170 19.26 33.38 -38.52
CA GLU A 170 19.76 34.30 -39.54
C GLU A 170 19.21 35.70 -39.39
N PHE A 171 18.11 35.87 -38.65
CA PHE A 171 17.54 37.20 -38.43
C PHE A 171 18.17 37.91 -37.23
N LEU A 172 18.69 37.15 -36.27
CA LEU A 172 19.30 37.74 -35.07
C LEU A 172 20.82 37.86 -35.25
N GLN A 173 21.20 38.70 -36.21
CA GLN A 173 22.59 38.98 -36.51
C GLN A 173 22.83 40.48 -36.43
N TRP A 174 24.01 40.85 -35.95
CA TRP A 174 24.35 42.25 -35.77
C TRP A 174 25.85 42.43 -35.84
N ASN A 175 26.27 43.68 -36.06
CA ASN A 175 27.69 44.01 -36.09
C ASN A 175 28.13 44.50 -34.71
N PRO A 176 29.05 43.81 -34.03
CA PRO A 176 29.41 44.24 -32.68
C PRO A 176 29.91 45.67 -32.60
N GLU A 177 30.63 46.14 -33.61
CA GLU A 177 31.21 47.47 -33.56
C GLU A 177 30.14 48.56 -33.48
N ASP A 178 28.92 48.28 -33.92
CA ASP A 178 27.84 49.25 -33.87
C ASP A 178 27.09 49.25 -32.55
N PHE A 179 27.40 48.32 -31.65
CA PHE A 179 26.71 48.18 -30.37
C PHE A 179 27.71 47.99 -29.23
N ASP A 180 28.72 48.85 -29.20
CA ASP A 180 29.72 48.85 -28.13
C ASP A 180 30.41 47.49 -28.01
N ASN A 181 30.71 46.89 -29.15
CA ASN A 181 31.48 45.64 -29.20
C ASN A 181 30.80 44.53 -28.39
N ILE A 182 29.49 44.43 -28.51
CA ILE A 182 28.74 43.35 -27.88
C ILE A 182 28.76 42.15 -28.82
N THR A 183 29.37 41.06 -28.37
CA THR A 183 29.46 39.83 -29.16
C THR A 183 28.54 38.74 -28.66
N LYS A 184 27.99 38.87 -27.46
CA LYS A 184 27.10 37.89 -26.88
C LYS A 184 25.98 38.60 -26.13
N LEU A 185 24.76 38.09 -26.29
CA LEU A 185 23.57 38.72 -25.72
C LEU A 185 22.64 37.65 -25.21
N SER A 186 21.88 37.99 -24.17
CA SER A 186 20.86 37.13 -23.60
C SER A 186 19.48 37.67 -23.98
N ILE A 187 18.64 36.79 -24.51
CA ILE A 187 17.30 37.19 -24.97
C ILE A 187 16.30 36.21 -24.39
N PRO A 188 15.09 36.64 -24.05
CA PRO A 188 14.09 35.69 -23.53
C PRO A 188 13.77 34.60 -24.54
N THR A 189 13.54 33.39 -24.02
CA THR A 189 13.20 32.27 -24.88
C THR A 189 11.86 32.48 -25.57
N ASP A 190 10.89 33.07 -24.87
CA ASP A 190 9.54 33.25 -25.39
C ASP A 190 9.44 34.40 -26.39
N SER A 191 10.56 34.92 -26.88
CA SER A 191 10.55 36.01 -27.85
C SER A 191 11.25 35.64 -29.16
N ILE A 192 11.67 34.39 -29.32
CA ILE A 192 12.36 33.95 -30.52
C ILE A 192 11.85 32.58 -30.93
N TRP A 193 12.13 32.22 -32.19
CA TRP A 193 11.74 30.91 -32.70
C TRP A 193 12.54 29.82 -32.02
N VAL A 194 11.84 28.76 -31.61
CA VAL A 194 12.46 27.62 -30.94
C VAL A 194 12.02 26.34 -31.64
N PRO A 195 12.93 25.45 -32.00
CA PRO A 195 12.52 24.22 -32.69
C PRO A 195 11.69 23.32 -31.78
N ASP A 196 10.82 22.54 -32.41
CA ASP A 196 9.93 21.64 -31.68
C ASP A 196 10.55 20.24 -31.59
N ILE A 197 11.73 20.19 -30.96
CA ILE A 197 12.42 18.93 -30.74
C ILE A 197 11.78 18.22 -29.56
N LEU A 198 11.36 16.97 -29.79
CA LEU A 198 10.72 16.16 -28.76
C LEU A 198 11.29 14.76 -28.83
N ILE A 199 10.86 13.93 -27.87
CA ILE A 199 11.28 12.54 -27.77
C ILE A 199 10.10 11.67 -28.18
N ASN A 200 10.33 10.76 -29.13
CA ASN A 200 9.26 9.89 -29.60
C ASN A 200 8.74 9.00 -28.48
N GLU A 201 9.63 8.52 -27.62
CA GLU A 201 9.26 7.60 -26.55
C GLU A 201 8.45 8.25 -25.45
N PHE A 202 8.06 9.52 -25.56
CA PHE A 202 7.27 10.14 -24.51
C PHE A 202 5.97 9.40 -24.29
N VAL A 203 5.65 9.13 -23.03
CA VAL A 203 4.34 8.65 -22.63
C VAL A 203 3.70 9.54 -21.59
N ASP A 204 4.44 10.52 -21.06
CA ASP A 204 3.96 11.41 -20.01
C ASP A 204 4.81 12.67 -20.06
N VAL A 205 4.27 13.75 -19.51
CA VAL A 205 4.97 15.03 -19.47
C VAL A 205 5.54 15.22 -18.08
N GLY A 206 6.87 15.25 -17.97
CA GLY A 206 7.50 15.54 -16.71
C GLY A 206 7.54 17.03 -16.44
N LYS A 207 7.58 17.36 -15.16
CA LYS A 207 7.54 18.77 -14.74
C LYS A 207 8.97 19.25 -14.56
N SER A 208 9.39 20.20 -15.39
CA SER A 208 10.76 20.69 -15.36
C SER A 208 10.78 22.20 -15.27
N PRO A 209 11.79 22.77 -14.61
CA PRO A 209 11.84 24.23 -14.51
C PRO A 209 11.99 24.89 -15.87
N ASN A 210 11.34 26.05 -16.02
CA ASN A 210 11.40 26.79 -17.27
C ASN A 210 12.61 27.71 -17.27
N ILE A 211 13.39 27.67 -18.35
CA ILE A 211 14.55 28.53 -18.53
C ILE A 211 14.10 29.74 -19.35
N PRO A 212 14.04 30.94 -18.76
CA PRO A 212 13.44 32.08 -19.48
C PRO A 212 14.35 32.73 -20.52
N TYR A 213 15.66 32.51 -20.46
CA TYR A 213 16.61 33.21 -21.31
C TYR A 213 17.44 32.23 -22.11
N VAL A 214 17.91 32.70 -23.27
CA VAL A 214 18.85 31.97 -24.10
C VAL A 214 19.96 32.93 -24.50
N TYR A 215 21.12 32.36 -24.85
CA TYR A 215 22.26 33.15 -25.28
C TYR A 215 22.28 33.27 -26.80
N ILE A 216 22.59 34.46 -27.29
CA ILE A 216 22.65 34.75 -28.71
C ILE A 216 23.96 35.47 -29.00
N ARG A 217 24.61 35.09 -30.09
CA ARG A 217 25.88 35.66 -30.50
C ARG A 217 25.70 36.42 -31.81
N HIS A 218 26.66 37.31 -32.09
CA HIS A 218 26.50 38.27 -33.16
C HIS A 218 26.36 37.59 -34.52
N GLN A 219 26.92 36.39 -34.68
CA GLN A 219 26.87 35.69 -35.95
C GLN A 219 25.60 34.85 -36.11
N GLY A 220 24.73 34.83 -35.10
CA GLY A 220 23.43 34.20 -35.21
C GLY A 220 23.23 32.97 -34.35
N GLU A 221 24.28 32.40 -33.77
CA GLU A 221 24.12 31.20 -32.97
C GLU A 221 23.29 31.49 -31.74
N VAL A 222 22.35 30.59 -31.45
CA VAL A 222 21.47 30.69 -30.29
C VAL A 222 21.71 29.47 -29.42
N GLN A 223 22.03 29.68 -28.16
CA GLN A 223 22.29 28.61 -27.21
C GLN A 223 21.14 28.51 -26.22
N ASN A 224 20.55 27.32 -26.12
CA ASN A 224 19.43 27.06 -25.22
C ASN A 224 19.79 25.91 -24.31
N TYR A 225 19.92 26.19 -23.03
CA TYR A 225 20.14 25.18 -22.00
C TYR A 225 18.87 25.00 -21.19
N LYS A 226 18.46 23.75 -20.99
CA LYS A 226 17.26 23.51 -20.20
C LYS A 226 17.26 22.09 -19.68
N PRO A 227 16.93 21.86 -18.41
CA PRO A 227 16.78 20.49 -17.92
C PRO A 227 15.42 19.94 -18.23
N LEU A 228 15.35 18.61 -18.37
CA LEU A 228 14.13 17.93 -18.75
C LEU A 228 13.95 16.68 -17.92
N GLN A 229 12.78 16.55 -17.29
CA GLN A 229 12.34 15.30 -16.69
C GLN A 229 11.50 14.57 -17.73
N VAL A 230 12.06 13.53 -18.33
CA VAL A 230 11.44 12.84 -19.45
C VAL A 230 10.92 11.48 -18.95
N VAL A 231 9.65 11.22 -19.19
CA VAL A 231 9.01 9.96 -18.86
C VAL A 231 8.85 9.20 -20.17
N THR A 232 9.71 8.21 -20.39
CA THR A 232 9.79 7.50 -21.65
C THR A 232 9.54 6.01 -21.42
N ALA A 233 8.91 5.37 -22.40
CA ALA A 233 8.65 3.95 -22.37
C ALA A 233 9.68 3.21 -23.21
N CYS A 234 10.27 2.17 -22.63
CA CYS A 234 11.28 1.37 -23.32
C CYS A 234 11.08 -0.09 -22.93
N SER A 235 11.94 -0.96 -23.45
CA SER A 235 11.87 -2.40 -23.22
C SER A 235 12.72 -2.71 -22.00
N LEU A 236 12.06 -3.00 -20.88
CA LEU A 236 12.73 -3.33 -19.62
C LEU A 236 12.66 -4.84 -19.44
N ASP A 237 13.62 -5.55 -20.03
CA ASP A 237 13.71 -6.99 -19.88
C ASP A 237 14.40 -7.32 -18.57
N ILE A 238 13.70 -8.07 -17.71
CA ILE A 238 14.21 -8.38 -16.38
C ILE A 238 14.58 -9.86 -16.30
N TYR A 239 14.95 -10.44 -17.45
CA TYR A 239 15.31 -11.85 -17.47
C TYR A 239 16.50 -12.13 -16.57
N ASN A 240 17.51 -11.26 -16.60
CA ASN A 240 18.71 -11.42 -15.77
C ASN A 240 18.58 -10.70 -14.44
N PHE A 241 17.36 -10.39 -14.01
CA PHE A 241 17.17 -9.71 -12.73
C PHE A 241 17.73 -10.58 -11.61
N PRO A 242 18.42 -10.00 -10.62
CA PRO A 242 18.72 -8.57 -10.42
C PRO A 242 19.99 -8.09 -11.11
N PHE A 243 20.59 -8.90 -11.97
CA PHE A 243 21.79 -8.52 -12.71
C PHE A 243 21.45 -8.03 -14.11
N ASP A 244 20.28 -7.43 -14.29
CA ASP A 244 19.83 -7.01 -15.61
C ASP A 244 20.49 -5.71 -16.03
N VAL A 245 20.83 -5.61 -17.31
CA VAL A 245 21.36 -4.40 -17.91
C VAL A 245 20.33 -3.91 -18.92
N GLN A 246 19.73 -2.76 -18.64
CA GLN A 246 18.68 -2.22 -19.48
C GLN A 246 19.28 -1.34 -20.58
N ASN A 247 18.55 -1.27 -21.70
CA ASN A 247 19.00 -0.52 -22.88
C ASN A 247 17.80 0.28 -23.38
N CYS A 248 17.62 1.48 -22.83
CA CYS A 248 16.50 2.35 -23.16
C CYS A 248 16.99 3.49 -24.05
N SER A 249 16.23 3.78 -25.10
CA SER A 249 16.63 4.73 -26.12
C SER A 249 15.83 6.01 -26.01
N LEU A 250 16.49 7.14 -26.23
CA LEU A 250 15.86 8.45 -26.29
C LEU A 250 16.03 8.97 -27.71
N THR A 251 14.93 9.09 -28.43
CA THR A 251 14.93 9.47 -29.84
C THR A 251 14.49 10.92 -29.96
N PHE A 252 15.45 11.83 -30.05
CA PHE A 252 15.14 13.25 -30.24
C PHE A 252 14.87 13.51 -31.71
N THR A 253 13.71 14.06 -32.01
CA THR A 253 13.32 14.32 -33.39
C THR A 253 12.34 15.49 -33.43
N SER A 254 12.32 16.19 -34.55
CA SER A 254 11.35 17.25 -34.76
C SER A 254 10.00 16.64 -35.07
N TRP A 255 9.01 16.92 -34.24
CA TRP A 255 7.72 16.24 -34.37
C TRP A 255 7.06 16.56 -35.71
N LEU A 256 7.08 17.84 -36.11
CA LEU A 256 6.39 18.26 -37.33
C LEU A 256 7.35 18.42 -38.50
N HIS A 257 8.36 19.26 -38.34
CA HIS A 257 9.23 19.63 -39.46
C HIS A 257 9.98 18.40 -39.97
N THR A 258 10.01 18.25 -41.29
CA THR A 258 10.77 17.19 -41.93
C THR A 258 12.23 17.61 -42.06
N ILE A 259 13.05 16.67 -42.55
CA ILE A 259 14.49 16.91 -42.64
C ILE A 259 14.80 18.04 -43.60
N GLN A 260 13.91 18.34 -44.54
CA GLN A 260 14.12 19.46 -45.44
C GLN A 260 14.02 20.80 -44.72
N ASP A 261 13.50 20.82 -43.50
CA ASP A 261 13.37 22.03 -42.70
C ASP A 261 14.27 22.02 -41.47
N ILE A 262 14.17 20.98 -40.64
CA ILE A 262 14.97 20.85 -39.43
C ILE A 262 15.77 19.56 -39.51
N ASN A 263 17.07 19.67 -39.34
CA ASN A 263 17.97 18.53 -39.22
C ASN A 263 18.69 18.61 -37.88
N ILE A 264 19.11 17.45 -37.37
CA ILE A 264 19.67 17.34 -36.03
C ILE A 264 21.07 16.73 -36.12
N SER A 265 21.97 17.26 -35.30
CA SER A 265 23.34 16.77 -35.22
C SER A 265 23.78 16.84 -33.76
N LEU A 266 25.02 16.40 -33.51
CA LEU A 266 25.57 16.37 -32.16
C LEU A 266 26.38 17.62 -31.88
N TRP A 267 26.24 18.14 -30.65
CA TRP A 267 27.06 19.27 -30.22
C TRP A 267 28.52 18.86 -30.10
N ARG A 268 28.78 17.76 -29.41
CA ARG A 268 30.11 17.27 -29.11
C ARG A 268 30.42 16.06 -29.97
N LEU A 269 31.65 15.57 -29.84
CA LEU A 269 32.02 14.33 -30.51
C LEU A 269 31.27 13.16 -29.89
N PRO A 270 30.98 12.12 -30.67
CA PRO A 270 30.24 10.98 -30.11
C PRO A 270 30.95 10.34 -28.93
N GLU A 271 32.28 10.28 -28.95
CA GLU A 271 33.01 9.64 -27.86
C GLU A 271 32.79 10.38 -26.54
N LYS A 272 32.84 11.70 -26.56
CA LYS A 272 32.66 12.47 -25.33
C LYS A 272 31.27 12.25 -24.75
N VAL A 273 30.24 12.24 -25.62
CA VAL A 273 28.89 11.97 -25.14
C VAL A 273 28.79 10.56 -24.60
N LYS A 274 29.51 9.62 -25.21
CA LYS A 274 29.42 8.23 -24.80
C LYS A 274 29.91 8.04 -23.36
N SER A 275 30.95 8.77 -22.97
CA SER A 275 31.58 8.61 -21.66
C SER A 275 31.36 9.82 -20.76
N ASP A 276 30.24 10.53 -20.92
CA ASP A 276 29.95 11.69 -20.09
C ASP A 276 29.19 11.23 -18.85
N ARG A 277 29.89 11.22 -17.70
CA ARG A 277 29.32 10.78 -16.44
C ARG A 277 29.75 11.72 -15.32
N SER A 278 29.83 13.01 -15.62
CA SER A 278 30.40 13.97 -14.67
C SER A 278 29.42 14.25 -13.53
N VAL A 279 28.13 14.42 -13.83
CA VAL A 279 27.16 14.86 -12.85
C VAL A 279 26.14 13.77 -12.53
N PHE A 280 26.36 12.55 -12.99
CA PHE A 280 25.40 11.48 -12.75
C PHE A 280 25.37 11.13 -11.27
N MET A 281 24.17 10.90 -10.75
CA MET A 281 23.97 10.47 -9.36
C MET A 281 24.29 8.98 -9.29
N ASN A 282 25.54 8.66 -8.94
CA ASN A 282 26.02 7.29 -8.97
C ASN A 282 25.63 6.50 -7.72
N GLN A 283 25.04 7.14 -6.72
CA GLN A 283 24.67 6.47 -5.48
C GLN A 283 23.33 5.76 -5.57
N GLY A 284 22.63 5.84 -6.71
CA GLY A 284 21.33 5.23 -6.84
C GLY A 284 21.40 3.75 -7.14
N GLU A 285 20.22 3.17 -7.35
CA GLU A 285 20.13 1.74 -7.64
C GLU A 285 20.73 1.40 -8.99
N TRP A 286 20.77 2.35 -9.91
CA TRP A 286 21.18 2.10 -11.29
C TRP A 286 22.50 2.80 -11.60
N GLU A 287 23.38 2.09 -12.29
CA GLU A 287 24.68 2.59 -12.70
C GLU A 287 24.66 2.87 -14.20
N LEU A 288 25.13 4.06 -14.58
CA LEU A 288 25.13 4.46 -15.98
C LEU A 288 26.38 3.95 -16.66
N LEU A 289 26.21 3.08 -17.67
CA LEU A 289 27.36 2.57 -18.40
C LEU A 289 27.76 3.51 -19.53
N GLY A 290 26.80 4.03 -20.27
CA GLY A 290 27.10 4.94 -21.36
C GLY A 290 25.83 5.47 -21.99
N VAL A 291 26.02 6.47 -22.84
CA VAL A 291 24.94 7.09 -23.60
C VAL A 291 25.40 7.11 -25.06
N LEU A 292 24.91 6.16 -25.84
CA LEU A 292 25.38 5.98 -27.21
C LEU A 292 24.50 6.77 -28.17
N PRO A 293 25.03 7.77 -28.88
CA PRO A 293 24.24 8.48 -29.87
C PRO A 293 24.25 7.80 -31.22
N TYR A 294 23.18 8.03 -31.98
CA TYR A 294 23.03 7.43 -33.30
C TYR A 294 22.02 8.23 -34.10
N PHE A 295 22.41 8.64 -35.31
CA PHE A 295 21.58 9.45 -36.18
C PHE A 295 20.93 8.58 -37.24
N ARG A 296 19.66 8.89 -37.54
CA ARG A 296 18.89 8.13 -38.52
C ARG A 296 17.91 9.07 -39.21
N GLU A 297 17.74 8.87 -40.52
CA GLU A 297 16.78 9.63 -41.31
C GLU A 297 15.51 8.77 -41.44
N PHE A 298 14.64 8.89 -40.44
CA PHE A 298 13.42 8.10 -40.39
C PHE A 298 12.40 8.61 -41.42
N SER A 299 11.54 7.69 -41.86
CA SER A 299 10.54 8.04 -42.86
C SER A 299 9.43 7.00 -42.87
N MET A 300 8.21 7.47 -43.14
CA MET A 300 7.05 6.63 -43.39
C MET A 300 6.37 6.94 -44.71
N GLU A 301 6.33 8.21 -45.10
CA GLU A 301 5.70 8.60 -46.36
C GLU A 301 6.71 8.51 -47.50
N SER A 302 6.28 8.94 -48.68
CA SER A 302 7.15 8.87 -49.85
C SER A 302 8.27 9.89 -49.79
N SER A 303 8.03 11.06 -49.18
CA SER A 303 9.03 12.11 -49.11
C SER A 303 9.16 12.74 -47.73
N ASN A 304 8.37 12.30 -46.75
CA ASN A 304 8.42 12.86 -45.40
C ASN A 304 9.52 12.17 -44.62
N TYR A 305 10.76 12.55 -44.90
CA TYR A 305 11.92 12.05 -44.18
C TYR A 305 12.17 12.92 -42.95
N TYR A 306 12.43 12.27 -41.83
CA TYR A 306 12.55 12.94 -40.54
C TYR A 306 13.92 12.65 -39.94
N ALA A 307 14.52 13.67 -39.33
CA ALA A 307 15.80 13.49 -38.68
C ALA A 307 15.60 13.01 -37.24
N GLU A 308 16.38 12.01 -36.85
CA GLU A 308 16.30 11.43 -35.52
C GLU A 308 17.70 11.30 -34.95
N MET A 309 17.84 11.56 -33.65
CA MET A 309 19.09 11.35 -32.92
C MET A 309 18.77 10.47 -31.71
N LYS A 310 19.18 9.21 -31.77
CA LYS A 310 18.85 8.23 -30.75
C LYS A 310 19.98 8.13 -29.74
N PHE A 311 19.67 8.38 -28.48
CA PHE A 311 20.62 8.22 -27.38
C PHE A 311 20.24 6.95 -26.62
N TYR A 312 21.14 5.98 -26.63
CA TYR A 312 20.89 4.70 -25.97
C TYR A 312 21.44 4.78 -24.55
N VAL A 313 20.54 4.99 -23.59
CA VAL A 313 20.91 5.09 -22.18
C VAL A 313 21.02 3.68 -21.63
N VAL A 314 22.26 3.23 -21.38
CA VAL A 314 22.53 1.90 -20.85
C VAL A 314 22.73 2.04 -19.35
N ILE A 315 21.92 1.33 -18.57
CA ILE A 315 21.97 1.39 -17.11
C ILE A 315 22.03 -0.03 -16.58
N ARG A 316 22.86 -0.24 -15.56
CA ARG A 316 23.05 -1.54 -14.93
C ARG A 316 22.60 -1.46 -13.48
N ARG A 317 21.79 -2.43 -13.07
CA ARG A 317 21.28 -2.45 -11.70
C ARG A 317 22.36 -2.93 -10.73
N ARG A 318 22.29 -2.43 -9.50
CA ARG A 318 23.18 -2.89 -8.44
C ARG A 318 22.48 -4.02 -7.69
N PRO A 319 23.00 -5.25 -7.76
CA PRO A 319 22.24 -6.40 -7.24
C PRO A 319 22.46 -6.74 -5.76
N LEU A 320 23.41 -6.08 -5.08
CA LEU A 320 23.76 -6.50 -3.73
C LEU A 320 22.55 -6.42 -2.80
N PHE A 321 21.78 -5.33 -2.89
CA PHE A 321 20.61 -5.19 -2.02
C PHE A 321 19.62 -6.33 -2.26
N TYR A 322 19.25 -6.56 -3.52
CA TYR A 322 18.32 -7.64 -3.83
C TYR A 322 18.93 -8.99 -3.51
N VAL A 323 20.22 -9.18 -3.81
CA VAL A 323 20.87 -10.44 -3.51
C VAL A 323 20.72 -10.77 -2.03
N VAL A 324 21.03 -9.80 -1.16
CA VAL A 324 20.90 -10.04 0.27
C VAL A 324 19.45 -10.30 0.63
N SER A 325 18.56 -9.36 0.29
CA SER A 325 17.18 -9.44 0.74
C SER A 325 16.48 -10.71 0.26
N LEU A 326 16.98 -11.35 -0.80
CA LEU A 326 16.40 -12.58 -1.29
C LEU A 326 17.10 -13.82 -0.78
N LEU A 327 18.43 -13.85 -0.77
CA LEU A 327 19.15 -15.04 -0.35
C LEU A 327 19.04 -15.26 1.15
N LEU A 328 19.27 -14.20 1.94
CA LEU A 328 19.39 -14.40 3.39
C LEU A 328 18.20 -15.12 4.00
N PRO A 329 16.95 -14.73 3.73
CA PRO A 329 15.83 -15.55 4.23
C PRO A 329 15.85 -16.97 3.68
N SER A 330 16.22 -17.12 2.40
CA SER A 330 16.24 -18.45 1.80
C SER A 330 17.27 -19.35 2.46
N ILE A 331 18.49 -18.86 2.65
CA ILE A 331 19.51 -19.68 3.30
C ILE A 331 19.14 -19.92 4.75
N PHE A 332 18.54 -18.94 5.43
CA PHE A 332 18.12 -19.15 6.81
C PHE A 332 17.10 -20.29 6.89
N LEU A 333 16.10 -20.26 6.02
CA LEU A 333 15.07 -21.32 6.05
C LEU A 333 15.66 -22.66 5.65
N MET A 334 16.58 -22.69 4.69
CA MET A 334 17.20 -23.95 4.31
C MET A 334 18.02 -24.52 5.47
N VAL A 335 18.75 -23.67 6.18
CA VAL A 335 19.52 -24.12 7.34
C VAL A 335 18.57 -24.67 8.40
N MET A 336 17.46 -23.98 8.63
CA MET A 336 16.48 -24.48 9.60
C MET A 336 15.95 -25.84 9.19
N ASP A 337 15.71 -26.02 7.88
CA ASP A 337 15.28 -27.32 7.37
C ASP A 337 16.33 -28.39 7.65
N ILE A 338 17.60 -28.05 7.44
CA ILE A 338 18.68 -29.01 7.72
C ILE A 338 18.68 -29.39 9.19
N VAL A 339 18.50 -28.41 10.08
CA VAL A 339 18.49 -28.68 11.51
C VAL A 339 17.31 -29.56 11.89
N GLY A 340 16.17 -29.39 11.21
CA GLY A 340 14.99 -30.14 11.56
C GLY A 340 15.14 -31.64 11.41
N PHE A 341 16.10 -32.09 10.60
CA PHE A 341 16.31 -33.52 10.43
C PHE A 341 16.74 -34.20 11.72
N TYR A 342 17.40 -33.45 12.61
CA TYR A 342 17.90 -34.05 13.84
C TYR A 342 16.78 -34.41 14.82
N LEU A 343 15.58 -33.89 14.62
CA LEU A 343 14.47 -34.24 15.49
C LEU A 343 14.12 -35.72 15.31
N PRO A 344 14.00 -36.50 16.38
CA PRO A 344 13.66 -37.91 16.24
C PRO A 344 12.27 -38.06 15.62
N PRO A 345 12.08 -39.04 14.73
CA PRO A 345 10.76 -39.21 14.11
C PRO A 345 9.67 -39.56 15.10
N ASN A 346 10.01 -40.18 16.23
CA ASN A 346 8.98 -40.60 17.17
C ASN A 346 8.36 -39.44 17.90
N SER A 347 9.09 -38.33 18.05
CA SER A 347 8.58 -37.20 18.82
C SER A 347 7.30 -36.64 18.22
N GLY A 348 7.12 -36.77 16.91
CA GLY A 348 5.97 -36.22 16.23
C GLY A 348 6.08 -34.74 15.90
N GLU A 349 6.93 -34.00 16.62
CA GLU A 349 7.12 -32.59 16.33
C GLU A 349 7.85 -32.35 15.02
N ARG A 350 8.45 -33.38 14.43
CA ARG A 350 9.18 -33.19 13.18
C ARG A 350 8.25 -32.75 12.05
N VAL A 351 7.08 -33.39 11.94
CA VAL A 351 6.14 -33.04 10.88
C VAL A 351 5.62 -31.63 11.08
N SER A 352 5.27 -31.26 12.31
CA SER A 352 4.81 -29.90 12.58
C SER A 352 5.90 -28.89 12.25
N PHE A 353 7.14 -29.19 12.63
CA PHE A 353 8.26 -28.31 12.31
C PHE A 353 8.38 -28.11 10.80
N LYS A 354 8.37 -29.21 10.05
CA LYS A 354 8.55 -29.11 8.61
C LYS A 354 7.41 -28.35 7.95
N ILE A 355 6.17 -28.63 8.36
CA ILE A 355 5.04 -27.97 7.72
C ILE A 355 5.00 -26.49 8.08
N THR A 356 5.37 -26.15 9.32
CA THR A 356 5.45 -24.73 9.69
C THR A 356 6.54 -24.03 8.90
N LEU A 357 7.68 -24.68 8.71
CA LEU A 357 8.75 -24.09 7.91
C LEU A 357 8.29 -23.88 6.47
N LEU A 358 7.57 -24.85 5.91
CA LEU A 358 7.08 -24.70 4.54
C LEU A 358 6.07 -23.57 4.45
N LEU A 359 5.19 -23.43 5.44
CA LEU A 359 4.25 -22.33 5.45
C LEU A 359 4.97 -20.99 5.52
N GLY A 360 5.99 -20.89 6.37
CA GLY A 360 6.76 -19.66 6.43
C GLY A 360 7.44 -19.34 5.12
N TYR A 361 8.01 -20.35 4.46
CA TYR A 361 8.66 -20.13 3.17
C TYR A 361 7.64 -19.70 2.13
N SER A 362 6.44 -20.28 2.14
CA SER A 362 5.41 -19.89 1.19
C SER A 362 5.00 -18.44 1.41
N VAL A 363 4.84 -18.03 2.67
CA VAL A 363 4.50 -16.63 2.96
C VAL A 363 5.62 -15.71 2.48
N PHE A 364 6.86 -16.08 2.74
CA PHE A 364 7.99 -15.28 2.30
C PHE A 364 8.01 -15.16 0.78
N LEU A 365 7.75 -16.26 0.08
CA LEU A 365 7.77 -16.23 -1.38
C LEU A 365 6.63 -15.38 -1.93
N ILE A 366 5.46 -15.47 -1.31
CA ILE A 366 4.34 -14.63 -1.73
C ILE A 366 4.67 -13.16 -1.56
N ILE A 367 5.27 -12.80 -0.42
CA ILE A 367 5.66 -11.41 -0.19
C ILE A 367 6.71 -10.98 -1.22
N VAL A 368 7.68 -11.84 -1.49
CA VAL A 368 8.74 -11.53 -2.46
C VAL A 368 8.13 -11.28 -3.83
N SER A 369 7.22 -12.15 -4.25
CA SER A 369 6.56 -11.96 -5.55
C SER A 369 5.77 -10.67 -5.58
N ASP A 370 5.07 -10.35 -4.49
CA ASP A 370 4.32 -9.11 -4.43
C ASP A 370 5.23 -7.88 -4.44
N THR A 371 6.49 -8.03 -4.02
CA THR A 371 7.42 -6.91 -3.95
C THR A 371 8.37 -6.83 -5.14
N LEU A 372 8.78 -7.96 -5.70
CA LEU A 372 9.75 -7.93 -6.78
C LEU A 372 9.09 -7.49 -8.09
N PRO A 373 9.86 -6.87 -8.98
CA PRO A 373 9.31 -6.51 -10.30
C PRO A 373 9.10 -7.74 -11.17
N ALA A 374 8.16 -7.62 -12.10
CA ALA A 374 7.87 -8.70 -13.03
C ALA A 374 7.30 -8.11 -14.31
N THR A 375 7.42 -8.87 -15.40
CA THR A 375 6.91 -8.47 -16.70
C THR A 375 6.02 -9.57 -17.26
N ALA A 376 4.94 -9.18 -17.93
CA ALA A 376 4.00 -10.15 -18.48
C ALA A 376 4.57 -10.89 -19.67
N ILE A 377 5.65 -10.39 -20.28
CA ILE A 377 6.23 -11.06 -21.44
C ILE A 377 7.16 -12.19 -21.06
N GLY A 378 7.76 -12.14 -19.86
CA GLY A 378 8.67 -13.19 -19.43
C GLY A 378 9.04 -13.06 -17.97
N THR A 379 9.18 -14.22 -17.28
CA THR A 379 9.53 -14.21 -15.87
C THR A 379 11.04 -14.19 -15.70
N PRO A 380 11.53 -13.63 -14.59
CA PRO A 380 12.98 -13.62 -14.36
C PRO A 380 13.51 -15.01 -14.05
N LEU A 381 14.81 -15.19 -14.34
CA LEU A 381 15.45 -16.47 -14.06
C LEU A 381 15.57 -16.74 -12.57
N ILE A 382 15.52 -15.70 -11.73
CA ILE A 382 15.62 -15.90 -10.29
C ILE A 382 14.47 -16.71 -9.75
N GLY A 383 13.32 -16.68 -10.43
CA GLY A 383 12.17 -17.46 -9.98
C GLY A 383 12.39 -18.96 -10.03
N VAL A 384 13.32 -19.42 -10.88
CA VAL A 384 13.62 -20.84 -10.94
C VAL A 384 14.27 -21.30 -9.64
N TYR A 385 15.14 -20.47 -9.06
CA TYR A 385 15.84 -20.87 -7.84
C TYR A 385 14.86 -20.97 -6.67
N PHE A 386 13.88 -20.08 -6.62
CA PHE A 386 12.85 -20.19 -5.59
C PHE A 386 12.06 -21.49 -5.75
N VAL A 387 11.75 -21.87 -6.99
CA VAL A 387 11.05 -23.13 -7.22
C VAL A 387 11.92 -24.30 -6.79
N VAL A 388 13.23 -24.21 -7.04
CA VAL A 388 14.13 -25.27 -6.63
C VAL A 388 14.16 -25.39 -5.11
N CYS A 389 14.21 -24.26 -4.41
CA CYS A 389 14.19 -24.29 -2.94
C CYS A 389 12.89 -24.89 -2.42
N MET A 390 11.77 -24.50 -3.03
CA MET A 390 10.48 -25.09 -2.63
C MET A 390 10.47 -26.59 -2.88
N ALA A 391 11.03 -27.04 -4.00
CA ALA A 391 11.10 -28.46 -4.27
C ALA A 391 11.96 -29.17 -3.24
N LEU A 392 13.08 -28.56 -2.84
CA LEU A 392 13.92 -29.15 -1.80
C LEU A 392 13.16 -29.28 -0.49
N LEU A 393 12.42 -28.23 -0.11
CA LEU A 393 11.65 -28.30 1.13
C LEU A 393 10.56 -29.38 1.04
N VAL A 394 9.90 -29.49 -0.11
CA VAL A 394 8.88 -30.51 -0.28
C VAL A 394 9.49 -31.90 -0.20
N ILE A 395 10.68 -32.07 -0.78
CA ILE A 395 11.37 -33.36 -0.70
C ILE A 395 11.72 -33.68 0.75
N SER A 396 12.18 -32.69 1.50
CA SER A 396 12.48 -32.91 2.91
C SER A 396 11.24 -33.33 3.68
N LEU A 397 10.12 -32.66 3.44
CA LEU A 397 8.88 -33.02 4.14
C LEU A 397 8.40 -34.39 3.73
N ALA A 398 8.54 -34.75 2.45
CA ALA A 398 8.14 -36.07 2.00
C ALA A 398 9.00 -37.15 2.64
N GLU A 399 10.31 -36.90 2.76
CA GLU A 399 11.18 -37.85 3.45
C GLU A 399 10.78 -37.98 4.92
N THR A 400 10.47 -36.86 5.57
CA THR A 400 10.03 -36.92 6.96
C THR A 400 8.76 -37.73 7.10
N ILE A 401 7.80 -37.53 6.19
CA ILE A 401 6.55 -38.28 6.25
C ILE A 401 6.80 -39.76 6.01
N PHE A 402 7.68 -40.08 5.06
CA PHE A 402 8.00 -41.48 4.79
C PHE A 402 8.62 -42.15 6.00
N ILE A 403 9.56 -41.45 6.66
CA ILE A 403 10.18 -42.02 7.86
C ILE A 403 9.15 -42.18 8.97
N VAL A 404 8.26 -41.21 9.13
CA VAL A 404 7.23 -41.29 10.16
C VAL A 404 6.33 -42.49 9.91
N ARG A 405 5.91 -42.68 8.66
CA ARG A 405 5.08 -43.82 8.32
C ARG A 405 5.82 -45.13 8.56
N LEU A 406 7.09 -45.19 8.20
CA LEU A 406 7.87 -46.40 8.39
C LEU A 406 8.01 -46.73 9.88
N VAL A 407 8.22 -45.71 10.71
CA VAL A 407 8.30 -45.94 12.14
C VAL A 407 6.96 -46.39 12.70
N HIS A 408 5.87 -45.73 12.29
CA HIS A 408 4.55 -46.09 12.78
C HIS A 408 4.09 -47.44 12.26
N LYS A 409 4.75 -47.98 11.23
CA LYS A 409 4.44 -49.34 10.78
C LYS A 409 4.52 -50.35 11.93
N GLN A 410 5.16 -49.98 13.04
CA GLN A 410 5.07 -50.81 14.24
C GLN A 410 3.62 -51.05 14.63
N ASP A 411 2.75 -50.09 14.34
CA ASP A 411 1.32 -50.27 14.58
C ASP A 411 0.68 -51.24 13.60
N LEU A 412 1.42 -51.70 12.58
CA LEU A 412 0.92 -52.72 11.66
C LEU A 412 1.13 -54.13 12.19
N GLN A 413 1.96 -54.32 13.22
CA GLN A 413 2.22 -55.64 13.79
C GLN A 413 2.73 -56.60 12.73
N GLN A 414 3.55 -56.07 11.81
CA GLN A 414 4.11 -56.81 10.70
C GLN A 414 5.62 -56.94 10.89
N PRO A 415 6.18 -58.13 11.08
CA PRO A 415 7.64 -58.23 11.22
C PRO A 415 8.36 -57.69 9.99
N VAL A 416 9.54 -57.11 10.23
CA VAL A 416 10.30 -56.49 9.15
C VAL A 416 10.68 -57.55 8.13
N PRO A 417 10.46 -57.33 6.83
CA PRO A 417 10.89 -58.32 5.83
C PRO A 417 12.39 -58.57 5.91
N ALA A 418 12.78 -59.81 5.60
CA ALA A 418 14.19 -60.19 5.68
C ALA A 418 15.03 -59.39 4.71
N TRP A 419 14.54 -59.19 3.48
CA TRP A 419 15.31 -58.45 2.48
C TRP A 419 15.57 -57.01 2.93
N LEU A 420 14.53 -56.35 3.46
CA LEU A 420 14.71 -55.01 3.98
C LEU A 420 15.68 -54.99 5.15
N ARG A 421 15.57 -55.99 6.04
CA ARG A 421 16.50 -56.11 7.15
C ARG A 421 17.94 -56.14 6.65
N HIS A 422 18.22 -57.05 5.72
CA HIS A 422 19.57 -57.13 5.17
C HIS A 422 19.99 -55.80 4.57
N LEU A 423 19.17 -55.26 3.66
CA LEU A 423 19.55 -54.07 2.92
C LEU A 423 19.88 -52.91 3.86
N VAL A 424 19.09 -52.73 4.91
CA VAL A 424 19.23 -51.56 5.77
C VAL A 424 20.28 -51.78 6.85
N LEU A 425 20.18 -52.89 7.60
CA LEU A 425 21.03 -53.09 8.75
C LEU A 425 22.40 -53.69 8.41
N GLU A 426 22.63 -54.13 7.17
CA GLU A 426 23.91 -54.72 6.81
C GLU A 426 24.65 -53.91 5.77
N ARG A 427 24.01 -53.61 4.62
CA ARG A 427 24.66 -52.84 3.57
C ARG A 427 24.70 -51.36 3.93
N ILE A 428 23.52 -50.76 4.11
CA ILE A 428 23.45 -49.32 4.36
C ILE A 428 24.09 -48.98 5.70
N ALA A 429 23.84 -49.79 6.74
CA ALA A 429 24.43 -49.52 8.04
C ALA A 429 25.96 -49.56 7.96
N TRP A 430 26.50 -50.54 7.24
CA TRP A 430 27.95 -50.59 7.04
C TRP A 430 28.43 -49.36 6.28
N LEU A 431 27.68 -48.93 5.27
CA LEU A 431 28.06 -47.74 4.52
C LEU A 431 28.10 -46.52 5.42
N LEU A 432 27.12 -46.39 6.32
CA LEU A 432 27.05 -45.26 7.24
C LEU A 432 27.96 -45.40 8.45
N CYS A 433 28.83 -46.41 8.47
CA CYS A 433 29.78 -46.60 9.56
C CYS A 433 29.07 -46.76 10.90
N LEU A 434 27.94 -47.47 10.89
CA LEU A 434 27.19 -47.75 12.11
C LEU A 434 27.57 -49.12 12.66
N ALA A 488 -3.35 -82.80 45.53
CA ALA A 488 -3.52 -81.44 45.04
C ALA A 488 -2.75 -81.23 43.74
N SER A 489 -2.38 -82.32 43.08
CA SER A 489 -1.62 -82.22 41.84
C SER A 489 -2.44 -81.58 40.73
N LEU A 490 -3.74 -81.88 40.67
CA LEU A 490 -4.58 -81.31 39.62
C LEU A 490 -4.69 -79.80 39.74
N ALA A 491 -4.84 -79.29 40.97
CA ALA A 491 -4.88 -77.85 41.15
C ALA A 491 -3.56 -77.22 40.74
N VAL A 492 -2.44 -77.88 41.04
CA VAL A 492 -1.14 -77.34 40.68
C VAL A 492 -0.96 -77.33 39.17
N CYS A 493 -1.47 -78.36 38.47
CA CYS A 493 -1.37 -78.38 37.02
C CYS A 493 -2.28 -77.32 36.39
N GLY A 494 -3.43 -77.05 37.01
CA GLY A 494 -4.23 -75.93 36.56
C GLY A 494 -3.51 -74.60 36.73
N LEU A 495 -2.86 -74.42 37.88
CA LEU A 495 -2.01 -73.24 38.08
C LEU A 495 -0.96 -73.14 36.97
N LEU A 496 -0.34 -74.27 36.63
CA LEU A 496 0.68 -74.28 35.59
C LEU A 496 0.10 -73.84 34.25
N GLN A 497 -1.05 -74.41 33.89
CA GLN A 497 -1.68 -74.08 32.61
C GLN A 497 -1.99 -72.59 32.54
N GLU A 498 -2.54 -72.03 33.61
CA GLU A 498 -2.88 -70.61 33.56
C GLU A 498 -1.63 -69.74 33.55
N LEU A 499 -0.64 -70.08 34.37
CA LEU A 499 0.54 -69.23 34.42
C LEU A 499 1.27 -69.29 33.09
N SER A 500 1.05 -70.38 32.32
CA SER A 500 1.51 -70.42 30.94
C SER A 500 0.63 -69.57 30.02
N SER A 501 -0.66 -69.41 30.34
CA SER A 501 -1.44 -68.41 29.60
C SER A 501 -0.87 -67.00 29.81
N ILE A 502 -0.49 -66.71 31.05
CA ILE A 502 0.24 -65.47 31.33
C ILE A 502 1.54 -65.43 30.52
N ARG A 503 2.24 -66.57 30.45
CA ARG A 503 3.43 -66.65 29.62
C ARG A 503 3.12 -66.17 28.22
N GLN A 504 2.05 -66.71 27.63
CA GLN A 504 1.75 -66.43 26.22
C GLN A 504 1.37 -64.98 26.01
N PHE A 505 0.64 -64.38 26.95
CA PHE A 505 0.27 -62.98 26.80
C PHE A 505 1.49 -62.06 26.89
N LEU A 506 2.36 -62.29 27.88
CA LEU A 506 3.56 -61.48 27.96
C LEU A 506 4.49 -61.74 26.78
N GLU A 507 4.52 -62.98 26.29
CA GLU A 507 5.24 -63.29 25.05
C GLU A 507 4.77 -62.40 23.92
N LYS A 508 3.44 -62.32 23.74
CA LYS A 508 2.91 -61.53 22.64
C LYS A 508 3.23 -60.05 22.81
N ARG A 509 3.08 -59.53 24.03
CA ARG A 509 3.40 -58.11 24.24
C ARG A 509 4.87 -57.82 23.94
N ASP A 510 5.77 -58.67 24.42
CA ASP A 510 7.19 -58.47 24.18
C ASP A 510 7.52 -58.61 22.70
N GLU A 511 6.87 -59.54 22.01
CA GLU A 511 7.11 -59.69 20.57
C GLU A 511 6.66 -58.46 19.80
N ILE A 512 5.52 -57.88 20.19
CA ILE A 512 5.07 -56.64 19.58
C ILE A 512 6.09 -55.54 19.82
N ARG A 513 6.61 -55.46 21.05
CA ARG A 513 7.61 -54.45 21.36
C ARG A 513 8.86 -54.64 20.50
N GLU A 514 9.28 -55.89 20.30
CA GLU A 514 10.48 -56.14 19.50
C GLU A 514 10.24 -55.83 18.02
N VAL A 515 9.04 -56.09 17.52
CA VAL A 515 8.72 -55.72 16.14
C VAL A 515 8.82 -54.20 15.99
N ALA A 516 8.26 -53.46 16.95
CA ALA A 516 8.41 -52.01 16.93
C ALA A 516 9.88 -51.62 16.99
N ARG A 517 10.67 -52.37 17.77
CA ARG A 517 12.10 -52.12 17.86
C ARG A 517 12.76 -52.22 16.48
N ASP A 518 12.48 -53.30 15.77
CA ASP A 518 13.09 -53.51 14.46
C ASP A 518 12.67 -52.41 13.49
N TRP A 519 11.37 -52.07 13.49
CA TRP A 519 10.90 -51.04 12.58
C TRP A 519 11.57 -49.69 12.89
N LEU A 520 11.71 -49.37 14.18
CA LEU A 520 12.35 -48.12 14.55
C LEU A 520 13.81 -48.09 14.14
N ARG A 521 14.52 -49.20 14.32
CA ARG A 521 15.93 -49.22 13.93
C ARG A 521 16.07 -49.01 12.43
N VAL A 522 15.24 -49.70 11.64
CA VAL A 522 15.28 -49.53 10.20
C VAL A 522 14.98 -48.08 9.82
N GLY A 523 13.95 -47.50 10.43
CA GLY A 523 13.59 -46.13 10.14
C GLY A 523 14.71 -45.16 10.47
N SER A 524 15.37 -45.36 11.60
CA SER A 524 16.48 -44.47 11.98
C SER A 524 17.62 -44.57 10.97
N VAL A 525 17.97 -45.80 10.56
CA VAL A 525 19.06 -45.95 9.60
C VAL A 525 18.72 -45.26 8.28
N LEU A 526 17.49 -45.49 7.79
CA LEU A 526 17.11 -44.86 6.54
C LEU A 526 17.03 -43.35 6.68
N ASP A 527 16.62 -42.85 7.84
CA ASP A 527 16.60 -41.41 8.07
C ASP A 527 18.00 -40.82 8.00
N LYS A 528 18.98 -41.50 8.60
CA LYS A 528 20.36 -41.03 8.52
C LYS A 528 20.82 -41.00 7.06
N LEU A 529 20.53 -42.08 6.32
CA LEU A 529 20.95 -42.12 4.92
C LEU A 529 20.34 -40.97 4.13
N LEU A 530 19.02 -40.78 4.24
CA LEU A 530 18.36 -39.75 3.46
C LEU A 530 18.78 -38.35 3.90
N PHE A 531 19.08 -38.17 5.19
CA PHE A 531 19.61 -36.89 5.63
C PHE A 531 20.96 -36.60 4.98
N HIS A 532 21.84 -37.59 4.93
CA HIS A 532 23.12 -37.39 4.27
C HIS A 532 22.92 -37.04 2.80
N ILE A 533 22.03 -37.76 2.11
CA ILE A 533 21.81 -37.51 0.69
C ILE A 533 21.27 -36.10 0.48
N TYR A 534 20.28 -35.70 1.28
CA TYR A 534 19.68 -34.39 1.14
C TYR A 534 20.69 -33.29 1.43
N LEU A 535 21.52 -33.48 2.45
CA LEU A 535 22.55 -32.50 2.77
C LEU A 535 23.53 -32.35 1.62
N LEU A 536 23.95 -33.47 1.02
CA LEU A 536 24.86 -33.39 -0.11
C LEU A 536 24.21 -32.67 -1.28
N ALA A 537 22.94 -32.95 -1.56
CA ALA A 537 22.25 -32.27 -2.66
C ALA A 537 22.16 -30.77 -2.40
N VAL A 538 21.83 -30.39 -1.16
CA VAL A 538 21.74 -28.97 -0.83
C VAL A 538 23.09 -28.31 -0.99
N LEU A 539 24.16 -28.97 -0.53
CA LEU A 539 25.50 -28.41 -0.68
C LEU A 539 25.86 -28.23 -2.15
N ALA A 540 25.52 -29.21 -2.98
CA ALA A 540 25.81 -29.10 -4.41
C ALA A 540 25.04 -27.93 -5.04
N TYR A 541 23.77 -27.78 -4.68
CA TYR A 541 22.98 -26.68 -5.21
C TYR A 541 23.56 -25.34 -4.78
N SER A 542 23.94 -25.22 -3.51
CA SER A 542 24.52 -23.97 -3.03
C SER A 542 25.83 -23.67 -3.74
N ILE A 543 26.66 -24.68 -3.97
CA ILE A 543 27.92 -24.47 -4.66
C ILE A 543 27.67 -24.03 -6.10
N THR A 544 26.69 -24.64 -6.76
CA THR A 544 26.36 -24.23 -8.13
C THR A 544 25.89 -22.79 -8.17
N LEU A 545 25.04 -22.39 -7.21
CA LEU A 545 24.58 -21.01 -7.16
C LEU A 545 25.74 -20.06 -6.91
N VAL A 546 26.66 -20.43 -6.02
CA VAL A 546 27.81 -19.58 -5.74
C VAL A 546 28.69 -19.44 -6.97
N MET A 547 28.83 -20.53 -7.73
CA MET A 547 29.64 -20.48 -8.95
C MET A 547 28.98 -19.57 -9.99
N LEU A 548 27.65 -19.65 -10.12
CA LEU A 548 26.94 -18.74 -11.01
C LEU A 548 27.15 -17.29 -10.60
N TRP A 549 27.05 -17.01 -9.29
CA TRP A 549 27.28 -15.65 -8.80
C TRP A 549 28.70 -15.20 -9.09
N SER A 550 29.68 -16.08 -8.90
CA SER A 550 31.07 -15.73 -9.20
C SER A 550 31.26 -15.42 -10.68
N ILE A 551 30.60 -16.20 -11.54
CA ILE A 551 30.67 -15.94 -12.98
C ILE A 551 30.10 -14.56 -13.28
N TRP A 552 28.92 -14.25 -12.72
CA TRP A 552 28.33 -12.94 -12.93
C TRP A 552 29.16 -11.81 -12.31
N GLN A 553 29.99 -12.11 -11.32
CA GLN A 553 30.76 -11.10 -10.61
C GLN A 553 32.08 -10.79 -11.32
N TYR A 554 32.82 -11.82 -11.73
CA TYR A 554 34.17 -11.63 -12.24
C TYR A 554 34.27 -11.69 -13.76
N ALA A 555 33.29 -12.27 -14.44
CA ALA A 555 33.34 -12.36 -15.90
C ALA A 555 33.13 -10.99 -16.53
N THR B 106 2.38 68.04 -8.72
CA THR B 106 1.76 67.41 -9.92
C THR B 106 0.41 66.81 -9.56
N THR B 107 -0.54 66.89 -10.50
CA THR B 107 -1.90 66.43 -10.22
C THR B 107 -1.93 64.93 -9.97
N ARG B 108 -1.18 64.15 -10.74
CA ARG B 108 -1.26 62.70 -10.64
C ARG B 108 -0.67 62.23 -9.30
N PRO B 109 -1.13 61.08 -8.80
CA PRO B 109 -0.54 60.53 -7.58
C PRO B 109 0.94 60.23 -7.78
N ALA B 110 1.70 60.37 -6.70
CA ALA B 110 3.15 60.19 -6.79
C ALA B 110 3.51 58.77 -7.21
N LEU B 111 2.86 57.76 -6.63
CA LEU B 111 3.19 56.38 -6.98
C LEU B 111 2.87 56.10 -8.45
N LEU B 112 1.71 56.56 -8.92
CA LEU B 112 1.34 56.33 -10.32
C LEU B 112 2.32 57.01 -11.26
N ARG B 113 2.68 58.26 -10.95
CA ARG B 113 3.62 58.99 -11.79
C ARG B 113 4.99 58.31 -11.82
N LEU B 114 5.45 57.85 -10.65
CA LEU B 114 6.74 57.18 -10.61
C LEU B 114 6.72 55.87 -11.39
N SER B 115 5.65 55.08 -11.25
CA SER B 115 5.55 53.85 -11.99
C SER B 115 5.53 54.10 -13.49
N ASP B 116 4.79 55.13 -13.92
CA ASP B 116 4.79 55.48 -15.34
C ASP B 116 6.18 55.91 -15.80
N TYR B 117 6.87 56.70 -14.99
CA TYR B 117 8.21 57.16 -15.35
C TYR B 117 9.19 56.01 -15.46
N LEU B 118 9.01 54.97 -14.64
CA LEU B 118 9.96 53.87 -14.63
C LEU B 118 9.67 52.84 -15.72
N LEU B 119 8.43 52.35 -15.79
CA LEU B 119 8.12 51.16 -16.57
C LEU B 119 7.65 51.46 -17.99
N THR B 120 7.54 52.73 -18.38
CA THR B 120 7.06 53.03 -19.73
C THR B 120 8.12 52.77 -20.78
N ASN B 121 9.40 52.89 -20.42
CA ASN B 121 10.50 52.66 -21.35
C ASN B 121 11.35 51.46 -20.95
N TYR B 122 10.93 50.68 -19.97
CA TYR B 122 11.72 49.57 -19.48
C TYR B 122 11.54 48.34 -20.36
N ARG B 123 12.65 47.66 -20.63
CA ARG B 123 12.64 46.41 -21.39
C ARG B 123 12.85 45.25 -20.42
N LYS B 124 11.92 44.30 -20.44
CA LYS B 124 11.94 43.20 -19.48
C LYS B 124 13.03 42.19 -19.78
N GLY B 125 13.40 42.03 -21.06
CA GLY B 125 14.33 41.02 -21.47
C GLY B 125 15.76 41.46 -21.62
N VAL B 126 16.14 42.60 -21.03
CA VAL B 126 17.49 43.13 -21.12
C VAL B 126 18.10 43.16 -19.72
N ARG B 127 19.30 42.62 -19.60
CA ARG B 127 19.98 42.62 -18.32
C ARG B 127 20.26 44.06 -17.88
N PRO B 128 19.92 44.43 -16.64
CA PRO B 128 19.99 45.86 -16.24
C PRO B 128 21.40 46.33 -15.86
N VAL B 129 22.19 46.62 -16.89
CA VAL B 129 23.51 47.20 -16.72
C VAL B 129 23.75 48.17 -17.87
N ARG B 130 24.15 49.40 -17.54
CA ARG B 130 24.48 50.36 -18.59
C ARG B 130 25.69 49.90 -19.37
N ASP B 131 26.70 49.37 -18.68
CA ASP B 131 27.88 48.80 -19.32
C ASP B 131 27.77 47.28 -19.28
N TRP B 132 27.73 46.65 -20.46
CA TRP B 132 27.54 45.21 -20.52
C TRP B 132 28.71 44.44 -19.92
N ARG B 133 29.86 45.08 -19.74
CA ARG B 133 31.00 44.41 -19.14
C ARG B 133 30.87 44.26 -17.64
N LYS B 134 29.94 44.98 -17.02
CA LYS B 134 29.74 44.90 -15.57
C LYS B 134 28.79 43.76 -15.24
N PRO B 135 29.20 42.77 -14.47
CA PRO B 135 28.27 41.69 -14.11
C PRO B 135 27.23 42.14 -13.12
N THR B 136 26.10 41.44 -13.13
CA THR B 136 24.99 41.70 -12.21
C THR B 136 25.17 40.79 -11.00
N THR B 137 25.40 41.39 -9.83
CA THR B 137 25.65 40.64 -8.61
C THR B 137 24.33 40.41 -7.89
N VAL B 138 24.00 39.14 -7.64
CA VAL B 138 22.77 38.75 -6.99
C VAL B 138 23.14 38.22 -5.60
N SER B 139 22.73 38.96 -4.57
CA SER B 139 22.97 38.56 -3.18
C SER B 139 21.76 37.77 -2.69
N ILE B 140 21.96 36.50 -2.37
CA ILE B 140 20.87 35.61 -2.02
C ILE B 140 20.94 35.27 -0.54
N ASP B 141 19.82 34.75 -0.03
CA ASP B 141 19.74 34.27 1.34
C ASP B 141 18.76 33.10 1.36
N VAL B 142 19.04 32.12 2.22
CA VAL B 142 18.23 30.91 2.31
C VAL B 142 17.88 30.68 3.78
N ILE B 143 16.61 30.44 4.04
CA ILE B 143 16.11 30.11 5.37
C ILE B 143 15.29 28.84 5.25
N VAL B 144 15.74 27.77 5.89
CA VAL B 144 15.06 26.48 5.81
C VAL B 144 13.86 26.49 6.75
N TYR B 145 12.70 26.14 6.21
CA TYR B 145 11.46 26.13 6.98
C TYR B 145 11.08 24.74 7.47
N ALA B 146 11.13 23.74 6.60
CA ALA B 146 10.72 22.40 6.97
C ALA B 146 11.36 21.39 6.03
N ILE B 147 11.51 20.16 6.54
CA ILE B 147 11.97 19.02 5.74
C ILE B 147 10.74 18.20 5.43
N LEU B 148 10.12 18.45 4.27
CA LEU B 148 8.85 17.81 3.96
C LEU B 148 8.98 16.30 3.82
N ASN B 149 10.03 15.83 3.16
CA ASN B 149 10.19 14.41 2.91
C ASN B 149 11.64 14.11 2.58
N VAL B 150 12.14 13.01 3.13
CA VAL B 150 13.46 12.49 2.81
C VAL B 150 13.25 11.07 2.29
N ASP B 151 13.56 10.86 1.01
CA ASP B 151 13.34 9.60 0.32
C ASP B 151 14.69 8.93 0.14
N GLU B 152 15.06 8.08 1.11
CA GLU B 152 16.34 7.38 1.02
C GLU B 152 16.35 6.38 -0.12
N LYS B 153 15.18 5.81 -0.45
CA LYS B 153 15.11 4.84 -1.55
C LYS B 153 15.49 5.50 -2.87
N ASN B 154 14.89 6.65 -3.17
CA ASN B 154 15.11 7.35 -4.42
C ASN B 154 16.21 8.40 -4.33
N GLN B 155 16.81 8.59 -3.16
CA GLN B 155 17.86 9.59 -2.97
C GLN B 155 17.35 10.98 -3.35
N VAL B 156 16.14 11.31 -2.88
CA VAL B 156 15.48 12.57 -3.18
C VAL B 156 15.13 13.25 -1.87
N LEU B 157 15.47 14.54 -1.77
CA LEU B 157 15.17 15.36 -0.60
C LEU B 157 14.17 16.44 -1.00
N THR B 158 13.11 16.59 -0.20
CA THR B 158 12.11 17.62 -0.41
C THR B 158 12.09 18.52 0.82
N THR B 159 12.35 19.81 0.60
CA THR B 159 12.40 20.78 1.69
C THR B 159 11.78 22.08 1.23
N TYR B 160 11.30 22.85 2.20
CA TYR B 160 10.68 24.15 1.96
C TYR B 160 11.57 25.24 2.55
N ILE B 161 11.93 26.22 1.72
CA ILE B 161 12.84 27.28 2.12
C ILE B 161 12.21 28.63 1.81
N TRP B 162 12.65 29.65 2.53
CA TRP B 162 12.24 31.03 2.28
C TRP B 162 13.41 31.73 1.59
N TYR B 163 13.41 31.66 0.26
CA TYR B 163 14.51 32.18 -0.53
C TYR B 163 14.25 33.65 -0.87
N ARG B 164 15.30 34.46 -0.72
CA ARG B 164 15.21 35.87 -1.05
C ARG B 164 16.53 36.33 -1.66
N GLN B 165 16.43 37.21 -2.66
CA GLN B 165 17.59 37.70 -3.38
C GLN B 165 17.36 39.17 -3.71
N TYR B 166 18.47 39.93 -3.76
CA TYR B 166 18.40 41.31 -4.22
C TYR B 166 19.55 41.60 -5.16
N TRP B 167 19.27 42.44 -6.15
CA TRP B 167 20.25 42.87 -7.13
C TRP B 167 20.00 44.34 -7.46
N THR B 168 20.90 44.91 -8.25
CA THR B 168 20.82 46.32 -8.63
C THR B 168 20.28 46.44 -10.04
N ASP B 169 19.22 47.22 -10.20
CA ASP B 169 18.61 47.50 -11.50
C ASP B 169 18.99 48.94 -11.88
N GLU B 170 19.97 49.06 -12.77
CA GLU B 170 20.48 50.38 -13.14
C GLU B 170 19.46 51.22 -13.90
N PHE B 171 18.44 50.58 -14.48
CA PHE B 171 17.42 51.32 -15.20
C PHE B 171 16.30 51.81 -14.30
N LEU B 172 16.06 51.13 -13.17
CA LEU B 172 15.00 51.52 -12.24
C LEU B 172 15.56 52.39 -11.13
N GLN B 173 16.03 53.58 -11.53
CA GLN B 173 16.58 54.57 -10.62
C GLN B 173 15.83 55.88 -10.80
N TRP B 174 15.62 56.59 -9.69
CA TRP B 174 14.88 57.84 -9.72
C TRP B 174 15.32 58.72 -8.57
N ASN B 175 14.99 60.01 -8.68
CA ASN B 175 15.30 60.97 -7.63
C ASN B 175 14.10 61.13 -6.72
N PRO B 176 14.19 60.79 -5.44
CA PRO B 176 13.00 60.86 -4.58
C PRO B 176 12.36 62.24 -4.53
N GLU B 177 13.17 63.31 -4.59
CA GLU B 177 12.63 64.66 -4.46
C GLU B 177 11.68 65.01 -5.59
N ASP B 178 11.79 64.34 -6.74
CA ASP B 178 10.92 64.60 -7.87
C ASP B 178 9.62 63.80 -7.82
N PHE B 179 9.46 62.90 -6.85
CA PHE B 179 8.30 62.03 -6.74
C PHE B 179 7.80 61.99 -5.30
N ASP B 180 7.65 63.16 -4.69
CA ASP B 180 7.11 63.29 -3.34
C ASP B 180 7.92 62.48 -2.33
N ASN B 181 9.24 62.50 -2.49
CA ASN B 181 10.15 61.87 -1.54
C ASN B 181 9.85 60.38 -1.37
N ILE B 182 9.58 59.70 -2.48
CA ILE B 182 9.39 58.25 -2.47
C ILE B 182 10.76 57.59 -2.59
N THR B 183 11.15 56.86 -1.55
CA THR B 183 12.42 56.16 -1.54
C THR B 183 12.29 54.65 -1.74
N LYS B 184 11.08 54.11 -1.63
CA LYS B 184 10.84 52.69 -1.79
C LYS B 184 9.52 52.49 -2.52
N LEU B 185 9.52 51.54 -3.46
CA LEU B 185 8.37 51.31 -4.33
C LEU B 185 8.20 49.81 -4.54
N SER B 186 6.95 49.40 -4.73
CA SER B 186 6.61 48.02 -5.04
C SER B 186 6.20 47.93 -6.50
N ILE B 187 6.80 46.98 -7.22
CA ILE B 187 6.55 46.82 -8.65
C ILE B 187 6.27 45.34 -8.91
N PRO B 188 5.39 45.00 -9.85
CA PRO B 188 5.14 43.59 -10.14
C PRO B 188 6.40 42.86 -10.60
N THR B 189 6.51 41.60 -10.20
CA THR B 189 7.67 40.80 -10.58
C THR B 189 7.70 40.56 -12.09
N ASP B 190 6.53 40.35 -12.69
CA ASP B 190 6.42 40.03 -14.11
C ASP B 190 6.62 41.23 -15.03
N SER B 191 7.10 42.36 -14.49
CA SER B 191 7.32 43.56 -15.30
C SER B 191 8.77 44.02 -15.28
N ILE B 192 9.67 43.25 -14.66
CA ILE B 192 11.08 43.62 -14.57
C ILE B 192 11.94 42.39 -14.81
N TRP B 193 13.21 42.64 -15.10
CA TRP B 193 14.16 41.56 -15.33
C TRP B 193 14.42 40.82 -14.02
N VAL B 194 14.41 39.48 -14.09
CA VAL B 194 14.65 38.64 -12.92
C VAL B 194 15.72 37.61 -13.28
N PRO B 195 16.76 37.44 -12.47
CA PRO B 195 17.80 36.47 -12.79
C PRO B 195 17.26 35.05 -12.77
N ASP B 196 17.88 34.20 -13.58
CA ASP B 196 17.48 32.79 -13.70
C ASP B 196 18.30 31.92 -12.75
N ILE B 197 18.20 32.24 -11.46
CA ILE B 197 18.88 31.47 -10.42
C ILE B 197 18.10 30.20 -10.15
N LEU B 198 18.78 29.06 -10.27
CA LEU B 198 18.15 27.76 -10.05
C LEU B 198 19.10 26.91 -9.22
N ILE B 199 18.62 25.72 -8.86
CA ILE B 199 19.38 24.75 -8.08
C ILE B 199 19.77 23.60 -9.00
N ASN B 200 21.07 23.29 -9.04
CA ASN B 200 21.54 22.22 -9.91
C ASN B 200 20.93 20.89 -9.52
N GLU B 201 20.78 20.63 -8.22
CA GLU B 201 20.27 19.36 -7.73
C GLU B 201 18.79 19.14 -8.03
N PHE B 202 18.12 20.02 -8.76
CA PHE B 202 16.71 19.81 -9.06
C PHE B 202 16.50 18.52 -9.81
N VAL B 203 15.52 17.73 -9.35
CA VAL B 203 15.03 16.58 -10.10
C VAL B 203 13.53 16.66 -10.35
N ASP B 204 12.85 17.64 -9.75
CA ASP B 204 11.41 17.80 -9.86
C ASP B 204 11.09 19.24 -9.55
N VAL B 205 9.92 19.69 -10.01
CA VAL B 205 9.46 21.05 -9.78
C VAL B 205 8.43 21.02 -8.67
N GLY B 206 8.75 21.64 -7.54
CA GLY B 206 7.80 21.78 -6.47
C GLY B 206 6.83 22.92 -6.71
N LYS B 207 5.65 22.80 -6.14
CA LYS B 207 4.59 23.79 -6.35
C LYS B 207 4.66 24.80 -5.22
N SER B 208 4.97 26.05 -5.56
CA SER B 208 5.13 27.09 -4.57
C SER B 208 4.31 28.31 -4.93
N PRO B 209 3.81 29.05 -3.94
CA PRO B 209 3.00 30.23 -4.25
C PRO B 209 3.81 31.27 -5.00
N ASN B 210 3.14 31.96 -5.92
CA ASN B 210 3.79 33.01 -6.71
C ASN B 210 3.70 34.33 -5.97
N ILE B 211 4.83 35.02 -5.87
CA ILE B 211 4.90 36.34 -5.25
C ILE B 211 4.80 37.37 -6.37
N PRO B 212 3.71 38.13 -6.46
CA PRO B 212 3.52 39.01 -7.63
C PRO B 212 4.30 40.31 -7.58
N TYR B 213 4.78 40.74 -6.42
CA TYR B 213 5.41 42.04 -6.27
C TYR B 213 6.82 41.91 -5.71
N VAL B 214 7.66 42.89 -6.04
CA VAL B 214 9.00 43.02 -5.48
C VAL B 214 9.19 44.46 -5.05
N TYR B 215 10.12 44.66 -4.11
CA TYR B 215 10.43 45.99 -3.62
C TYR B 215 11.58 46.59 -4.39
N ILE B 216 11.47 47.88 -4.72
CA ILE B 216 12.49 48.60 -5.46
C ILE B 216 12.76 49.91 -4.75
N ARG B 217 14.04 50.26 -4.65
CA ARG B 217 14.48 51.48 -3.98
C ARG B 217 15.08 52.44 -4.98
N HIS B 218 15.16 53.71 -4.59
CA HIS B 218 15.50 54.77 -5.54
C HIS B 218 16.88 54.60 -6.14
N GLN B 219 17.79 53.95 -5.42
CA GLN B 219 19.15 53.74 -5.91
C GLN B 219 19.30 52.51 -6.79
N GLY B 220 18.23 51.75 -6.99
CA GLY B 220 18.21 50.65 -7.94
C GLY B 220 18.09 49.27 -7.33
N GLU B 221 18.24 49.13 -6.01
CA GLU B 221 18.16 47.81 -5.40
C GLU B 221 16.76 47.24 -5.55
N VAL B 222 16.69 45.97 -5.92
CA VAL B 222 15.43 45.24 -6.09
C VAL B 222 15.43 44.08 -5.12
N GLN B 223 14.40 43.99 -4.28
CA GLN B 223 14.27 42.94 -3.29
C GLN B 223 13.17 41.98 -3.70
N ASN B 224 13.51 40.69 -3.80
CA ASN B 224 12.56 39.66 -4.20
C ASN B 224 12.53 38.58 -3.13
N TYR B 225 11.39 38.46 -2.46
CA TYR B 225 11.16 37.41 -1.47
C TYR B 225 10.21 36.40 -2.06
N LYS B 226 10.54 35.11 -1.95
CA LYS B 226 9.65 34.08 -2.47
C LYS B 226 9.95 32.75 -1.80
N PRO B 227 8.94 32.01 -1.37
CA PRO B 227 9.19 30.66 -0.86
C PRO B 227 9.30 29.64 -1.99
N LEU B 228 10.06 28.58 -1.73
CA LEU B 228 10.32 27.57 -2.74
C LEU B 228 10.23 26.19 -2.12
N GLN B 229 9.43 25.32 -2.72
CA GLN B 229 9.45 23.90 -2.42
C GLN B 229 10.36 23.24 -3.43
N VAL B 230 11.56 22.85 -2.98
CA VAL B 230 12.61 22.35 -3.86
C VAL B 230 12.73 20.85 -3.65
N VAL B 231 12.65 20.10 -4.74
CA VAL B 231 12.82 18.65 -4.73
C VAL B 231 14.21 18.39 -5.32
N THR B 232 15.16 18.07 -4.44
CA THR B 232 16.55 17.93 -4.82
C THR B 232 17.04 16.52 -4.49
N ALA B 233 17.95 16.02 -5.31
CA ALA B 233 18.57 14.72 -5.12
C ALA B 233 19.95 14.90 -4.48
N CYS B 234 20.19 14.13 -3.42
CA CYS B 234 21.47 14.19 -2.71
C CYS B 234 21.84 12.78 -2.28
N SER B 235 22.97 12.66 -1.60
CA SER B 235 23.49 11.38 -1.13
C SER B 235 22.94 11.12 0.27
N LEU B 236 21.98 10.21 0.37
CA LEU B 236 21.35 9.85 1.64
C LEU B 236 21.95 8.52 2.10
N ASP B 237 23.09 8.61 2.78
CA ASP B 237 23.74 7.41 3.33
C ASP B 237 23.06 7.05 4.65
N ILE B 238 22.53 5.83 4.73
CA ILE B 238 21.78 5.38 5.89
C ILE B 238 22.59 4.33 6.65
N TYR B 239 23.91 4.40 6.54
CA TYR B 239 24.77 3.44 7.22
C TYR B 239 24.57 3.48 8.73
N ASN B 240 24.47 4.69 9.30
CA ASN B 240 24.26 4.86 10.72
C ASN B 240 22.78 4.96 11.10
N PHE B 241 21.90 4.48 10.22
CA PHE B 241 20.48 4.53 10.52
C PHE B 241 20.20 3.72 11.78
N PRO B 242 19.32 4.21 12.67
CA PRO B 242 18.52 5.44 12.63
C PRO B 242 19.25 6.67 13.18
N PHE B 243 20.54 6.58 13.47
CA PHE B 243 21.32 7.70 13.97
C PHE B 243 22.09 8.41 12.86
N ASP B 244 21.56 8.38 11.65
CA ASP B 244 22.25 8.94 10.49
C ASP B 244 22.14 10.45 10.46
N VAL B 245 23.23 11.11 10.06
CA VAL B 245 23.27 12.56 9.87
C VAL B 245 23.50 12.79 8.38
N GLN B 246 22.49 13.34 7.71
CA GLN B 246 22.56 13.56 6.28
C GLN B 246 23.18 14.92 5.96
N ASN B 247 23.82 15.00 4.79
CA ASN B 247 24.52 16.20 4.35
C ASN B 247 24.13 16.44 2.89
N CYS B 248 23.04 17.17 2.69
CA CYS B 248 22.50 17.45 1.37
C CYS B 248 22.80 18.89 1.01
N SER B 249 23.25 19.11 -0.23
CA SER B 249 23.72 20.40 -0.68
C SER B 249 22.72 21.03 -1.65
N LEU B 250 22.53 22.34 -1.52
CA LEU B 250 21.71 23.13 -2.45
C LEU B 250 22.64 24.10 -3.16
N THR B 251 22.81 23.90 -4.46
CA THR B 251 23.75 24.68 -5.26
C THR B 251 22.98 25.68 -6.10
N PHE B 252 22.89 26.91 -5.61
CA PHE B 252 22.22 27.98 -6.35
C PHE B 252 23.19 28.55 -7.38
N THR B 253 22.78 28.53 -8.65
CA THR B 253 23.63 29.01 -9.72
C THR B 253 22.75 29.50 -10.87
N SER B 254 23.30 30.43 -11.64
CA SER B 254 22.62 30.90 -12.84
C SER B 254 22.75 29.86 -13.94
N TRP B 255 21.62 29.34 -14.41
CA TRP B 255 21.65 28.22 -15.34
C TRP B 255 22.36 28.60 -16.64
N LEU B 256 22.05 29.76 -17.18
CA LEU B 256 22.58 30.19 -18.47
C LEU B 256 23.75 31.16 -18.32
N HIS B 257 23.52 32.29 -17.65
CA HIS B 257 24.51 33.35 -17.60
C HIS B 257 25.77 32.88 -16.90
N THR B 258 26.92 33.21 -17.50
CA THR B 258 28.20 32.91 -16.90
C THR B 258 28.57 34.00 -15.89
N ILE B 259 29.69 33.78 -15.20
CA ILE B 259 30.10 34.68 -14.13
C ILE B 259 30.39 36.08 -14.68
N GLN B 260 30.72 36.20 -15.96
CA GLN B 260 30.93 37.51 -16.56
C GLN B 260 29.64 38.32 -16.65
N ASP B 261 28.49 37.68 -16.47
CA ASP B 261 27.19 38.36 -16.51
C ASP B 261 26.51 38.37 -15.15
N ILE B 262 26.33 37.21 -14.53
CA ILE B 262 25.68 37.09 -13.24
C ILE B 262 26.66 36.44 -12.26
N ASN B 263 26.88 37.11 -11.13
CA ASN B 263 27.63 36.56 -10.02
C ASN B 263 26.75 36.54 -8.78
N ILE B 264 27.07 35.63 -7.86
CA ILE B 264 26.23 35.37 -6.70
C ILE B 264 27.05 35.58 -5.43
N SER B 265 26.42 36.17 -4.43
CA SER B 265 27.03 36.40 -3.12
C SER B 265 25.97 36.19 -2.05
N LEU B 266 26.38 36.35 -0.79
CA LEU B 266 25.49 36.14 0.34
C LEU B 266 24.89 37.46 0.81
N TRP B 267 23.60 37.41 1.15
CA TRP B 267 22.94 38.59 1.72
C TRP B 267 23.52 38.91 3.09
N ARG B 268 23.60 37.91 3.96
CA ARG B 268 24.03 38.06 5.34
C ARG B 268 25.44 37.50 5.50
N LEU B 269 25.97 37.65 6.71
CA LEU B 269 27.25 37.04 7.03
C LEU B 269 27.11 35.52 7.05
N PRO B 270 28.16 34.78 6.71
CA PRO B 270 28.06 33.31 6.71
C PRO B 270 27.66 32.74 8.06
N GLU B 271 28.13 33.34 9.15
CA GLU B 271 27.81 32.82 10.48
C GLU B 271 26.32 32.88 10.76
N LYS B 272 25.67 33.99 10.41
CA LYS B 272 24.24 34.13 10.66
C LYS B 272 23.44 33.10 9.87
N VAL B 273 23.82 32.88 8.61
CA VAL B 273 23.15 31.86 7.81
C VAL B 273 23.39 30.48 8.39
N LYS B 274 24.59 30.26 8.95
CA LYS B 274 24.93 28.95 9.47
C LYS B 274 24.05 28.56 10.64
N SER B 275 23.69 29.53 11.49
CA SER B 275 22.92 29.28 12.70
C SER B 275 21.51 29.86 12.63
N ASP B 276 20.92 29.95 11.45
CA ASP B 276 19.58 30.49 11.29
C ASP B 276 18.58 29.35 11.43
N ARG B 277 17.89 29.30 12.58
CA ARG B 277 16.91 28.26 12.87
C ARG B 277 15.68 28.87 13.52
N SER B 278 15.29 30.06 13.07
CA SER B 278 14.22 30.79 13.74
C SER B 278 12.85 30.18 13.44
N VAL B 279 12.61 29.81 12.18
CA VAL B 279 11.29 29.38 11.75
C VAL B 279 11.26 27.90 11.37
N PHE B 280 12.32 27.16 11.67
CA PHE B 280 12.36 25.75 11.32
C PHE B 280 11.33 24.96 12.13
N MET B 281 10.67 24.03 11.47
CA MET B 281 9.71 23.13 12.13
C MET B 281 10.50 22.05 12.83
N ASN B 282 10.78 22.27 14.12
CA ASN B 282 11.65 21.39 14.89
C ASN B 282 10.92 20.16 15.42
N GLN B 283 9.60 20.08 15.25
CA GLN B 283 8.84 18.94 15.76
C GLN B 283 8.84 17.75 14.81
N GLY B 284 9.49 17.86 13.65
CA GLY B 284 9.49 16.78 12.69
C GLY B 284 10.51 15.70 13.01
N GLU B 285 10.59 14.73 12.10
CA GLU B 285 11.52 13.62 12.29
C GLU B 285 12.98 14.07 12.19
N TRP B 286 13.25 15.16 11.49
CA TRP B 286 14.60 15.60 11.22
C TRP B 286 14.91 16.90 11.95
N GLU B 287 16.11 16.97 12.51
CA GLU B 287 16.60 18.15 13.23
C GLU B 287 17.65 18.84 12.39
N LEU B 288 17.50 20.16 12.25
CA LEU B 288 18.42 20.95 11.43
C LEU B 288 19.63 21.36 12.25
N LEU B 289 20.81 20.89 11.86
CA LEU B 289 22.03 21.27 12.57
C LEU B 289 22.58 22.59 12.08
N GLY B 290 22.61 22.79 10.77
CA GLY B 290 23.12 24.04 10.22
C GLY B 290 22.95 24.07 8.71
N VAL B 291 23.18 25.25 8.16
CA VAL B 291 23.14 25.50 6.72
C VAL B 291 24.44 26.19 6.36
N LEU B 292 25.40 25.45 5.83
CA LEU B 292 26.72 25.98 5.58
C LEU B 292 26.82 26.51 4.16
N PRO B 293 27.05 27.80 3.96
CA PRO B 293 27.24 28.33 2.61
C PRO B 293 28.67 28.22 2.13
N TYR B 294 28.81 28.14 0.81
CA TYR B 294 30.13 28.00 0.19
C TYR B 294 30.05 28.44 -1.25
N PHE B 295 30.93 29.35 -1.65
CA PHE B 295 30.95 29.91 -2.99
C PHE B 295 32.04 29.23 -3.83
N ARG B 296 31.72 28.96 -5.09
CA ARG B 296 32.64 28.31 -6.00
C ARG B 296 32.41 28.83 -7.41
N GLU B 297 33.50 29.00 -8.15
CA GLU B 297 33.45 29.42 -9.56
C GLU B 297 33.58 28.15 -10.41
N PHE B 298 32.45 27.52 -10.66
CA PHE B 298 32.42 26.27 -11.42
C PHE B 298 32.66 26.53 -12.90
N SER B 299 33.21 25.52 -13.58
CA SER B 299 33.53 25.64 -14.99
C SER B 299 33.70 24.26 -15.61
N MET B 300 33.29 24.16 -16.87
CA MET B 300 33.55 23.00 -17.72
C MET B 300 34.24 23.36 -19.02
N GLU B 301 33.89 24.50 -19.61
CA GLU B 301 34.50 24.93 -20.86
C GLU B 301 35.78 25.71 -20.59
N SER B 302 36.37 26.24 -21.65
CA SER B 302 37.63 26.98 -21.50
C SER B 302 37.41 28.33 -20.83
N SER B 303 36.26 28.96 -21.06
CA SER B 303 35.99 30.28 -20.52
C SER B 303 34.60 30.40 -19.88
N ASN B 304 33.78 29.35 -19.91
CA ASN B 304 32.43 29.40 -19.35
C ASN B 304 32.52 29.09 -17.86
N TYR B 305 32.94 30.10 -17.10
CA TYR B 305 32.98 30.01 -15.65
C TYR B 305 31.64 30.44 -15.08
N TYR B 306 31.14 29.67 -14.11
CA TYR B 306 29.81 29.85 -13.55
C TYR B 306 29.92 30.07 -12.05
N ALA B 307 29.11 30.99 -11.54
CA ALA B 307 29.06 31.25 -10.11
C ALA B 307 28.10 30.29 -9.42
N GLU B 308 28.54 29.72 -8.31
CA GLU B 308 27.75 28.77 -7.54
C GLU B 308 27.81 29.15 -6.07
N MET B 309 26.68 29.00 -5.38
CA MET B 309 26.59 29.19 -3.94
C MET B 309 25.96 27.93 -3.35
N LYS B 310 26.78 27.13 -2.68
CA LYS B 310 26.36 25.83 -2.18
C LYS B 310 25.96 25.96 -0.71
N PHE B 311 24.72 25.61 -0.40
CA PHE B 311 24.21 25.57 0.96
C PHE B 311 24.13 24.11 1.40
N TYR B 312 24.92 23.74 2.39
CA TYR B 312 24.96 22.37 2.88
C TYR B 312 23.96 22.24 4.02
N VAL B 313 22.79 21.66 3.71
CA VAL B 313 21.74 21.47 4.70
C VAL B 313 22.04 20.18 5.46
N VAL B 314 22.47 20.33 6.71
CA VAL B 314 22.79 19.21 7.58
C VAL B 314 21.58 18.93 8.47
N ILE B 315 21.06 17.71 8.38
CA ILE B 315 19.88 17.30 9.13
C ILE B 315 20.19 16.00 9.85
N ARG B 316 19.74 15.90 11.11
CA ARG B 316 19.96 14.72 11.94
C ARG B 316 18.62 14.09 12.27
N ARG B 317 18.51 12.78 12.09
CA ARG B 317 17.27 12.08 12.37
C ARG B 317 17.08 11.89 13.87
N ARG B 318 15.82 11.86 14.28
CA ARG B 318 15.48 11.57 15.67
C ARG B 318 15.24 10.07 15.80
N PRO B 319 16.07 9.33 16.54
CA PRO B 319 15.99 7.86 16.50
C PRO B 319 15.06 7.22 17.51
N LEU B 320 14.48 7.98 18.44
CA LEU B 320 13.72 7.36 19.52
C LEU B 320 12.55 6.55 18.98
N PHE B 321 11.82 7.09 18.01
CA PHE B 321 10.70 6.36 17.43
C PHE B 321 11.15 5.05 16.83
N TYR B 322 12.16 5.09 15.95
CA TYR B 322 12.65 3.87 15.34
C TYR B 322 13.27 2.95 16.38
N VAL B 323 14.02 3.51 17.33
CA VAL B 323 14.63 2.69 18.38
C VAL B 323 13.56 1.88 19.09
N VAL B 324 12.47 2.53 19.50
CA VAL B 324 11.40 1.82 20.19
C VAL B 324 10.79 0.77 19.25
N SER B 325 10.30 1.23 18.09
CA SER B 325 9.54 0.36 17.20
C SER B 325 10.35 -0.85 16.75
N LEU B 326 11.68 -0.78 16.81
CA LEU B 326 12.52 -1.91 16.42
C LEU B 326 12.96 -2.75 17.60
N LEU B 327 13.39 -2.14 18.71
CA LEU B 327 13.88 -2.92 19.84
C LEU B 327 12.75 -3.63 20.56
N LEU B 328 11.66 -2.92 20.86
CA LEU B 328 10.63 -3.48 21.73
C LEU B 328 10.14 -4.84 21.27
N PRO B 329 9.76 -5.04 20.00
CA PRO B 329 9.42 -6.40 19.56
C PRO B 329 10.58 -7.37 19.69
N SER B 330 11.80 -6.90 19.42
CA SER B 330 12.97 -7.78 19.48
C SER B 330 13.21 -8.25 20.92
N ILE B 331 13.20 -7.31 21.88
CA ILE B 331 13.42 -7.71 23.26
C ILE B 331 12.26 -8.55 23.77
N PHE B 332 11.04 -8.27 23.33
CA PHE B 332 9.90 -9.09 23.74
C PHE B 332 10.08 -10.53 23.27
N LEU B 333 10.45 -10.71 22.00
CA LEU B 333 10.64 -12.06 21.47
C LEU B 333 11.82 -12.75 22.12
N MET B 334 12.90 -12.01 22.40
CA MET B 334 14.04 -12.62 23.08
C MET B 334 13.67 -13.07 24.48
N VAL B 335 12.90 -12.25 25.21
CA VAL B 335 12.44 -12.64 26.54
C VAL B 335 11.57 -13.88 26.45
N MET B 336 10.68 -13.93 25.46
CA MET B 336 9.84 -15.11 25.30
C MET B 336 10.70 -16.35 25.02
N ASP B 337 11.76 -16.18 24.23
CA ASP B 337 12.68 -17.29 23.98
C ASP B 337 13.35 -17.74 25.28
N ILE B 338 13.74 -16.78 26.13
CA ILE B 338 14.35 -17.14 27.42
C ILE B 338 13.36 -17.94 28.26
N VAL B 339 12.09 -17.51 28.28
CA VAL B 339 11.09 -18.21 29.08
C VAL B 339 10.85 -19.61 28.54
N GLY B 340 10.94 -19.80 27.22
CA GLY B 340 10.67 -21.10 26.64
C GLY B 340 11.60 -22.19 27.11
N PHE B 341 12.78 -21.83 27.61
CA PHE B 341 13.71 -22.85 28.09
C PHE B 341 13.15 -23.61 29.29
N TYR B 342 12.27 -22.98 30.07
CA TYR B 342 11.74 -23.63 31.26
C TYR B 342 10.79 -24.77 30.94
N LEU B 343 10.31 -24.86 29.71
CA LEU B 343 9.44 -25.97 29.33
C LEU B 343 10.22 -27.27 29.37
N PRO B 344 9.71 -28.31 30.03
CA PRO B 344 10.44 -29.58 30.07
C PRO B 344 10.57 -30.17 28.66
N PRO B 345 11.72 -30.77 28.35
CA PRO B 345 11.89 -31.34 26.99
C PRO B 345 10.93 -32.47 26.69
N ASN B 346 10.44 -33.18 27.71
CA ASN B 346 9.57 -34.33 27.46
C ASN B 346 8.18 -33.91 26.99
N SER B 347 7.75 -32.70 27.36
CA SER B 347 6.39 -32.27 27.01
C SER B 347 6.18 -32.24 25.50
N GLY B 348 7.25 -32.01 24.74
CA GLY B 348 7.15 -31.89 23.30
C GLY B 348 6.70 -30.52 22.82
N GLU B 349 6.01 -29.75 23.66
CA GLU B 349 5.59 -28.41 23.28
C GLU B 349 6.75 -27.44 23.15
N ARG B 350 7.94 -27.79 23.63
CA ARG B 350 9.07 -26.88 23.54
C ARG B 350 9.47 -26.61 22.09
N VAL B 351 9.49 -27.65 21.26
CA VAL B 351 9.87 -27.48 19.86
C VAL B 351 8.84 -26.62 19.14
N SER B 352 7.55 -26.90 19.37
CA SER B 352 6.50 -26.10 18.75
C SER B 352 6.60 -24.65 19.20
N PHE B 353 6.84 -24.42 20.48
CA PHE B 353 7.00 -23.06 21.00
C PHE B 353 8.15 -22.35 20.28
N LYS B 354 9.30 -23.00 20.20
CA LYS B 354 10.47 -22.38 19.60
C LYS B 354 10.26 -22.09 18.12
N ILE B 355 9.67 -23.03 17.38
CA ILE B 355 9.49 -22.83 15.95
C ILE B 355 8.44 -21.75 15.70
N THR B 356 7.39 -21.70 16.51
CA THR B 356 6.39 -20.64 16.38
C THR B 356 7.02 -19.29 16.67
N LEU B 357 7.87 -19.21 17.69
CA LEU B 357 8.55 -17.96 18.00
C LEU B 357 9.45 -17.53 16.85
N LEU B 358 10.17 -18.49 16.25
CA LEU B 358 11.03 -18.15 15.12
C LEU B 358 10.21 -17.68 13.92
N LEU B 359 9.06 -18.31 13.68
CA LEU B 359 8.20 -17.87 12.59
C LEU B 359 7.70 -16.45 12.84
N GLY B 360 7.28 -16.16 14.07
CA GLY B 360 6.85 -14.81 14.39
C GLY B 360 7.96 -13.80 14.20
N TYR B 361 9.18 -14.14 14.63
CA TYR B 361 10.30 -13.23 14.44
C TYR B 361 10.60 -13.02 12.96
N SER B 362 10.50 -14.08 12.16
CA SER B 362 10.74 -13.94 10.73
C SER B 362 9.70 -13.02 10.09
N VAL B 363 8.43 -13.18 10.48
CA VAL B 363 7.38 -12.30 9.96
C VAL B 363 7.66 -10.86 10.36
N PHE B 364 8.03 -10.64 11.63
CA PHE B 364 8.33 -9.30 12.11
C PHE B 364 9.50 -8.70 11.32
N LEU B 365 10.54 -9.49 11.07
CA LEU B 365 11.70 -8.99 10.34
C LEU B 365 11.35 -8.67 8.90
N ILE B 366 10.51 -9.49 8.27
CA ILE B 366 10.08 -9.21 6.91
C ILE B 366 9.30 -7.90 6.86
N ILE B 367 8.39 -7.70 7.81
CA ILE B 367 7.63 -6.45 7.86
C ILE B 367 8.57 -5.27 8.08
N VAL B 368 9.54 -5.42 8.99
CA VAL B 368 10.48 -4.34 9.27
C VAL B 368 11.27 -3.98 8.02
N SER B 369 11.76 -4.99 7.30
CA SER B 369 12.49 -4.74 6.07
C SER B 369 11.61 -4.04 5.04
N ASP B 370 10.36 -4.47 4.92
CA ASP B 370 9.43 -3.84 3.99
C ASP B 370 9.11 -2.41 4.39
N THR B 371 9.26 -2.06 5.67
CA THR B 371 8.92 -0.72 6.15
C THR B 371 10.13 0.19 6.31
N LEU B 372 11.29 -0.35 6.69
CA LEU B 372 12.45 0.49 6.93
C LEU B 372 13.07 0.95 5.62
N PRO B 373 13.71 2.12 5.61
CA PRO B 373 14.40 2.58 4.41
C PRO B 373 15.66 1.76 4.14
N ALA B 374 16.04 1.71 2.87
CA ALA B 374 17.25 1.00 2.47
C ALA B 374 17.79 1.63 1.19
N THR B 375 19.09 1.42 0.96
CA THR B 375 19.77 1.92 -0.22
C THR B 375 20.49 0.78 -0.92
N ALA B 376 20.48 0.80 -2.25
CA ALA B 376 21.12 -0.25 -3.02
C ALA B 376 22.64 -0.20 -2.94
N ILE B 377 23.21 0.92 -2.50
CA ILE B 377 24.66 1.03 -2.43
C ILE B 377 25.22 0.43 -1.16
N GLY B 378 24.43 0.37 -0.08
CA GLY B 378 24.91 -0.19 1.17
C GLY B 378 23.80 -0.39 2.18
N THR B 379 23.86 -1.49 2.95
CA THR B 379 22.85 -1.78 3.95
C THR B 379 23.18 -1.08 5.27
N PRO B 380 22.17 -0.76 6.07
CA PRO B 380 22.43 -0.13 7.37
C PRO B 380 23.06 -1.11 8.35
N LEU B 381 23.79 -0.55 9.32
CA LEU B 381 24.42 -1.37 10.34
C LEU B 381 23.40 -2.02 11.26
N ILE B 382 22.18 -1.47 11.35
CA ILE B 382 21.16 -2.05 12.21
C ILE B 382 20.77 -3.45 11.76
N GLY B 383 20.94 -3.75 10.47
CA GLY B 383 20.61 -5.08 9.98
C GLY B 383 21.48 -6.17 10.55
N VAL B 384 22.68 -5.83 11.01
CA VAL B 384 23.55 -6.83 11.63
C VAL B 384 22.96 -7.32 12.95
N TYR B 385 22.35 -6.41 13.72
CA TYR B 385 21.79 -6.80 15.00
C TYR B 385 20.59 -7.73 14.82
N PHE B 386 19.78 -7.49 13.78
CA PHE B 386 18.70 -8.42 13.49
C PHE B 386 19.23 -9.80 13.14
N VAL B 387 20.31 -9.85 12.36
CA VAL B 387 20.92 -11.13 12.02
C VAL B 387 21.45 -11.81 13.29
N VAL B 388 22.01 -11.04 14.21
CA VAL B 388 22.51 -11.60 15.45
C VAL B 388 21.36 -12.17 16.28
N CYS B 389 20.24 -11.46 16.34
CA CYS B 389 19.08 -11.98 17.07
C CYS B 389 18.54 -13.25 16.44
N MET B 390 18.48 -13.28 15.10
CA MET B 390 18.05 -14.51 14.42
C MET B 390 19.00 -15.66 14.70
N ALA B 391 20.30 -15.38 14.72
CA ALA B 391 21.28 -16.43 15.05
C ALA B 391 21.08 -16.93 16.46
N LEU B 392 20.80 -16.02 17.41
CA LEU B 392 20.54 -16.43 18.78
C LEU B 392 19.31 -17.33 18.86
N LEU B 393 18.24 -16.96 18.15
CA LEU B 393 17.04 -17.79 18.15
C LEU B 393 17.31 -19.16 17.53
N VAL B 394 18.08 -19.19 16.44
CA VAL B 394 18.40 -20.46 15.80
C VAL B 394 19.24 -21.32 16.73
N ILE B 395 20.17 -20.70 17.46
CA ILE B 395 20.98 -21.45 18.43
C ILE B 395 20.09 -22.02 19.53
N SER B 396 19.13 -21.23 20.00
CA SER B 396 18.21 -21.72 21.03
C SER B 396 17.42 -22.92 20.52
N LEU B 397 16.90 -22.83 19.28
CA LEU B 397 16.14 -23.94 18.72
C LEU B 397 17.01 -25.16 18.51
N ALA B 398 18.26 -24.96 18.09
CA ALA B 398 19.17 -26.09 17.90
C ALA B 398 19.46 -26.76 19.23
N GLU B 399 19.66 -25.97 20.29
CA GLU B 399 19.86 -26.56 21.61
C GLU B 399 18.63 -27.33 22.06
N THR B 400 17.44 -26.78 21.82
CA THR B 400 16.22 -27.49 22.17
C THR B 400 16.12 -28.81 21.43
N ILE B 401 16.44 -28.80 20.13
CA ILE B 401 16.38 -30.03 19.34
C ILE B 401 17.40 -31.04 19.85
N PHE B 402 18.60 -30.57 20.19
CA PHE B 402 19.63 -31.48 20.69
C PHE B 402 19.19 -32.11 22.00
N ILE B 403 18.60 -31.32 22.90
CA ILE B 403 18.13 -31.87 24.17
C ILE B 403 17.00 -32.85 23.94
N VAL B 404 16.09 -32.54 23.01
CA VAL B 404 14.98 -33.44 22.71
C VAL B 404 15.51 -34.77 22.18
N ARG B 405 16.47 -34.71 21.27
CA ARG B 405 17.05 -35.94 20.73
C ARG B 405 17.76 -36.73 21.82
N LEU B 406 18.49 -36.03 22.70
CA LEU B 406 19.19 -36.72 23.78
C LEU B 406 18.21 -37.41 24.72
N VAL B 407 17.09 -36.75 25.03
CA VAL B 407 16.09 -37.36 25.88
C VAL B 407 15.44 -38.55 25.19
N HIS B 408 15.09 -38.40 23.90
CA HIS B 408 14.46 -39.49 23.16
C HIS B 408 15.43 -40.64 22.92
N LYS B 409 16.73 -40.43 23.09
CA LYS B 409 17.67 -41.55 22.99
C LYS B 409 17.29 -42.70 23.91
N GLN B 410 16.42 -42.46 24.89
CA GLN B 410 15.85 -43.57 25.66
C GLN B 410 15.20 -44.58 24.73
N ASP B 411 14.66 -44.13 23.60
CA ASP B 411 14.11 -45.02 22.59
C ASP B 411 15.19 -45.80 21.86
N LEU B 412 16.47 -45.49 22.08
CA LEU B 412 17.56 -46.27 21.51
C LEU B 412 17.93 -47.49 22.33
N GLN B 413 17.46 -47.57 23.58
CA GLN B 413 17.75 -48.71 24.44
C GLN B 413 19.26 -48.90 24.61
N GLN B 414 19.98 -47.78 24.66
CA GLN B 414 21.43 -47.77 24.78
C GLN B 414 21.81 -47.20 26.13
N PRO B 415 22.45 -47.96 27.03
CA PRO B 415 22.84 -47.39 28.33
C PRO B 415 23.79 -46.21 28.15
N VAL B 416 23.67 -45.25 29.06
CA VAL B 416 24.47 -44.02 28.97
C VAL B 416 25.95 -44.38 29.07
N PRO B 417 26.81 -43.88 28.18
CA PRO B 417 28.24 -44.16 28.31
C PRO B 417 28.79 -43.66 29.64
N ALA B 418 29.78 -44.39 30.15
CA ALA B 418 30.36 -44.05 31.46
C ALA B 418 31.01 -42.67 31.44
N TRP B 419 31.72 -42.35 30.36
CA TRP B 419 32.40 -41.05 30.29
C TRP B 419 31.39 -39.90 30.31
N LEU B 420 30.30 -40.04 29.54
CA LEU B 420 29.26 -39.02 29.58
C LEU B 420 28.62 -38.93 30.96
N ARG B 421 28.38 -40.08 31.58
CA ARG B 421 27.84 -40.09 32.93
C ARG B 421 28.72 -39.28 33.87
N HIS B 422 30.01 -39.57 33.90
CA HIS B 422 30.93 -38.82 34.74
C HIS B 422 30.86 -37.33 34.41
N LEU B 423 31.06 -36.99 33.14
CA LEU B 423 31.16 -35.59 32.75
C LEU B 423 29.93 -34.81 33.16
N VAL B 424 28.75 -35.37 32.98
CA VAL B 424 27.52 -34.63 33.21
C VAL B 424 27.10 -34.66 34.68
N LEU B 425 27.03 -35.85 35.28
CA LEU B 425 26.47 -35.99 36.61
C LEU B 425 27.48 -35.71 37.72
N GLU B 426 28.77 -35.57 37.41
CA GLU B 426 29.77 -35.31 38.44
C GLU B 426 30.43 -33.95 38.30
N ARG B 427 30.98 -33.64 37.12
CA ARG B 427 31.65 -32.36 36.92
C ARG B 427 30.63 -31.25 36.70
N ILE B 428 29.79 -31.39 35.66
CA ILE B 428 28.85 -30.33 35.32
C ILE B 428 27.81 -30.18 36.44
N ALA B 429 27.31 -31.30 36.97
CA ALA B 429 26.31 -31.21 38.03
C ALA B 429 26.87 -30.49 39.25
N TRP B 430 28.13 -30.79 39.61
CA TRP B 430 28.77 -30.08 40.71
C TRP B 430 28.91 -28.60 40.38
N LEU B 431 29.27 -28.28 39.14
CA LEU B 431 29.38 -26.89 38.73
C LEU B 431 28.05 -26.16 38.88
N LEU B 432 26.96 -26.82 38.51
CA LEU B 432 25.62 -26.23 38.57
C LEU B 432 25.02 -26.31 39.96
N CYS B 433 25.78 -26.73 40.97
CA CYS B 433 25.31 -26.77 42.36
C CYS B 433 24.09 -27.70 42.49
N LEU B 434 24.10 -28.80 41.75
CA LEU B 434 23.03 -29.79 41.83
C LEU B 434 23.39 -30.89 42.81
N ALA B 488 4.32 -83.87 43.42
CA ALA B 488 3.97 -82.68 42.65
C ALA B 488 5.15 -81.71 42.57
N SER B 489 6.35 -82.22 42.84
CA SER B 489 7.54 -81.37 42.82
C SER B 489 7.83 -80.87 41.40
N LEU B 490 7.61 -81.72 40.40
CA LEU B 490 7.91 -81.32 39.02
C LEU B 490 7.01 -80.18 38.57
N ALA B 491 5.73 -80.24 38.93
CA ALA B 491 4.83 -79.14 38.58
C ALA B 491 5.26 -77.86 39.28
N VAL B 492 5.71 -77.96 40.53
CA VAL B 492 6.14 -76.78 41.27
C VAL B 492 7.40 -76.20 40.64
N CYS B 493 8.31 -77.05 40.18
CA CYS B 493 9.52 -76.55 39.53
C CYS B 493 9.20 -75.91 38.18
N GLY B 494 8.21 -76.44 37.47
CA GLY B 494 7.74 -75.76 36.26
C GLY B 494 7.16 -74.39 36.57
N LEU B 495 6.35 -74.31 37.63
CA LEU B 495 5.87 -73.01 38.10
C LEU B 495 7.03 -72.07 38.38
N LEU B 496 8.08 -72.58 39.04
CA LEU B 496 9.24 -71.75 39.34
C LEU B 496 9.91 -71.24 38.07
N GLN B 497 10.13 -72.14 37.10
CA GLN B 497 10.78 -71.74 35.86
C GLN B 497 9.99 -70.66 35.15
N GLU B 498 8.67 -70.82 35.08
CA GLU B 498 7.89 -69.80 34.39
C GLU B 498 7.84 -68.50 35.15
N LEU B 499 7.67 -68.57 36.47
CA LEU B 499 7.57 -67.32 37.23
C LEU B 499 8.91 -66.59 37.17
N SER B 500 10.00 -67.33 36.92
CA SER B 500 11.27 -66.70 36.60
C SER B 500 11.31 -66.13 35.19
N SER B 501 10.56 -66.71 34.25
CA SER B 501 10.40 -66.03 32.97
C SER B 501 9.70 -64.68 33.14
N ILE B 502 8.67 -64.66 33.99
CA ILE B 502 8.05 -63.40 34.38
C ILE B 502 9.09 -62.48 35.02
N ARG B 503 9.95 -63.04 35.88
CA ARG B 503 11.04 -62.27 36.46
C ARG B 503 11.82 -61.57 35.37
N GLN B 504 12.22 -62.33 34.35
CA GLN B 504 13.12 -61.79 33.33
C GLN B 504 12.42 -60.71 32.50
N PHE B 505 11.14 -60.89 32.21
CA PHE B 505 10.43 -59.88 31.43
C PHE B 505 10.27 -58.58 32.22
N LEU B 506 9.87 -58.67 33.50
CA LEU B 506 9.78 -57.45 34.28
C LEU B 506 11.15 -56.83 34.53
N GLU B 507 12.19 -57.67 34.66
CA GLU B 507 13.56 -57.18 34.72
C GLU B 507 13.87 -56.32 33.50
N LYS B 508 13.56 -56.82 32.30
CA LYS B 508 13.86 -56.07 31.09
C LYS B 508 13.08 -54.77 31.04
N ARG B 509 11.80 -54.81 31.38
CA ARG B 509 11.00 -53.58 31.35
C ARG B 509 11.57 -52.53 32.32
N ASP B 510 11.90 -52.97 33.54
CA ASP B 510 12.44 -52.03 34.52
C ASP B 510 13.81 -51.50 34.09
N GLU B 511 14.63 -52.35 33.47
CA GLU B 511 15.93 -51.90 32.98
C GLU B 511 15.77 -50.86 31.89
N ILE B 512 14.81 -51.05 30.99
CA ILE B 512 14.53 -50.05 29.97
C ILE B 512 14.10 -48.74 30.62
N ARG B 513 13.24 -48.84 31.62
CA ARG B 513 12.80 -47.63 32.33
C ARG B 513 13.97 -46.91 32.97
N GLU B 514 14.91 -47.66 33.56
CA GLU B 514 16.06 -47.03 34.21
C GLU B 514 17.01 -46.42 33.20
N VAL B 515 17.16 -47.04 32.02
CA VAL B 515 17.97 -46.43 30.98
C VAL B 515 17.37 -45.10 30.56
N ALA B 516 16.04 -45.08 30.36
CA ALA B 516 15.36 -43.82 30.07
C ALA B 516 15.58 -42.82 31.19
N ARG B 517 15.58 -43.30 32.44
CA ARG B 517 15.85 -42.45 33.59
C ARG B 517 17.20 -41.76 33.46
N ASP B 518 18.24 -42.54 33.19
CA ASP B 518 19.58 -41.99 33.08
C ASP B 518 19.67 -40.99 31.94
N TRP B 519 19.10 -41.33 30.79
CA TRP B 519 19.15 -40.42 29.65
C TRP B 519 18.43 -39.10 29.98
N LEU B 520 17.28 -39.19 30.65
CA LEU B 520 16.54 -37.99 31.01
C LEU B 520 17.31 -37.12 31.99
N ARG B 521 17.97 -37.74 32.98
CA ARG B 521 18.74 -36.97 33.94
C ARG B 521 19.88 -36.24 33.25
N VAL B 522 20.59 -36.94 32.36
CA VAL B 522 21.69 -36.31 31.63
C VAL B 522 21.16 -35.16 30.78
N GLY B 523 20.03 -35.38 30.09
CA GLY B 523 19.47 -34.33 29.26
C GLY B 523 19.06 -33.11 30.07
N SER B 524 18.47 -33.32 31.24
CA SER B 524 18.07 -32.19 32.08
C SER B 524 19.28 -31.40 32.55
N VAL B 525 20.35 -32.10 32.96
CA VAL B 525 21.54 -31.40 33.42
C VAL B 525 22.14 -30.57 32.29
N LEU B 526 22.27 -31.17 31.10
CA LEU B 526 22.83 -30.44 29.98
C LEU B 526 21.92 -29.29 29.56
N ASP B 527 20.61 -29.46 29.67
CA ASP B 527 19.69 -28.37 29.36
C ASP B 527 19.89 -27.20 30.31
N LYS B 528 20.06 -27.48 31.60
CA LYS B 528 20.34 -26.41 32.55
C LYS B 528 21.63 -25.68 32.21
N LEU B 529 22.68 -26.45 31.89
CA LEU B 529 23.96 -25.84 31.54
C LEU B 529 23.81 -24.93 30.33
N LEU B 530 23.21 -25.44 29.26
CA LEU B 530 23.11 -24.67 28.03
C LEU B 530 22.18 -23.48 28.20
N PHE B 531 21.15 -23.59 29.04
CA PHE B 531 20.30 -22.45 29.35
C PHE B 531 21.11 -21.35 30.03
N HIS B 532 21.93 -21.73 31.02
CA HIS B 532 22.78 -20.72 31.67
C HIS B 532 23.71 -20.05 30.67
N ILE B 533 24.34 -20.85 29.81
CA ILE B 533 25.28 -20.29 28.84
C ILE B 533 24.56 -19.33 27.89
N TYR B 534 23.41 -19.74 27.38
CA TYR B 534 22.67 -18.90 26.44
C TYR B 534 22.19 -17.62 27.11
N LEU B 535 21.74 -17.72 28.36
CA LEU B 535 21.31 -16.52 29.08
C LEU B 535 22.47 -15.56 29.27
N LEU B 536 23.65 -16.08 29.62
CA LEU B 536 24.81 -15.21 29.78
C LEU B 536 25.18 -14.55 28.45
N ALA B 537 25.13 -15.30 27.35
CA ALA B 537 25.45 -14.72 26.05
C ALA B 537 24.45 -13.63 25.69
N VAL B 538 23.16 -13.86 25.93
CA VAL B 538 22.15 -12.86 25.62
C VAL B 538 22.36 -11.61 26.47
N LEU B 539 22.68 -11.80 27.75
CA LEU B 539 22.94 -10.66 28.61
C LEU B 539 24.14 -9.86 28.12
N ALA B 540 25.20 -10.55 27.71
CA ALA B 540 26.38 -9.85 27.19
C ALA B 540 26.04 -9.07 25.93
N TYR B 541 25.27 -9.67 25.02
CA TYR B 541 24.89 -8.97 23.80
C TYR B 541 24.05 -7.75 24.11
N SER B 542 23.09 -7.88 25.03
CA SER B 542 22.26 -6.74 25.40
C SER B 542 23.09 -5.63 26.03
N ILE B 543 24.06 -5.99 26.88
CA ILE B 543 24.91 -4.99 27.51
C ILE B 543 25.75 -4.28 26.45
N THR B 544 26.29 -5.04 25.48
CA THR B 544 27.06 -4.41 24.42
C THR B 544 26.21 -3.44 23.60
N LEU B 545 24.97 -3.85 23.28
CA LEU B 545 24.09 -2.96 22.55
C LEU B 545 23.76 -1.70 23.35
N VAL B 546 23.53 -1.86 24.65
CA VAL B 546 23.24 -0.70 25.50
C VAL B 546 24.45 0.23 25.56
N MET B 547 25.66 -0.34 25.61
CA MET B 547 26.86 0.49 25.63
C MET B 547 27.02 1.25 24.33
N LEU B 548 26.73 0.59 23.19
CA LEU B 548 26.77 1.29 21.91
C LEU B 548 25.77 2.43 21.88
N TRP B 549 24.55 2.19 22.38
CA TRP B 549 23.55 3.24 22.43
C TRP B 549 23.99 4.39 23.32
N SER B 550 24.61 4.07 24.46
CA SER B 550 25.10 5.13 25.35
C SER B 550 26.20 5.95 24.68
N ILE B 551 27.07 5.28 23.93
CA ILE B 551 28.11 6.00 23.19
C ILE B 551 27.47 6.94 22.18
N TRP B 552 26.49 6.45 21.42
CA TRP B 552 25.81 7.30 20.46
C TRP B 552 25.01 8.42 21.13
N GLN B 553 24.63 8.23 22.39
CA GLN B 553 23.80 9.20 23.10
C GLN B 553 24.62 10.33 23.73
N TYR B 554 25.71 9.98 24.41
CA TYR B 554 26.45 10.94 25.22
C TYR B 554 27.73 11.43 24.55
N ALA B 555 28.26 10.72 23.57
CA ALA B 555 29.49 11.14 22.91
C ALA B 555 29.23 12.36 22.04
N THR C 106 -20.90 42.51 -49.62
CA THR C 106 -19.60 42.99 -49.08
C THR C 106 -18.48 42.03 -49.42
N THR C 107 -17.29 42.58 -49.68
CA THR C 107 -16.17 41.76 -50.11
C THR C 107 -15.75 40.76 -49.02
N ARG C 108 -15.72 41.21 -47.78
CA ARG C 108 -15.22 40.36 -46.71
C ARG C 108 -16.16 39.19 -46.46
N PRO C 109 -15.64 38.07 -45.95
CA PRO C 109 -16.53 36.95 -45.60
C PRO C 109 -17.52 37.36 -44.51
N ALA C 110 -18.70 36.75 -44.58
CA ALA C 110 -19.77 37.12 -43.65
C ALA C 110 -19.38 36.84 -42.20
N LEU C 111 -18.79 35.67 -41.94
CA LEU C 111 -18.41 35.35 -40.56
C LEU C 111 -17.36 36.32 -40.04
N LEU C 112 -16.34 36.62 -40.85
CA LEU C 112 -15.31 37.54 -40.42
C LEU C 112 -15.87 38.92 -40.14
N ARG C 113 -16.73 39.41 -41.04
CA ARG C 113 -17.33 40.73 -40.86
C ARG C 113 -18.20 40.76 -39.60
N LEU C 114 -18.98 39.71 -39.35
CA LEU C 114 -19.82 39.67 -38.17
C LEU C 114 -18.98 39.64 -36.89
N SER C 115 -17.92 38.83 -36.88
CA SER C 115 -17.06 38.78 -35.72
C SER C 115 -16.40 40.13 -35.45
N ASP C 116 -15.95 40.81 -36.51
CA ASP C 116 -15.39 42.14 -36.33
C ASP C 116 -16.43 43.11 -35.80
N TYR C 117 -17.66 43.04 -36.32
CA TYR C 117 -18.71 43.94 -35.87
C TYR C 117 -19.06 43.70 -34.41
N LEU C 118 -18.95 42.45 -33.94
CA LEU C 118 -19.36 42.13 -32.58
C LEU C 118 -18.25 42.43 -31.57
N LEU C 119 -17.05 41.89 -31.81
CA LEU C 119 -16.02 41.84 -30.79
C LEU C 119 -15.06 43.02 -30.81
N THR C 120 -15.21 43.96 -31.75
CA THR C 120 -14.27 45.08 -31.80
C THR C 120 -14.54 46.10 -30.71
N ASN C 121 -15.79 46.21 -30.25
CA ASN C 121 -16.15 47.15 -29.19
C ASN C 121 -16.63 46.44 -27.92
N TYR C 122 -16.48 45.13 -27.85
CA TYR C 122 -16.98 44.37 -26.71
C TYR C 122 -15.99 44.43 -25.55
N ARG C 123 -16.53 44.59 -24.34
CA ARG C 123 -15.74 44.57 -23.12
C ARG C 123 -15.97 43.24 -22.41
N LYS C 124 -14.88 42.52 -22.14
CA LYS C 124 -15.00 41.18 -21.57
C LYS C 124 -15.38 41.21 -20.11
N GLY C 125 -15.02 42.26 -19.38
CA GLY C 125 -15.22 42.34 -17.95
C GLY C 125 -16.47 43.07 -17.52
N VAL C 126 -17.44 43.27 -18.39
CA VAL C 126 -18.67 43.99 -18.09
C VAL C 126 -19.84 43.03 -18.23
N ARG C 127 -20.69 42.98 -17.22
CA ARG C 127 -21.86 42.11 -17.27
C ARG C 127 -22.77 42.56 -18.41
N PRO C 128 -23.22 41.65 -19.27
CA PRO C 128 -23.96 42.06 -20.48
C PRO C 128 -25.43 42.38 -20.25
N VAL C 129 -25.68 43.58 -19.74
CA VAL C 129 -27.04 44.10 -19.56
C VAL C 129 -27.01 45.60 -19.82
N ARG C 130 -27.89 46.07 -20.69
CA ARG C 130 -27.99 47.50 -20.95
C ARG C 130 -28.44 48.23 -19.69
N ASP C 131 -29.40 47.67 -18.97
CA ASP C 131 -29.86 48.22 -17.69
C ASP C 131 -29.26 47.38 -16.57
N TRP C 132 -28.46 48.01 -15.72
CA TRP C 132 -27.78 47.28 -14.65
C TRP C 132 -28.75 46.71 -13.63
N ARG C 133 -29.99 47.20 -13.58
CA ARG C 133 -30.97 46.67 -12.65
C ARG C 133 -31.53 45.33 -13.08
N LYS C 134 -31.32 44.94 -14.34
CA LYS C 134 -31.84 43.67 -14.84
C LYS C 134 -30.83 42.56 -14.54
N PRO C 135 -31.20 41.53 -13.80
CA PRO C 135 -30.26 40.43 -13.54
C PRO C 135 -30.04 39.57 -14.77
N THR C 136 -28.89 38.92 -14.81
CA THR C 136 -28.52 38.01 -15.88
C THR C 136 -28.93 36.59 -15.47
N THR C 137 -29.90 36.02 -16.18
CA THR C 137 -30.42 34.71 -15.85
C THR C 137 -29.62 33.64 -16.60
N VAL C 138 -29.04 32.71 -15.85
CA VAL C 138 -28.23 31.63 -16.40
C VAL C 138 -29.01 30.33 -16.23
N SER C 139 -29.43 29.76 -17.35
CA SER C 139 -30.15 28.49 -17.36
C SER C 139 -29.14 27.36 -17.53
N ILE C 140 -29.03 26.51 -16.52
CA ILE C 140 -28.02 25.47 -16.50
C ILE C 140 -28.67 24.11 -16.67
N ASP C 141 -27.83 23.13 -17.01
CA ASP C 141 -28.25 21.74 -17.12
C ASP C 141 -27.08 20.85 -16.72
N VAL C 142 -27.38 19.73 -16.06
CA VAL C 142 -26.37 18.82 -15.57
C VAL C 142 -26.71 17.41 -16.04
N ILE C 143 -25.72 16.72 -16.60
CA ILE C 143 -25.85 15.34 -17.02
C ILE C 143 -24.69 14.57 -16.41
N VAL C 144 -25.01 13.61 -15.54
CA VAL C 144 -23.98 12.85 -14.85
C VAL C 144 -23.46 11.76 -15.79
N TYR C 145 -22.14 11.69 -15.94
CA TYR C 145 -21.51 10.73 -16.84
C TYR C 145 -20.97 9.53 -16.09
N ALA C 146 -20.24 9.74 -15.00
CA ALA C 146 -19.63 8.63 -14.27
C ALA C 146 -19.35 9.05 -12.84
N ILE C 147 -19.30 8.07 -11.95
CA ILE C 147 -18.90 8.25 -10.56
C ILE C 147 -17.47 7.75 -10.45
N LEU C 148 -16.51 8.66 -10.60
CA LEU C 148 -15.12 8.24 -10.67
C LEU C 148 -14.65 7.62 -9.37
N ASN C 149 -15.01 8.21 -8.22
CA ASN C 149 -14.53 7.73 -6.94
C ASN C 149 -15.44 8.23 -5.84
N VAL C 150 -15.74 7.35 -4.89
CA VAL C 150 -16.47 7.70 -3.68
C VAL C 150 -15.57 7.35 -2.50
N ASP C 151 -15.14 8.39 -1.77
CA ASP C 151 -14.20 8.23 -0.66
C ASP C 151 -14.97 8.40 0.64
N GLU C 152 -15.45 7.28 1.18
CA GLU C 152 -16.20 7.34 2.43
C GLU C 152 -15.32 7.76 3.59
N LYS C 153 -14.03 7.42 3.54
CA LYS C 153 -13.12 7.81 4.62
C LYS C 153 -13.00 9.32 4.72
N ASN C 154 -12.77 9.99 3.59
CA ASN C 154 -12.59 11.43 3.56
C ASN C 154 -13.87 12.19 3.27
N GLN C 155 -14.99 11.49 3.07
CA GLN C 155 -16.26 12.13 2.77
C GLN C 155 -16.15 13.02 1.52
N VAL C 156 -15.52 12.48 0.49
CA VAL C 156 -15.26 13.19 -0.76
C VAL C 156 -15.83 12.37 -1.91
N LEU C 157 -16.60 13.03 -2.78
CA LEU C 157 -17.18 12.42 -3.95
C LEU C 157 -16.57 13.03 -5.20
N THR C 158 -16.15 12.17 -6.13
CA THR C 158 -15.59 12.59 -7.40
C THR C 158 -16.47 12.05 -8.53
N THR C 159 -17.02 12.95 -9.33
CA THR C 159 -17.90 12.57 -10.42
C THR C 159 -17.62 13.45 -11.62
N TYR C 160 -17.96 12.92 -12.80
CA TYR C 160 -17.79 13.61 -14.07
C TYR C 160 -19.16 13.93 -14.65
N ILE C 161 -19.39 15.20 -14.96
CA ILE C 161 -20.68 15.66 -15.46
C ILE C 161 -20.48 16.43 -16.75
N TRP C 162 -21.53 16.49 -17.56
CA TRP C 162 -21.54 17.28 -18.79
C TRP C 162 -22.40 18.51 -18.50
N TYR C 163 -21.74 19.56 -18.02
CA TYR C 163 -22.42 20.78 -17.61
C TYR C 163 -22.55 21.73 -18.78
N ARG C 164 -23.74 22.32 -18.92
CA ARG C 164 -24.01 23.28 -19.99
C ARG C 164 -24.92 24.37 -19.47
N GLN C 165 -24.66 25.60 -19.88
CA GLN C 165 -25.42 26.76 -19.44
C GLN C 165 -25.58 27.72 -20.61
N TYR C 166 -26.71 28.44 -20.62
CA TYR C 166 -26.90 29.49 -21.59
C TYR C 166 -27.47 30.73 -20.92
N TRP C 167 -27.06 31.90 -21.41
CA TRP C 167 -27.53 33.18 -20.92
C TRP C 167 -27.66 34.13 -22.10
N THR C 168 -28.21 35.31 -21.83
CA THR C 168 -28.44 36.31 -22.86
C THR C 168 -27.37 37.39 -22.78
N ASP C 169 -26.70 37.62 -23.91
CA ASP C 169 -25.68 38.67 -24.03
C ASP C 169 -26.29 39.81 -24.83
N GLU C 170 -26.70 40.87 -24.14
CA GLU C 170 -27.38 41.98 -24.80
C GLU C 170 -26.48 42.75 -25.74
N PHE C 171 -25.16 42.63 -25.59
CA PHE C 171 -24.23 43.32 -26.49
C PHE C 171 -23.94 42.52 -27.75
N LEU C 172 -24.05 41.19 -27.70
CA LEU C 172 -23.78 40.34 -28.85
C LEU C 172 -25.07 40.04 -29.61
N GLN C 173 -25.65 41.09 -30.17
CA GLN C 173 -26.87 41.00 -30.95
C GLN C 173 -26.63 41.62 -32.33
N TRP C 174 -27.23 41.02 -33.35
CA TRP C 174 -27.04 41.48 -34.71
C TRP C 174 -28.26 41.12 -35.55
N ASN C 175 -28.37 41.78 -36.70
CA ASN C 175 -29.45 41.50 -37.64
C ASN C 175 -28.96 40.51 -38.69
N PRO C 176 -29.55 39.31 -38.77
CA PRO C 176 -29.03 38.32 -39.74
C PRO C 176 -29.01 38.83 -41.17
N GLU C 177 -29.99 39.63 -41.57
CA GLU C 177 -30.08 40.07 -42.96
C GLU C 177 -28.88 40.91 -43.37
N ASP C 178 -28.19 41.53 -42.41
CA ASP C 178 -27.03 42.35 -42.71
C ASP C 178 -25.73 41.56 -42.79
N PHE C 179 -25.77 40.27 -42.46
CA PHE C 179 -24.58 39.42 -42.43
C PHE C 179 -24.86 38.09 -43.12
N ASP C 180 -25.44 38.16 -44.32
CA ASP C 180 -25.69 36.96 -45.13
C ASP C 180 -26.55 35.95 -44.39
N ASN C 181 -27.55 36.44 -43.67
CA ASN C 181 -28.53 35.59 -42.99
C ASN C 181 -27.86 34.61 -42.03
N ILE C 182 -26.87 35.10 -41.28
CA ILE C 182 -26.23 34.30 -40.24
C ILE C 182 -27.06 34.43 -38.97
N THR C 183 -27.62 33.32 -38.51
CA THR C 183 -28.42 33.29 -37.30
C THR C 183 -27.70 32.65 -36.12
N LYS C 184 -26.59 31.96 -36.36
CA LYS C 184 -25.84 31.29 -35.31
C LYS C 184 -24.35 31.44 -35.60
N LEU C 185 -23.58 31.72 -34.56
CA LEU C 185 -22.15 31.98 -34.71
C LEU C 185 -21.40 31.35 -33.54
N SER C 186 -20.16 30.96 -33.80
CA SER C 186 -19.27 30.42 -32.79
C SER C 186 -18.21 31.45 -32.46
N ILE C 187 -18.02 31.72 -31.17
CA ILE C 187 -17.08 32.73 -30.72
C ILE C 187 -16.21 32.11 -29.62
N PRO C 188 -14.94 32.48 -29.50
CA PRO C 188 -14.12 31.91 -28.43
C PRO C 188 -14.67 32.26 -27.06
N THR C 189 -14.53 31.32 -26.13
CA THR C 189 -15.00 31.54 -24.76
C THR C 189 -14.22 32.66 -24.08
N ASP C 190 -12.91 32.73 -24.33
CA ASP C 190 -12.03 33.68 -23.67
C ASP C 190 -12.16 35.09 -24.23
N SER C 191 -13.18 35.37 -25.04
CA SER C 191 -13.39 36.70 -25.61
C SER C 191 -14.73 37.31 -25.22
N ILE C 192 -15.49 36.65 -24.35
CA ILE C 192 -16.80 37.15 -23.92
C ILE C 192 -16.96 36.95 -22.42
N TRP C 193 -17.93 37.67 -21.86
CA TRP C 193 -18.23 37.55 -20.44
C TRP C 193 -18.81 36.18 -20.14
N VAL C 194 -18.32 35.55 -19.07
CA VAL C 194 -18.78 34.23 -18.66
C VAL C 194 -19.12 34.28 -17.17
N PRO C 195 -20.29 33.82 -16.75
CA PRO C 195 -20.64 33.87 -15.33
C PRO C 195 -19.74 32.97 -14.50
N ASP C 196 -19.56 33.37 -13.24
CA ASP C 196 -18.70 32.64 -12.30
C ASP C 196 -19.53 31.64 -11.50
N ILE C 197 -20.17 30.73 -12.22
CA ILE C 197 -20.97 29.68 -11.59
C ILE C 197 -20.03 28.60 -11.08
N LEU C 198 -20.13 28.29 -9.78
CA LEU C 198 -19.30 27.28 -9.15
C LEU C 198 -20.16 26.41 -8.25
N ILE C 199 -19.54 25.39 -7.67
CA ILE C 199 -20.20 24.47 -6.77
C ILE C 199 -19.68 24.73 -5.36
N ASN C 200 -20.61 24.95 -4.42
CA ASN C 200 -20.21 25.24 -3.05
C ASN C 200 -19.44 24.08 -2.43
N GLU C 201 -19.85 22.86 -2.73
CA GLU C 201 -19.25 21.66 -2.15
C GLU C 201 -17.84 21.40 -2.66
N PHE C 202 -17.24 22.26 -3.48
CA PHE C 202 -15.89 22.01 -3.96
C PHE C 202 -14.91 21.91 -2.79
N VAL C 203 -14.09 20.87 -2.83
CA VAL C 203 -12.93 20.76 -1.95
C VAL C 203 -11.63 20.59 -2.72
N ASP C 204 -11.70 20.43 -4.03
CA ASP C 204 -10.53 20.21 -4.88
C ASP C 204 -10.91 20.61 -6.29
N VAL C 205 -9.91 20.90 -7.11
CA VAL C 205 -10.11 21.28 -8.49
C VAL C 205 -9.80 20.08 -9.36
N GLY C 206 -10.81 19.57 -10.05
CA GLY C 206 -10.60 18.49 -11.00
C GLY C 206 -10.10 19.02 -12.32
N LYS C 207 -9.38 18.17 -13.04
CA LYS C 207 -8.75 18.56 -14.30
C LYS C 207 -9.69 18.18 -15.43
N SER C 208 -10.21 19.18 -16.14
CA SER C 208 -11.18 18.94 -17.20
C SER C 208 -10.74 19.64 -18.47
N PRO C 209 -11.07 19.07 -19.63
CA PRO C 209 -10.67 19.71 -20.89
C PRO C 209 -11.32 21.07 -21.06
N ASN C 210 -10.58 21.99 -21.66
CA ASN C 210 -11.07 23.34 -21.88
C ASN C 210 -11.80 23.40 -23.21
N ILE C 211 -13.01 23.97 -23.20
CA ILE C 211 -13.81 24.16 -24.40
C ILE C 211 -13.54 25.58 -24.91
N PRO C 212 -12.87 25.74 -26.06
CA PRO C 212 -12.45 27.09 -26.48
C PRO C 212 -13.55 27.93 -27.10
N TYR C 213 -14.65 27.33 -27.56
CA TYR C 213 -15.67 28.04 -28.31
C TYR C 213 -17.03 27.89 -27.65
N VAL C 214 -17.89 28.89 -27.87
CA VAL C 214 -19.27 28.86 -27.45
C VAL C 214 -20.13 29.30 -28.63
N TYR C 215 -21.40 28.90 -28.61
CA TYR C 215 -22.34 29.25 -29.66
C TYR C 215 -23.11 30.51 -29.27
N ILE C 216 -23.30 31.39 -30.24
CA ILE C 216 -24.00 32.65 -30.05
C ILE C 216 -25.03 32.81 -31.16
N ARG C 217 -26.22 33.25 -30.80
CA ARG C 217 -27.31 33.44 -31.74
C ARG C 217 -27.64 34.92 -31.86
N HIS C 218 -28.33 35.27 -32.96
CA HIS C 218 -28.50 36.67 -33.32
C HIS C 218 -29.28 37.44 -32.25
N GLN C 219 -30.13 36.78 -31.49
CA GLN C 219 -30.93 37.44 -30.47
C GLN C 219 -30.21 37.56 -29.14
N GLY C 220 -28.98 37.06 -29.03
CA GLY C 220 -28.15 37.25 -27.85
C GLY C 220 -27.87 36.02 -27.03
N GLU C 221 -28.57 34.92 -27.26
CA GLU C 221 -28.36 33.72 -26.46
C GLU C 221 -26.95 33.18 -26.70
N VAL C 222 -26.29 32.80 -25.61
CA VAL C 222 -24.94 32.24 -25.65
C VAL C 222 -25.02 30.85 -25.03
N GLN C 223 -24.56 29.85 -25.77
CA GLN C 223 -24.58 28.47 -25.33
C GLN C 223 -23.16 28.02 -25.02
N ASN C 224 -22.94 27.53 -23.80
CA ASN C 224 -21.63 27.07 -23.34
C ASN C 224 -21.75 25.64 -22.87
N TYR C 225 -21.12 24.71 -23.57
CA TYR C 225 -21.05 23.31 -23.19
C TYR C 225 -19.64 23.01 -22.69
N LYS C 226 -19.54 22.37 -21.53
CA LYS C 226 -18.22 22.02 -21.03
C LYS C 226 -18.32 20.88 -20.03
N PRO C 227 -17.46 19.87 -20.11
CA PRO C 227 -17.45 18.84 -19.07
C PRO C 227 -16.65 19.26 -17.87
N LEU C 228 -17.02 18.71 -16.72
CA LEU C 228 -16.41 19.09 -15.45
C LEU C 228 -16.17 17.86 -14.60
N GLN C 229 -14.93 17.69 -14.14
CA GLN C 229 -14.60 16.72 -13.11
C GLN C 229 -14.64 17.46 -11.78
N VAL C 230 -15.69 17.22 -11.00
CA VAL C 230 -15.94 17.96 -9.77
C VAL C 230 -15.63 17.06 -8.59
N VAL C 231 -14.78 17.54 -7.69
CA VAL C 231 -14.43 16.84 -6.46
C VAL C 231 -15.19 17.56 -5.34
N THR C 232 -16.26 16.94 -4.86
CA THR C 232 -17.16 17.55 -3.90
C THR C 232 -17.23 16.69 -2.65
N ALA C 233 -17.40 17.36 -1.51
CA ALA C 233 -17.56 16.70 -0.23
C ALA C 233 -19.03 16.64 0.16
N CYS C 234 -19.48 15.46 0.54
CA CYS C 234 -20.87 15.25 0.94
C CYS C 234 -20.90 14.27 2.10
N SER C 235 -22.10 13.96 2.58
CA SER C 235 -22.31 13.06 3.72
C SER C 235 -22.44 11.65 3.17
N LEU C 236 -21.40 10.84 3.36
CA LEU C 236 -21.39 9.44 2.91
C LEU C 236 -21.65 8.56 4.12
N ASP C 237 -22.92 8.35 4.44
CA ASP C 237 -23.30 7.47 5.53
C ASP C 237 -23.26 6.02 5.04
N ILE C 238 -22.46 5.20 5.71
CA ILE C 238 -22.26 3.80 5.29
C ILE C 238 -22.92 2.88 6.31
N TYR C 239 -23.96 3.36 6.98
CA TYR C 239 -24.65 2.54 7.97
C TYR C 239 -25.23 1.28 7.34
N ASN C 240 -25.83 1.41 6.15
CA ASN C 240 -26.42 0.28 5.46
C ASN C 240 -25.43 -0.38 4.49
N PHE C 241 -24.14 -0.15 4.68
CA PHE C 241 -23.14 -0.76 3.81
C PHE C 241 -23.24 -2.28 3.89
N PRO C 242 -23.14 -2.99 2.76
CA PRO C 242 -22.89 -2.54 1.38
C PRO C 242 -24.15 -2.16 0.61
N PHE C 243 -25.31 -2.10 1.27
CA PHE C 243 -26.57 -1.73 0.63
C PHE C 243 -26.89 -0.24 0.83
N ASP C 244 -25.86 0.59 0.96
CA ASP C 244 -26.07 2.01 1.26
C ASP C 244 -26.47 2.77 0.01
N VAL C 245 -27.38 3.72 0.19
CA VAL C 245 -27.81 4.63 -0.87
C VAL C 245 -27.37 6.02 -0.45
N GLN C 246 -26.43 6.59 -1.19
CA GLN C 246 -25.87 7.89 -0.87
C GLN C 246 -26.68 9.01 -1.52
N ASN C 247 -26.65 10.17 -0.88
CA ASN C 247 -27.42 11.34 -1.31
C ASN C 247 -26.50 12.55 -1.24
N CYS C 248 -25.75 12.79 -2.32
CA CYS C 248 -24.77 13.86 -2.39
C CYS C 248 -25.33 14.98 -3.26
N SER C 249 -25.18 16.22 -2.81
CA SER C 249 -25.78 17.37 -3.44
C SER C 249 -24.73 18.21 -4.15
N LEU C 250 -25.08 18.73 -5.32
CA LEU C 250 -24.24 19.66 -6.07
C LEU C 250 -24.98 21.00 -6.12
N THR C 251 -24.43 22.00 -5.46
CA THR C 251 -25.06 23.30 -5.31
C THR C 251 -24.37 24.30 -6.25
N PHE C 252 -24.96 24.50 -7.42
CA PHE C 252 -24.43 25.47 -8.38
C PHE C 252 -24.91 26.86 -8.00
N THR C 253 -23.97 27.77 -7.79
CA THR C 253 -24.29 29.13 -7.37
C THR C 253 -23.21 30.08 -7.86
N SER C 254 -23.59 31.33 -8.06
CA SER C 254 -22.62 32.37 -8.40
C SER C 254 -21.85 32.77 -7.16
N TRP C 255 -20.53 32.58 -7.18
CA TRP C 255 -19.74 32.78 -5.99
C TRP C 255 -19.80 34.22 -5.50
N LEU C 256 -19.69 35.18 -6.41
CA LEU C 256 -19.64 36.58 -6.04
C LEU C 256 -21.00 37.27 -6.25
N HIS C 257 -21.51 37.24 -7.48
CA HIS C 257 -22.70 38.01 -7.82
C HIS C 257 -23.89 37.54 -7.01
N THR C 258 -24.64 38.51 -6.47
CA THR C 258 -25.87 38.22 -5.76
C THR C 258 -27.02 38.04 -6.75
N ILE C 259 -28.18 37.67 -6.22
CA ILE C 259 -29.33 37.38 -7.06
C ILE C 259 -29.78 38.60 -7.84
N GLN C 260 -29.48 39.80 -7.34
CA GLN C 260 -29.81 41.01 -8.07
C GLN C 260 -28.99 41.16 -9.35
N ASP C 261 -27.93 40.38 -9.53
CA ASP C 261 -27.10 40.40 -10.71
C ASP C 261 -27.19 39.11 -11.52
N ILE C 262 -26.96 37.97 -10.89
CA ILE C 262 -27.01 36.67 -11.56
C ILE C 262 -28.05 35.81 -10.84
N ASN C 263 -29.00 35.29 -11.62
CA ASN C 263 -29.96 34.31 -11.14
C ASN C 263 -29.84 33.05 -11.99
N ILE C 264 -30.23 31.92 -11.41
CA ILE C 264 -30.02 30.61 -12.00
C ILE C 264 -31.35 29.91 -12.15
N SER C 265 -31.53 29.21 -13.27
CA SER C 265 -32.73 28.43 -13.55
C SER C 265 -32.32 27.17 -14.28
N LEU C 266 -33.31 26.33 -14.59
CA LEU C 266 -33.06 25.05 -15.26
C LEU C 266 -33.25 25.18 -16.77
N TRP C 267 -32.36 24.53 -17.51
CA TRP C 267 -32.50 24.49 -18.96
C TRP C 267 -33.74 23.70 -19.37
N ARG C 268 -33.88 22.50 -18.81
CA ARG C 268 -34.93 21.56 -19.15
C ARG C 268 -35.97 21.53 -18.02
N LEU C 269 -37.03 20.76 -18.24
CA LEU C 269 -38.00 20.54 -17.19
C LEU C 269 -37.38 19.70 -16.08
N PRO C 270 -37.82 19.88 -14.83
CA PRO C 270 -37.24 19.10 -13.73
C PRO C 270 -37.38 17.61 -13.91
N GLU C 271 -38.48 17.15 -14.51
CA GLU C 271 -38.69 15.71 -14.68
C GLU C 271 -37.63 15.11 -15.60
N LYS C 272 -37.32 15.79 -16.71
CA LYS C 272 -36.33 15.27 -17.63
C LYS C 272 -34.96 15.17 -16.98
N VAL C 273 -34.58 16.19 -16.21
CA VAL C 273 -33.30 16.14 -15.51
C VAL C 273 -33.31 15.02 -14.48
N LYS C 274 -34.47 14.78 -13.85
CA LYS C 274 -34.56 13.78 -12.80
C LYS C 274 -34.26 12.39 -13.34
N SER C 275 -34.71 12.10 -14.56
CA SER C 275 -34.60 10.77 -15.15
C SER C 275 -33.62 10.74 -16.33
N ASP C 276 -32.60 11.60 -16.33
CA ASP C 276 -31.63 11.64 -17.40
C ASP C 276 -30.49 10.67 -17.08
N ARG C 277 -30.47 9.53 -17.76
CA ARG C 277 -29.46 8.49 -17.55
C ARG C 277 -28.99 7.94 -18.88
N SER C 278 -28.87 8.81 -19.88
CA SER C 278 -28.57 8.35 -21.23
C SER C 278 -27.12 7.91 -21.38
N VAL C 279 -26.18 8.67 -20.81
CA VAL C 279 -24.76 8.45 -21.02
C VAL C 279 -24.06 8.01 -19.74
N PHE C 280 -24.81 7.66 -18.69
CA PHE C 280 -24.19 7.24 -17.45
C PHE C 280 -23.49 5.90 -17.63
N MET C 281 -22.30 5.79 -17.02
CA MET C 281 -21.55 4.54 -17.03
C MET C 281 -22.16 3.61 -15.99
N ASN C 282 -23.08 2.76 -16.44
CA ASN C 282 -23.85 1.91 -15.53
C ASN C 282 -23.10 0.65 -15.11
N GLN C 283 -21.92 0.39 -15.67
CA GLN C 283 -21.16 -0.81 -15.34
C GLN C 283 -20.31 -0.65 -14.10
N GLY C 284 -20.31 0.53 -13.48
CA GLY C 284 -19.48 0.77 -12.31
C GLY C 284 -20.09 0.23 -11.04
N GLU C 285 -19.40 0.51 -9.93
CA GLU C 285 -19.85 0.03 -8.63
C GLU C 285 -21.13 0.72 -8.19
N TRP C 286 -21.38 1.93 -8.69
CA TRP C 286 -22.50 2.75 -8.24
C TRP C 286 -23.54 2.90 -9.34
N GLU C 287 -24.81 2.80 -8.94
CA GLU C 287 -25.94 2.94 -9.85
C GLU C 287 -26.63 4.27 -9.59
N LEU C 288 -26.89 5.02 -10.65
CA LEU C 288 -27.51 6.34 -10.53
C LEU C 288 -29.02 6.20 -10.49
N LEU C 289 -29.63 6.60 -9.37
CA LEU C 289 -31.08 6.54 -9.26
C LEU C 289 -31.75 7.77 -9.85
N GLY C 290 -31.20 8.95 -9.58
CA GLY C 290 -31.77 10.17 -10.12
C GLY C 290 -30.92 11.37 -9.75
N VAL C 291 -31.25 12.50 -10.39
CA VAL C 291 -30.60 13.78 -10.14
C VAL C 291 -31.72 14.77 -9.89
N LEU C 292 -31.98 15.09 -8.63
CA LEU C 292 -33.12 15.92 -8.27
C LEU C 292 -32.70 17.38 -8.19
N PRO C 293 -33.23 18.27 -9.03
CA PRO C 293 -32.90 19.69 -8.91
C PRO C 293 -33.79 20.40 -7.92
N TYR C 294 -33.25 21.49 -7.36
CA TYR C 294 -33.97 22.27 -6.36
C TYR C 294 -33.35 23.66 -6.29
N PHE C 295 -34.20 24.69 -6.42
CA PHE C 295 -33.75 26.07 -6.41
C PHE C 295 -34.00 26.69 -5.04
N ARG C 296 -33.05 27.51 -4.60
CA ARG C 296 -33.13 28.16 -3.30
C ARG C 296 -32.44 29.51 -3.37
N GLU C 297 -33.03 30.52 -2.70
CA GLU C 297 -32.45 31.85 -2.61
C GLU C 297 -31.72 31.95 -1.27
N PHE C 298 -30.46 31.51 -1.27
CA PHE C 298 -29.64 31.48 -0.08
C PHE C 298 -29.23 32.90 0.33
N SER C 299 -29.00 33.07 1.63
CA SER C 299 -28.62 34.38 2.15
C SER C 299 -27.98 34.23 3.52
N MET C 300 -27.02 35.09 3.80
CA MET C 300 -26.42 35.25 5.12
C MET C 300 -26.47 36.69 5.62
N GLU C 301 -26.30 37.66 4.73
CA GLU C 301 -26.34 39.07 5.11
C GLU C 301 -27.77 39.58 5.06
N SER C 302 -27.92 40.89 5.30
CA SER C 302 -29.26 41.48 5.33
C SER C 302 -29.86 41.57 3.93
N SER C 303 -29.04 41.76 2.91
CA SER C 303 -29.53 41.92 1.54
C SER C 303 -28.75 41.08 0.53
N ASN C 304 -27.72 40.36 0.94
CA ASN C 304 -26.91 39.56 0.02
C ASN C 304 -27.59 38.20 -0.18
N TYR C 305 -28.65 38.22 -0.99
CA TYR C 305 -29.34 37.00 -1.37
C TYR C 305 -28.68 36.38 -2.60
N TYR C 306 -28.48 35.07 -2.55
CA TYR C 306 -27.74 34.35 -3.58
C TYR C 306 -28.62 33.26 -4.18
N ALA C 307 -28.53 33.10 -5.49
CA ALA C 307 -29.27 32.05 -6.17
C ALA C 307 -28.49 30.75 -6.15
N GLU C 308 -29.18 29.66 -5.82
CA GLU C 308 -28.59 28.33 -5.74
C GLU C 308 -29.47 27.35 -6.48
N MET C 309 -28.85 26.40 -7.17
CA MET C 309 -29.53 25.29 -7.83
C MET C 309 -28.88 24.01 -7.35
N LYS C 310 -29.58 23.26 -6.50
CA LYS C 310 -29.04 22.07 -5.87
C LYS C 310 -29.48 20.84 -6.64
N PHE C 311 -28.50 20.07 -7.12
CA PHE C 311 -28.74 18.81 -7.78
C PHE C 311 -28.38 17.68 -6.82
N TYR C 312 -29.37 16.90 -6.43
CA TYR C 312 -29.17 15.80 -5.48
C TYR C 312 -28.85 14.54 -6.27
N VAL C 313 -27.58 14.18 -6.32
CA VAL C 313 -27.13 12.99 -7.04
C VAL C 313 -27.31 11.79 -6.12
N VAL C 314 -28.30 10.96 -6.41
CA VAL C 314 -28.60 9.77 -5.62
C VAL C 314 -27.95 8.58 -6.32
N ILE C 315 -27.07 7.88 -5.61
CA ILE C 315 -26.35 6.74 -6.15
C ILE C 315 -26.50 5.58 -5.19
N ARG C 316 -26.70 4.38 -5.74
CA ARG C 316 -26.87 3.16 -4.96
C ARG C 316 -25.74 2.20 -5.29
N ARG C 317 -25.12 1.65 -4.25
CA ARG C 317 -24.02 0.73 -4.43
C ARG C 317 -24.51 -0.64 -4.86
N ARG C 318 -23.68 -1.34 -5.63
CA ARG C 318 -23.97 -2.72 -6.03
C ARG C 318 -23.33 -3.65 -5.00
N PRO C 319 -24.11 -4.40 -4.22
CA PRO C 319 -23.53 -5.14 -3.09
C PRO C 319 -23.04 -6.55 -3.40
N LEU C 320 -23.28 -7.07 -4.60
CA LEU C 320 -22.97 -8.47 -4.86
C LEU C 320 -21.49 -8.77 -4.66
N PHE C 321 -20.62 -7.89 -5.15
CA PHE C 321 -19.19 -8.10 -4.98
C PHE C 321 -18.81 -8.16 -3.51
N TYR C 322 -19.21 -7.15 -2.74
CA TYR C 322 -18.91 -7.14 -1.31
C TYR C 322 -19.60 -8.29 -0.60
N VAL C 323 -20.85 -8.58 -0.95
CA VAL C 323 -21.56 -9.68 -0.33
C VAL C 323 -20.77 -10.98 -0.47
N VAL C 324 -20.31 -11.27 -1.69
CA VAL C 324 -19.52 -12.48 -1.91
C VAL C 324 -18.22 -12.42 -1.11
N SER C 325 -17.43 -11.37 -1.35
CA SER C 325 -16.09 -11.29 -0.78
C SER C 325 -16.13 -11.32 0.75
N LEU C 326 -17.25 -10.98 1.37
CA LEU C 326 -17.36 -11.01 2.82
C LEU C 326 -17.99 -12.29 3.34
N LEU C 327 -19.08 -12.75 2.73
CA LEU C 327 -19.76 -13.94 3.23
C LEU C 327 -18.95 -15.21 2.98
N LEU C 328 -18.45 -15.38 1.76
CA LEU C 328 -17.85 -16.66 1.37
C LEU C 328 -16.76 -17.10 2.34
N PRO C 329 -15.77 -16.27 2.70
CA PRO C 329 -14.83 -16.70 3.74
C PRO C 329 -15.51 -16.99 5.07
N SER C 330 -16.51 -16.19 5.42
CA SER C 330 -17.19 -16.39 6.71
C SER C 330 -17.92 -17.72 6.74
N ILE C 331 -18.69 -18.04 5.70
CA ILE C 331 -19.40 -19.31 5.68
C ILE C 331 -18.42 -20.47 5.58
N PHE C 332 -17.32 -20.29 4.85
CA PHE C 332 -16.32 -21.36 4.78
C PHE C 332 -15.74 -21.66 6.16
N LEU C 333 -15.37 -20.61 6.90
CA LEU C 333 -14.80 -20.82 8.23
C LEU C 333 -15.85 -21.39 9.19
N MET C 334 -17.10 -20.95 9.08
CA MET C 334 -18.14 -21.50 9.94
C MET C 334 -18.35 -22.98 9.64
N VAL C 335 -18.36 -23.36 8.37
CA VAL C 335 -18.50 -24.77 8.01
C VAL C 335 -17.33 -25.57 8.56
N MET C 336 -16.12 -25.03 8.45
CA MET C 336 -14.96 -25.72 9.00
C MET C 336 -15.10 -25.89 10.51
N ASP C 337 -15.63 -24.87 11.19
CA ASP C 337 -15.89 -24.99 12.63
C ASP C 337 -16.89 -26.10 12.90
N ILE C 338 -17.94 -26.20 12.09
CA ILE C 338 -18.92 -27.26 12.28
C ILE C 338 -18.26 -28.63 12.12
N VAL C 339 -17.40 -28.77 11.11
CA VAL C 339 -16.73 -30.04 10.88
C VAL C 339 -15.81 -30.39 12.04
N GLY C 340 -15.18 -29.39 12.66
CA GLY C 340 -14.24 -29.64 13.73
C GLY C 340 -14.84 -30.34 14.92
N PHE C 341 -16.17 -30.25 15.10
CA PHE C 341 -16.80 -30.91 16.23
C PHE C 341 -16.67 -32.42 16.15
N TYR C 342 -16.54 -32.97 14.95
CA TYR C 342 -16.46 -34.42 14.80
C TYR C 342 -15.14 -35.00 15.31
N LEU C 343 -14.14 -34.17 15.53
CA LEU C 343 -12.88 -34.67 16.06
C LEU C 343 -13.08 -35.15 17.49
N PRO C 344 -12.63 -36.36 17.84
CA PRO C 344 -12.80 -36.84 19.20
C PRO C 344 -12.04 -35.97 20.18
N PRO C 345 -12.61 -35.70 21.36
CA PRO C 345 -11.90 -34.84 22.33
C PRO C 345 -10.60 -35.43 22.82
N ASN C 346 -10.45 -36.76 22.80
CA ASN C 346 -9.24 -37.38 23.34
C ASN C 346 -8.04 -37.15 22.43
N SER C 347 -8.26 -36.95 21.13
CA SER C 347 -7.15 -36.82 20.19
C SER C 347 -6.27 -35.63 20.54
N GLY C 348 -6.84 -34.59 21.15
CA GLY C 348 -6.11 -33.39 21.47
C GLY C 348 -5.98 -32.41 20.32
N GLU C 349 -6.09 -32.89 19.07
CA GLU C 349 -6.02 -32.01 17.91
C GLU C 349 -7.24 -31.10 17.79
N ARG C 350 -8.30 -31.35 18.55
CA ARG C 350 -9.49 -30.51 18.45
C ARG C 350 -9.20 -29.08 18.90
N VAL C 351 -8.48 -28.93 20.01
CA VAL C 351 -8.17 -27.59 20.52
C VAL C 351 -7.27 -26.85 19.54
N SER C 352 -6.26 -27.52 19.00
CA SER C 352 -5.38 -26.89 18.02
C SER C 352 -6.16 -26.48 16.79
N PHE C 353 -7.05 -27.36 16.31
CA PHE C 353 -7.89 -27.03 15.17
C PHE C 353 -8.71 -25.78 15.43
N LYS C 354 -9.39 -25.74 16.59
CA LYS C 354 -10.26 -24.61 16.89
C LYS C 354 -9.46 -23.31 17.02
N ILE C 355 -8.32 -23.35 17.71
CA ILE C 355 -7.56 -22.13 17.90
C ILE C 355 -6.95 -21.66 16.59
N THR C 356 -6.51 -22.59 15.74
CA THR C 356 -6.01 -22.19 14.42
C THR C 356 -7.11 -21.57 13.58
N LEU C 357 -8.32 -22.14 13.64
CA LEU C 357 -9.44 -21.57 12.90
C LEU C 357 -9.76 -20.17 13.41
N LEU C 358 -9.73 -19.97 14.73
CA LEU C 358 -9.99 -18.65 15.28
C LEU C 358 -8.92 -17.66 14.87
N LEU C 359 -7.65 -18.08 14.85
CA LEU C 359 -6.58 -17.20 14.39
C LEU C 359 -6.78 -16.82 12.93
N GLY C 360 -7.14 -17.79 12.09
CA GLY C 360 -7.41 -17.47 10.69
C GLY C 360 -8.56 -16.50 10.54
N TYR C 361 -9.63 -16.69 11.30
CA TYR C 361 -10.75 -15.77 11.24
C TYR C 361 -10.36 -14.38 11.70
N SER C 362 -9.54 -14.29 12.75
CA SER C 362 -9.09 -12.99 13.22
C SER C 362 -8.25 -12.28 12.15
N VAL C 363 -7.36 -13.02 11.49
CA VAL C 363 -6.56 -12.43 10.41
C VAL C 363 -7.47 -11.95 9.29
N PHE C 364 -8.45 -12.78 8.91
CA PHE C 364 -9.38 -12.39 7.86
C PHE C 364 -10.14 -11.13 8.24
N LEU C 365 -10.60 -11.05 9.49
CA LEU C 365 -11.36 -9.89 9.94
C LEU C 365 -10.49 -8.64 9.96
N ILE C 366 -9.23 -8.77 10.37
CA ILE C 366 -8.32 -7.63 10.37
C ILE C 366 -8.12 -7.13 8.94
N ILE C 367 -7.91 -8.06 8.00
CA ILE C 367 -7.75 -7.66 6.61
C ILE C 367 -9.01 -6.98 6.09
N VAL C 368 -10.17 -7.54 6.42
CA VAL C 368 -11.44 -6.97 5.97
C VAL C 368 -11.60 -5.55 6.50
N SER C 369 -11.31 -5.34 7.78
CA SER C 369 -11.39 -4.01 8.36
C SER C 369 -10.43 -3.05 7.69
N ASP C 370 -9.21 -3.52 7.40
CA ASP C 370 -8.23 -2.68 6.72
C ASP C 370 -8.65 -2.37 5.29
N THR C 371 -9.50 -3.19 4.68
CA THR C 371 -9.92 -2.99 3.30
C THR C 371 -11.28 -2.32 3.16
N LEU C 372 -12.21 -2.60 4.07
CA LEU C 372 -13.56 -2.06 3.94
C LEU C 372 -13.58 -0.58 4.32
N PRO C 373 -14.50 0.19 3.73
CA PRO C 373 -14.63 1.60 4.12
C PRO C 373 -15.24 1.74 5.51
N ALA C 374 -14.93 2.86 6.16
CA ALA C 374 -15.46 3.14 7.48
C ALA C 374 -15.49 4.65 7.68
N THR C 375 -16.36 5.08 8.60
CA THR C 375 -16.52 6.49 8.94
C THR C 375 -16.38 6.67 10.44
N ALA C 376 -15.75 7.76 10.84
CA ALA C 376 -15.52 8.02 12.26
C ALA C 376 -16.81 8.40 12.99
N ILE C 377 -17.87 8.78 12.26
CA ILE C 377 -19.12 9.16 12.91
C ILE C 377 -19.97 7.96 13.27
N GLY C 378 -19.83 6.85 12.56
CA GLY C 378 -20.62 5.66 12.84
C GLY C 378 -20.14 4.44 12.10
N THR C 379 -20.19 3.26 12.76
CA THR C 379 -19.75 2.03 12.12
C THR C 379 -20.89 1.39 11.33
N PRO C 380 -20.57 0.63 10.29
CA PRO C 380 -21.62 -0.03 9.52
C PRO C 380 -22.26 -1.16 10.30
N LEU C 381 -23.51 -1.47 9.93
CA LEU C 381 -24.24 -2.56 10.57
C LEU C 381 -23.63 -3.91 10.26
N ILE C 382 -22.88 -4.03 9.17
CA ILE C 382 -22.27 -5.31 8.81
C ILE C 382 -21.26 -5.76 9.85
N GLY C 383 -20.68 -4.82 10.60
CA GLY C 383 -19.71 -5.19 11.63
C GLY C 383 -20.32 -5.97 12.77
N VAL C 384 -21.64 -5.85 12.98
CA VAL C 384 -22.30 -6.62 14.02
C VAL C 384 -22.28 -8.11 13.67
N TYR C 385 -22.47 -8.44 12.40
CA TYR C 385 -22.50 -9.84 11.99
C TYR C 385 -21.13 -10.50 12.15
N PHE C 386 -20.06 -9.75 11.88
CA PHE C 386 -18.72 -10.28 12.13
C PHE C 386 -18.51 -10.55 13.62
N VAL C 387 -18.99 -9.65 14.47
CA VAL C 387 -18.89 -9.86 15.92
C VAL C 387 -19.68 -11.09 16.32
N VAL C 388 -20.85 -11.30 15.71
CA VAL C 388 -21.67 -12.47 16.01
C VAL C 388 -20.94 -13.75 15.61
N CYS C 389 -20.30 -13.75 14.43
CA CYS C 389 -19.54 -14.92 13.99
C CYS C 389 -18.37 -15.18 14.93
N MET C 390 -17.67 -14.13 15.35
CA MET C 390 -16.57 -14.31 16.30
C MET C 390 -17.08 -14.88 17.62
N ALA C 391 -18.24 -14.40 18.08
CA ALA C 391 -18.83 -14.93 19.30
C ALA C 391 -19.18 -16.41 19.15
N LEU C 392 -19.72 -16.78 17.98
CA LEU C 392 -20.03 -18.18 17.73
C LEU C 392 -18.76 -19.03 17.78
N LEU C 393 -17.68 -18.56 17.15
CA LEU C 393 -16.43 -19.31 17.17
C LEU C 393 -15.89 -19.43 18.59
N VAL C 394 -15.97 -18.35 19.37
CA VAL C 394 -15.50 -18.38 20.74
C VAL C 394 -16.33 -19.35 21.57
N ILE C 395 -17.64 -19.39 21.33
CA ILE C 395 -18.50 -20.34 22.03
C ILE C 395 -18.12 -21.77 21.66
N SER C 396 -17.84 -22.01 20.38
CA SER C 396 -17.42 -23.34 19.96
C SER C 396 -16.12 -23.75 20.65
N LEU C 397 -15.16 -22.84 20.72
CA LEU C 397 -13.89 -23.17 21.37
C LEU C 397 -14.08 -23.37 22.86
N ALA C 398 -14.95 -22.58 23.49
CA ALA C 398 -15.21 -22.77 24.91
C ALA C 398 -15.86 -24.12 25.18
N GLU C 399 -16.79 -24.53 24.32
CA GLU C 399 -17.39 -25.85 24.46
C GLU C 399 -16.35 -26.94 24.28
N THR C 400 -15.46 -26.79 23.30
CA THR C 400 -14.40 -27.77 23.10
C THR C 400 -13.51 -27.86 24.34
N ILE C 401 -13.14 -26.71 24.92
CA ILE C 401 -12.30 -26.72 26.10
C ILE C 401 -13.02 -27.36 27.28
N PHE C 402 -14.32 -27.08 27.43
CA PHE C 402 -15.08 -27.67 28.51
C PHE C 402 -15.14 -29.19 28.36
N ILE C 403 -15.38 -29.68 27.15
CA ILE C 403 -15.41 -31.12 26.92
C ILE C 403 -14.05 -31.74 27.18
N VAL C 404 -12.98 -31.06 26.75
CA VAL C 404 -11.63 -31.59 26.98
C VAL C 404 -11.35 -31.69 28.47
N ARG C 405 -11.70 -30.65 29.23
CA ARG C 405 -11.51 -30.68 30.68
C ARG C 405 -12.33 -31.79 31.32
N LEU C 406 -13.57 -31.95 30.87
CA LEU C 406 -14.43 -32.99 31.43
C LEU C 406 -13.86 -34.38 31.17
N VAL C 407 -13.33 -34.60 29.96
CA VAL C 407 -12.72 -35.88 29.64
C VAL C 407 -11.45 -36.09 30.47
N HIS C 408 -10.61 -35.06 30.57
CA HIS C 408 -9.37 -35.19 31.34
C HIS C 408 -9.64 -35.31 32.84
N LYS C 409 -10.84 -35.00 33.29
CA LYS C 409 -11.18 -35.23 34.70
C LYS C 409 -10.92 -36.66 35.12
N GLN C 410 -10.78 -37.58 34.16
CA GLN C 410 -10.31 -38.93 34.49
C GLN C 410 -8.99 -38.86 35.24
N ASP C 411 -8.17 -37.85 34.97
CA ASP C 411 -6.94 -37.64 35.71
C ASP C 411 -7.18 -37.15 37.12
N LEU C 412 -8.43 -36.82 37.48
CA LEU C 412 -8.77 -36.45 38.85
C LEU C 412 -9.05 -37.65 39.74
N GLN C 413 -9.23 -38.84 39.16
CA GLN C 413 -9.51 -40.05 39.94
C GLN C 413 -10.73 -39.87 40.83
N GLN C 414 -11.72 -39.15 40.30
CA GLN C 414 -12.96 -38.84 41.00
C GLN C 414 -14.11 -39.56 40.33
N PRO C 415 -14.80 -40.51 40.98
CA PRO C 415 -15.93 -41.16 40.31
C PRO C 415 -17.01 -40.16 39.93
N VAL C 416 -17.68 -40.45 38.81
CA VAL C 416 -18.71 -39.54 38.30
C VAL C 416 -19.83 -39.40 39.32
N PRO C 417 -20.26 -38.18 39.66
CA PRO C 417 -21.39 -38.04 40.59
C PRO C 417 -22.64 -38.73 40.06
N ALA C 418 -23.44 -39.25 40.98
CA ALA C 418 -24.64 -39.98 40.60
C ALA C 418 -25.63 -39.09 39.86
N TRP C 419 -25.81 -37.84 40.32
CA TRP C 419 -26.75 -36.95 39.68
C TRP C 419 -26.34 -36.66 38.24
N LEU C 420 -25.06 -36.39 38.02
CA LEU C 420 -24.57 -36.18 36.66
C LEU C 420 -24.75 -37.43 35.82
N ARG C 421 -24.46 -38.60 36.39
CA ARG C 421 -24.68 -39.85 35.68
C ARG C 421 -26.11 -39.96 35.20
N HIS C 422 -27.07 -39.78 36.11
CA HIS C 422 -28.47 -39.84 35.72
C HIS C 422 -28.77 -38.83 34.61
N LEU C 423 -28.42 -37.56 34.86
CA LEU C 423 -28.80 -36.50 33.94
C LEU C 423 -28.27 -36.76 32.53
N VAL C 424 -27.03 -37.23 32.42
CA VAL C 424 -26.40 -37.37 31.12
C VAL C 424 -26.76 -38.70 30.46
N LEU C 425 -26.58 -39.81 31.16
CA LEU C 425 -26.73 -41.12 30.55
C LEU C 425 -28.17 -41.62 30.51
N GLU C 426 -29.12 -40.94 31.17
CA GLU C 426 -30.51 -41.38 31.16
C GLU C 426 -31.43 -40.38 30.47
N ARG C 427 -31.42 -39.13 30.90
CA ARG C 427 -32.30 -38.12 30.30
C ARG C 427 -31.74 -37.66 28.96
N ILE C 428 -30.53 -37.10 28.96
CA ILE C 428 -29.96 -36.55 27.74
C ILE C 428 -29.70 -37.65 26.72
N ALA C 429 -29.17 -38.80 27.17
CA ALA C 429 -28.91 -39.89 26.24
C ALA C 429 -30.19 -40.36 25.59
N TRP C 430 -31.27 -40.47 26.36
CA TRP C 430 -32.57 -40.83 25.77
C TRP C 430 -33.03 -39.77 24.78
N LEU C 431 -32.84 -38.49 25.12
CA LEU C 431 -33.21 -37.42 24.20
C LEU C 431 -32.44 -37.53 22.90
N LEU C 432 -31.16 -37.86 22.96
CA LEU C 432 -30.31 -37.97 21.79
C LEU C 432 -30.46 -39.31 21.07
N CYS C 433 -31.42 -40.14 21.48
CA CYS C 433 -31.69 -41.42 20.83
C CYS C 433 -30.45 -42.32 20.87
N LEU C 434 -29.73 -42.29 21.99
CA LEU C 434 -28.57 -43.15 22.18
C LEU C 434 -28.95 -44.41 22.93
N ALA C 488 4.20 -77.12 54.57
CA ALA C 488 4.45 -75.98 53.70
C ALA C 488 3.21 -75.11 53.57
N SER C 489 2.28 -75.26 54.52
CA SER C 489 1.04 -74.49 54.47
C SER C 489 1.31 -73.00 54.69
N LEU C 490 2.26 -72.66 55.57
CA LEU C 490 2.54 -71.27 55.85
C LEU C 490 3.09 -70.56 54.62
N ALA C 491 3.99 -71.22 53.88
CA ALA C 491 4.50 -70.62 52.66
C ALA C 491 3.39 -70.42 51.64
N VAL C 492 2.46 -71.38 51.56
CA VAL C 492 1.35 -71.25 50.61
C VAL C 492 0.43 -70.10 51.01
N CYS C 493 0.20 -69.92 52.32
CA CYS C 493 -0.62 -68.80 52.76
C CYS C 493 0.06 -67.47 52.53
N GLY C 494 1.39 -67.43 52.65
CA GLY C 494 2.12 -66.22 52.25
C GLY C 494 1.96 -65.93 50.77
N LEU C 495 2.09 -66.96 49.94
CA LEU C 495 1.80 -66.82 48.51
C LEU C 495 0.42 -66.24 48.29
N LEU C 496 -0.58 -66.76 49.03
CA LEU C 496 -1.95 -66.28 48.88
C LEU C 496 -2.04 -64.79 49.24
N GLN C 497 -1.45 -64.41 50.37
CA GLN C 497 -1.51 -63.02 50.81
C GLN C 497 -0.90 -62.10 49.76
N GLU C 498 0.26 -62.48 49.21
CA GLU C 498 0.87 -61.60 48.22
C GLU C 498 0.09 -61.58 46.93
N LEU C 499 -0.38 -62.73 46.47
CA LEU C 499 -1.08 -62.74 45.20
C LEU C 499 -2.38 -61.95 45.34
N SER C 500 -2.89 -61.83 46.57
CA SER C 500 -3.99 -60.91 46.84
C SER C 500 -3.53 -59.46 46.86
N SER C 501 -2.27 -59.20 47.23
CA SER C 501 -1.76 -57.83 47.03
C SER C 501 -1.73 -57.48 45.54
N ILE C 502 -1.31 -58.44 44.70
CA ILE C 502 -1.44 -58.29 43.26
C ILE C 502 -2.90 -58.06 42.88
N ARG C 503 -3.81 -58.82 43.50
CA ARG C 503 -5.24 -58.59 43.27
C ARG C 503 -5.58 -57.14 43.47
N GLN C 504 -5.16 -56.59 44.61
CA GLN C 504 -5.57 -55.23 44.98
C GLN C 504 -4.99 -54.20 44.04
N PHE C 505 -3.75 -54.40 43.60
CA PHE C 505 -3.15 -53.44 42.67
C PHE C 505 -3.83 -53.46 41.31
N LEU C 506 -4.09 -54.65 40.78
CA LEU C 506 -4.82 -54.70 39.50
C LEU C 506 -6.25 -54.22 39.66
N GLU C 507 -6.87 -54.47 40.81
CA GLU C 507 -8.16 -53.89 41.13
C GLU C 507 -8.13 -52.38 41.00
N LYS C 508 -7.13 -51.75 41.62
CA LYS C 508 -7.05 -50.29 41.58
C LYS C 508 -6.83 -49.78 40.16
N ARG C 509 -5.96 -50.44 39.40
CA ARG C 509 -5.72 -49.99 38.03
C ARG C 509 -6.99 -50.11 37.19
N ASP C 510 -7.69 -51.23 37.31
CA ASP C 510 -8.93 -51.41 36.54
C ASP C 510 -10.00 -50.41 36.98
N GLU C 511 -10.08 -50.12 38.28
CA GLU C 511 -11.05 -49.14 38.75
C GLU C 511 -10.75 -47.76 38.20
N ILE C 512 -9.47 -47.38 38.14
CA ILE C 512 -9.10 -46.11 37.54
C ILE C 512 -9.51 -46.09 36.07
N ARG C 513 -9.27 -47.19 35.36
CA ARG C 513 -9.66 -47.27 33.96
C ARG C 513 -11.16 -47.11 33.79
N GLU C 514 -11.95 -47.72 34.69
CA GLU C 514 -13.40 -47.63 34.59
C GLU C 514 -13.90 -46.21 34.93
N VAL C 515 -13.24 -45.54 35.87
CA VAL C 515 -13.60 -44.16 36.15
C VAL C 515 -13.36 -43.29 34.92
N ALA C 516 -12.21 -43.49 34.27
CA ALA C 516 -11.95 -42.79 33.02
C ALA C 516 -13.00 -43.14 31.98
N ARG C 517 -13.43 -44.40 31.96
CA ARG C 517 -14.50 -44.84 31.06
C ARG C 517 -15.76 -44.01 31.26
N ASP C 518 -16.20 -43.90 32.51
CA ASP C 518 -17.43 -43.17 32.81
C ASP C 518 -17.30 -41.70 32.43
N TRP C 519 -16.15 -41.09 32.77
CA TRP C 519 -15.96 -39.68 32.43
C TRP C 519 -15.99 -39.48 30.93
N LEU C 520 -15.35 -40.38 30.18
CA LEU C 520 -15.33 -40.26 28.72
C LEU C 520 -16.73 -40.41 28.14
N ARG C 521 -17.51 -41.36 28.65
CA ARG C 521 -18.87 -41.54 28.14
C ARG C 521 -19.70 -40.28 28.38
N VAL C 522 -19.61 -39.73 29.59
CA VAL C 522 -20.36 -38.51 29.90
C VAL C 522 -19.92 -37.38 28.99
N GLY C 523 -18.61 -37.23 28.80
CA GLY C 523 -18.10 -36.17 27.94
C GLY C 523 -18.59 -36.31 26.50
N SER C 524 -18.59 -37.54 25.99
CA SER C 524 -19.05 -37.76 24.61
C SER C 524 -20.53 -37.40 24.47
N VAL C 525 -21.35 -37.81 25.44
CA VAL C 525 -22.78 -37.50 25.37
C VAL C 525 -22.99 -36.00 25.39
N LEU C 526 -22.33 -35.30 26.32
CA LEU C 526 -22.48 -33.85 26.39
C LEU C 526 -21.95 -33.17 25.14
N ASP C 527 -20.88 -33.70 24.55
CA ASP C 527 -20.36 -33.14 23.31
C ASP C 527 -21.39 -33.27 22.19
N LYS C 528 -22.04 -34.42 22.09
CA LYS C 528 -23.09 -34.58 21.07
C LYS C 528 -24.21 -33.57 21.30
N LEU C 529 -24.65 -33.43 22.55
CA LEU C 529 -25.72 -32.48 22.86
C LEU C 529 -25.33 -31.06 22.45
N LEU C 530 -24.15 -30.61 22.88
CA LEU C 530 -23.74 -29.25 22.60
C LEU C 530 -23.48 -29.03 21.12
N PHE C 531 -23.01 -30.05 20.41
CA PHE C 531 -22.86 -29.94 18.97
C PHE C 531 -24.21 -29.73 18.30
N HIS C 532 -25.23 -30.49 18.72
CA HIS C 532 -26.56 -30.30 18.15
C HIS C 532 -27.07 -28.88 18.43
N ILE C 533 -26.89 -28.41 19.67
CA ILE C 533 -27.38 -27.08 20.04
C ILE C 533 -26.67 -26.01 19.21
N TYR C 534 -25.35 -26.12 19.09
CA TYR C 534 -24.58 -25.12 18.34
C TYR C 534 -24.96 -25.14 16.86
N LEU C 535 -25.16 -26.33 16.30
CA LEU C 535 -25.56 -26.43 14.91
C LEU C 535 -26.92 -25.78 14.69
N LEU C 536 -27.87 -26.01 15.61
CA LEU C 536 -29.17 -25.38 15.48
C LEU C 536 -29.06 -23.86 15.57
N ALA C 537 -28.24 -23.36 16.49
CA ALA C 537 -28.07 -21.91 16.61
C ALA C 537 -27.46 -21.33 15.34
N VAL C 538 -26.45 -22.00 14.79
CA VAL C 538 -25.83 -21.51 13.55
C VAL C 538 -26.83 -21.50 12.42
N LEU C 539 -27.64 -22.56 12.31
CA LEU C 539 -28.66 -22.62 11.27
C LEU C 539 -29.66 -21.48 11.43
N ALA C 540 -30.08 -21.21 12.67
CA ALA C 540 -31.02 -20.11 12.89
C ALA C 540 -30.41 -18.77 12.50
N TYR C 541 -29.15 -18.55 12.87
CA TYR C 541 -28.50 -17.29 12.51
C TYR C 541 -28.38 -17.15 11.00
N SER C 542 -28.00 -18.23 10.31
CA SER C 542 -27.90 -18.17 8.86
C SER C 542 -29.25 -17.90 8.22
N ILE C 543 -30.32 -18.51 8.74
CA ILE C 543 -31.65 -18.27 8.18
C ILE C 543 -32.07 -16.83 8.40
N THR C 544 -31.77 -16.28 9.58
CA THR C 544 -32.10 -14.88 9.85
C THR C 544 -31.35 -13.96 8.89
N LEU C 545 -30.07 -14.23 8.67
CA LEU C 545 -29.29 -13.41 7.73
C LEU C 545 -29.84 -13.51 6.32
N VAL C 546 -30.24 -14.72 5.91
CA VAL C 546 -30.80 -14.91 4.58
C VAL C 546 -32.12 -14.15 4.45
N MET C 547 -32.92 -14.16 5.52
CA MET C 547 -34.18 -13.43 5.48
C MET C 547 -33.95 -11.92 5.39
N LEU C 548 -32.95 -11.42 6.12
CA LEU C 548 -32.60 -10.00 6.00
C LEU C 548 -32.17 -9.67 4.58
N TRP C 549 -31.34 -10.53 3.98
CA TRP C 549 -30.91 -10.30 2.61
C TRP C 549 -32.09 -10.32 1.65
N SER C 550 -33.03 -11.24 1.85
CA SER C 550 -34.21 -11.30 0.99
C SER C 550 -35.05 -10.04 1.14
N ILE C 551 -35.17 -9.52 2.36
CA ILE C 551 -35.90 -8.28 2.58
C ILE C 551 -35.22 -7.14 1.81
N TRP C 552 -33.90 -7.04 1.94
CA TRP C 552 -33.17 -6.00 1.21
C TRP C 552 -33.23 -6.20 -0.30
N GLN C 553 -33.47 -7.42 -0.76
CA GLN C 553 -33.46 -7.72 -2.19
C GLN C 553 -34.81 -7.46 -2.85
N TYR C 554 -35.90 -7.89 -2.22
CA TYR C 554 -37.21 -7.85 -2.85
C TYR C 554 -38.10 -6.72 -2.35
N ALA C 555 -37.81 -6.15 -1.19
CA ALA C 555 -38.63 -5.06 -0.67
C ALA C 555 -38.42 -3.78 -1.49
N THR D 106 11.85 40.84 -53.86
CA THR D 106 11.55 41.66 -52.67
C THR D 106 12.68 41.54 -51.64
N THR D 107 12.97 42.64 -50.95
CA THR D 107 14.09 42.66 -50.00
C THR D 107 13.85 41.70 -48.84
N ARG D 108 12.62 41.66 -48.33
CA ARG D 108 12.35 40.86 -47.14
C ARG D 108 12.46 39.37 -47.46
N PRO D 109 12.78 38.54 -46.47
CA PRO D 109 12.78 37.09 -46.70
C PRO D 109 11.41 36.60 -47.10
N ALA D 110 11.39 35.54 -47.92
CA ALA D 110 10.13 35.03 -48.45
C ALA D 110 9.23 34.52 -47.32
N LEU D 111 9.79 33.77 -46.38
CA LEU D 111 8.97 33.24 -45.29
C LEU D 111 8.38 34.34 -44.45
N LEU D 112 9.20 35.35 -44.10
CA LEU D 112 8.70 36.46 -43.30
C LEU D 112 7.60 37.22 -44.02
N ARG D 113 7.81 37.49 -45.31
CA ARG D 113 6.81 38.21 -46.08
C ARG D 113 5.51 37.42 -46.18
N LEU D 114 5.61 36.11 -46.41
CA LEU D 114 4.41 35.28 -46.49
C LEU D 114 3.67 35.23 -45.16
N SER D 115 4.40 35.10 -44.05
CA SER D 115 3.75 35.08 -42.74
C SER D 115 3.06 36.40 -42.47
N ASP D 116 3.70 37.52 -42.81
CA ASP D 116 3.06 38.82 -42.65
C ASP D 116 1.81 38.93 -43.51
N TYR D 117 1.89 38.46 -44.76
CA TYR D 117 0.74 38.53 -45.66
C TYR D 117 -0.42 37.68 -45.15
N LEU D 118 -0.13 36.57 -44.48
CA LEU D 118 -1.19 35.67 -44.05
C LEU D 118 -1.79 36.10 -42.72
N LEU D 119 -0.97 36.33 -41.70
CA LEU D 119 -1.44 36.44 -40.33
C LEU D 119 -1.73 37.87 -39.89
N THR D 120 -1.49 38.87 -40.74
CA THR D 120 -1.73 40.25 -40.32
C THR D 120 -3.21 40.59 -40.29
N ASN D 121 -4.03 39.93 -41.11
CA ASN D 121 -5.46 40.17 -41.16
C ASN D 121 -6.27 38.96 -40.71
N TYR D 122 -5.62 37.92 -40.19
CA TYR D 122 -6.31 36.70 -39.82
C TYR D 122 -6.96 36.84 -38.45
N ARG D 123 -8.18 36.31 -38.34
CA ARG D 123 -8.91 36.28 -37.07
C ARG D 123 -8.87 34.85 -36.53
N LYS D 124 -8.38 34.70 -35.30
CA LYS D 124 -8.19 33.37 -34.73
C LYS D 124 -9.51 32.72 -34.32
N GLY D 125 -10.52 33.52 -33.97
CA GLY D 125 -11.77 33.02 -33.45
C GLY D 125 -12.89 32.87 -34.47
N VAL D 126 -12.57 32.85 -35.76
CA VAL D 126 -13.56 32.74 -36.81
C VAL D 126 -13.32 31.44 -37.57
N ARG D 127 -14.38 30.67 -37.76
CA ARG D 127 -14.26 29.42 -38.49
C ARG D 127 -13.85 29.72 -39.94
N PRO D 128 -12.83 29.04 -40.48
CA PRO D 128 -12.30 29.42 -41.80
C PRO D 128 -13.10 28.89 -42.99
N VAL D 129 -14.21 29.59 -43.27
CA VAL D 129 -15.02 29.30 -44.44
C VAL D 129 -15.56 30.62 -44.98
N ARG D 130 -15.38 30.85 -46.28
CA ARG D 130 -15.94 32.06 -46.88
C ARG D 130 -17.47 32.03 -46.84
N ASP D 131 -18.06 30.87 -47.11
CA ASP D 131 -19.50 30.68 -47.00
C ASP D 131 -19.79 29.90 -45.72
N TRP D 132 -20.54 30.53 -44.82
CA TRP D 132 -20.82 29.91 -43.53
C TRP D 132 -21.65 28.64 -43.65
N ARG D 133 -22.31 28.44 -44.78
CA ARG D 133 -23.11 27.23 -44.99
C ARG D 133 -22.25 26.01 -45.28
N LYS D 134 -20.97 26.21 -45.62
CA LYS D 134 -20.08 25.09 -45.92
C LYS D 134 -19.45 24.58 -44.64
N PRO D 135 -19.64 23.32 -44.28
CA PRO D 135 -19.00 22.79 -43.06
C PRO D 135 -17.50 22.60 -43.26
N THR D 136 -16.79 22.64 -42.13
CA THR D 136 -15.35 22.42 -42.11
C THR D 136 -15.10 20.94 -41.84
N THR D 137 -14.52 20.24 -42.82
CA THR D 137 -14.28 18.81 -42.72
C THR D 137 -12.90 18.58 -42.13
N VAL D 138 -12.85 17.85 -41.01
CA VAL D 138 -11.61 17.54 -40.31
C VAL D 138 -11.32 16.06 -40.51
N SER D 139 -10.26 15.76 -41.24
CA SER D 139 -9.84 14.38 -41.48
C SER D 139 -8.81 14.01 -40.41
N ILE D 140 -9.15 13.03 -39.57
CA ILE D 140 -8.32 12.67 -38.43
C ILE D 140 -7.69 11.31 -38.66
N ASP D 141 -6.68 11.02 -37.87
CA ASP D 141 -6.01 9.72 -37.88
C ASP D 141 -5.52 9.44 -36.46
N VAL D 142 -5.57 8.17 -36.07
CA VAL D 142 -5.19 7.75 -34.73
C VAL D 142 -4.21 6.59 -34.84
N ILE D 143 -3.09 6.69 -34.12
CA ILE D 143 -2.09 5.64 -34.04
C ILE D 143 -1.84 5.38 -32.56
N VAL D 144 -2.15 4.17 -32.11
CA VAL D 144 -1.99 3.81 -30.71
C VAL D 144 -0.53 3.48 -30.45
N TYR D 145 0.04 4.11 -29.43
CA TYR D 145 1.44 3.93 -29.08
C TYR D 145 1.63 2.96 -27.91
N ALA D 146 0.87 3.13 -26.84
CA ALA D 146 1.02 2.27 -25.67
C ALA D 146 -0.25 2.28 -24.84
N ILE D 147 -0.44 1.22 -24.08
CA ILE D 147 -1.53 1.11 -23.12
C ILE D 147 -0.92 1.34 -21.75
N LEU D 148 -0.97 2.59 -21.29
CA LEU D 148 -0.28 2.96 -20.06
C LEU D 148 -0.86 2.24 -18.84
N ASN D 149 -2.18 2.16 -18.76
CA ASN D 149 -2.82 1.58 -17.58
C ASN D 149 -4.25 1.19 -17.93
N VAL D 150 -4.66 0.02 -17.45
CA VAL D 150 -6.04 -0.44 -17.56
C VAL D 150 -6.52 -0.68 -16.13
N ASP D 151 -7.49 0.13 -15.71
CA ASP D 151 -8.02 0.09 -14.34
C ASP D 151 -9.39 -0.58 -14.39
N GLU D 152 -9.41 -1.90 -14.19
CA GLU D 152 -10.67 -2.61 -14.20
C GLU D 152 -11.55 -2.23 -13.02
N LYS D 153 -10.94 -1.87 -11.89
CA LYS D 153 -11.71 -1.48 -10.72
C LYS D 153 -12.53 -0.22 -11.01
N ASN D 154 -11.89 0.81 -11.56
CA ASN D 154 -12.55 2.08 -11.83
C ASN D 154 -13.10 2.17 -13.25
N GLN D 155 -12.93 1.14 -14.07
CA GLN D 155 -13.40 1.14 -15.45
C GLN D 155 -12.81 2.33 -16.22
N VAL D 156 -11.51 2.53 -16.06
CA VAL D 156 -10.79 3.64 -16.67
C VAL D 156 -9.63 3.07 -17.49
N LEU D 157 -9.50 3.54 -18.73
CA LEU D 157 -8.44 3.14 -19.62
C LEU D 157 -7.54 4.34 -19.90
N THR D 158 -6.24 4.15 -19.77
CA THR D 158 -5.25 5.18 -20.06
C THR D 158 -4.35 4.69 -21.19
N THR D 159 -4.33 5.42 -22.30
CA THR D 159 -3.53 5.04 -23.45
C THR D 159 -2.92 6.28 -24.08
N TYR D 160 -1.82 6.08 -24.78
CA TYR D 160 -1.09 7.14 -25.46
C TYR D 160 -1.21 6.93 -26.97
N ILE D 161 -1.68 7.95 -27.68
CA ILE D 161 -1.91 7.88 -29.11
C ILE D 161 -1.20 9.03 -29.80
N TRP D 162 -0.90 8.83 -31.08
CA TRP D 162 -0.33 9.88 -31.93
C TRP D 162 -1.44 10.38 -32.84
N TYR D 163 -2.17 11.38 -32.36
CA TYR D 163 -3.33 11.91 -33.06
C TYR D 163 -2.91 13.01 -34.02
N ARG D 164 -3.45 12.96 -35.23
CA ARG D 164 -3.17 13.97 -36.24
C ARG D 164 -4.43 14.23 -37.06
N GLN D 165 -4.63 15.50 -37.40
CA GLN D 165 -5.81 15.93 -38.13
C GLN D 165 -5.42 17.02 -39.11
N TYR D 166 -6.12 17.07 -40.24
CA TYR D 166 -5.93 18.16 -41.18
C TYR D 166 -7.29 18.66 -41.67
N TRP D 167 -7.35 19.97 -41.91
CA TRP D 167 -8.55 20.62 -42.42
C TRP D 167 -8.12 21.72 -43.38
N THR D 168 -9.10 22.34 -44.03
CA THR D 168 -8.86 23.37 -45.03
C THR D 168 -9.13 24.74 -44.41
N ASP D 169 -8.14 25.62 -44.48
CA ASP D 169 -8.26 27.00 -44.01
C ASP D 169 -8.37 27.90 -45.23
N GLU D 170 -9.60 28.34 -45.53
CA GLU D 170 -9.85 29.12 -46.73
C GLU D 170 -9.20 30.50 -46.67
N PHE D 171 -8.85 30.99 -45.48
CA PHE D 171 -8.20 32.29 -45.36
C PHE D 171 -6.69 32.20 -45.52
N LEU D 172 -6.09 31.04 -45.20
CA LEU D 172 -4.65 30.86 -45.31
C LEU D 172 -4.28 30.24 -46.66
N GLN D 173 -4.54 31.00 -47.71
CA GLN D 173 -4.24 30.61 -49.08
C GLN D 173 -3.38 31.67 -49.74
N TRP D 174 -2.43 31.24 -50.57
CA TRP D 174 -1.52 32.16 -51.22
C TRP D 174 -1.04 31.54 -52.52
N ASN D 175 -0.49 32.41 -53.38
CA ASN D 175 0.07 31.96 -54.65
C ASN D 175 1.57 31.74 -54.49
N PRO D 176 2.08 30.51 -54.68
CA PRO D 176 3.51 30.28 -54.45
C PRO D 176 4.41 31.17 -55.28
N GLU D 177 4.02 31.47 -56.52
CA GLU D 177 4.88 32.25 -57.39
C GLU D 177 5.16 33.65 -56.86
N ASP D 178 4.29 34.17 -56.00
CA ASP D 178 4.48 35.50 -55.43
C ASP D 178 5.34 35.49 -54.17
N PHE D 179 5.72 34.32 -53.67
CA PHE D 179 6.50 34.18 -52.44
C PHE D 179 7.64 33.20 -52.63
N ASP D 180 8.39 33.36 -53.72
CA ASP D 180 9.57 32.56 -53.98
C ASP D 180 9.22 31.06 -54.03
N ASN D 181 8.08 30.74 -54.64
CA ASN D 181 7.67 29.37 -54.87
C ASN D 181 7.60 28.58 -53.56
N ILE D 182 7.06 29.21 -52.53
CA ILE D 182 6.83 28.52 -51.26
C ILE D 182 5.48 27.80 -51.33
N THR D 183 5.50 26.47 -51.25
CA THR D 183 4.29 25.67 -51.30
C THR D 183 3.90 25.12 -49.95
N LYS D 184 4.79 25.16 -48.95
CA LYS D 184 4.51 24.64 -47.62
C LYS D 184 5.13 25.56 -46.59
N LEU D 185 4.40 25.82 -45.52
CA LEU D 185 4.81 26.77 -44.50
C LEU D 185 4.43 26.23 -43.13
N SER D 186 5.23 26.61 -42.13
CA SER D 186 4.97 26.25 -40.74
C SER D 186 4.50 27.50 -39.99
N ILE D 187 3.39 27.38 -39.28
CA ILE D 187 2.80 28.51 -38.57
C ILE D 187 2.50 28.05 -37.14
N PRO D 188 2.61 28.93 -36.15
CA PRO D 188 2.29 28.52 -34.78
C PRO D 188 0.84 28.08 -34.64
N THR D 189 0.61 27.07 -33.80
CA THR D 189 -0.74 26.58 -33.57
C THR D 189 -1.61 27.64 -32.91
N ASP D 190 -1.04 28.40 -31.99
CA ASP D 190 -1.79 29.39 -31.21
C ASP D 190 -2.09 30.66 -32.00
N SER D 191 -1.90 30.65 -33.31
CA SER D 191 -2.18 31.83 -34.14
C SER D 191 -3.22 31.55 -35.22
N ILE D 192 -3.82 30.37 -35.23
CA ILE D 192 -4.82 30.00 -36.24
C ILE D 192 -5.97 29.27 -35.57
N TRP D 193 -7.09 29.20 -36.28
CA TRP D 193 -8.27 28.49 -35.79
C TRP D 193 -8.00 27.00 -35.73
N VAL D 194 -8.38 26.38 -34.62
CA VAL D 194 -8.18 24.94 -34.41
C VAL D 194 -9.51 24.33 -33.97
N PRO D 195 -9.98 23.25 -34.60
CA PRO D 195 -11.25 22.66 -34.19
C PRO D 195 -11.19 22.09 -32.78
N ASP D 196 -12.34 22.09 -32.13
CA ASP D 196 -12.45 21.59 -30.76
C ASP D 196 -12.86 20.12 -30.74
N ILE D 197 -12.01 19.30 -31.37
CA ILE D 197 -12.23 17.87 -31.41
C ILE D 197 -11.81 17.27 -30.08
N LEU D 198 -12.71 16.54 -29.43
CA LEU D 198 -12.44 15.92 -28.15
C LEU D 198 -13.01 14.51 -28.16
N ILE D 199 -12.75 13.78 -27.08
CA ILE D 199 -13.22 12.41 -26.90
C ILE D 199 -14.33 12.41 -25.86
N ASN D 200 -15.48 11.83 -26.23
CA ASN D 200 -16.60 11.81 -25.31
C ASN D 200 -16.27 11.04 -24.03
N GLU D 201 -15.54 9.94 -24.17
CA GLU D 201 -15.21 9.07 -23.05
C GLU D 201 -14.23 9.69 -22.07
N PHE D 202 -13.84 10.96 -22.22
CA PHE D 202 -12.90 11.56 -21.28
C PHE D 202 -13.48 11.57 -19.88
N VAL D 203 -12.67 11.14 -18.91
CA VAL D 203 -12.96 11.30 -17.50
C VAL D 203 -11.85 12.05 -16.77
N ASP D 204 -10.73 12.31 -17.43
CA ASP D 204 -9.59 12.97 -16.83
C ASP D 204 -8.77 13.58 -17.96
N VAL D 205 -7.96 14.57 -17.62
CA VAL D 205 -7.10 15.24 -18.58
C VAL D 205 -5.68 14.70 -18.42
N GLY D 206 -5.19 14.01 -19.44
CA GLY D 206 -3.82 13.56 -19.43
C GLY D 206 -2.86 14.66 -19.83
N LYS D 207 -1.62 14.56 -19.35
CA LYS D 207 -0.62 15.58 -19.57
C LYS D 207 0.19 15.20 -20.80
N SER D 208 0.10 15.99 -21.86
CA SER D 208 0.76 15.68 -23.10
C SER D 208 1.57 16.88 -23.58
N PRO D 209 2.69 16.65 -24.26
CA PRO D 209 3.50 17.77 -24.75
C PRO D 209 2.73 18.62 -25.74
N ASN D 210 2.98 19.92 -25.69
CA ASN D 210 2.33 20.86 -26.58
C ASN D 210 3.14 20.98 -27.87
N ILE D 211 2.46 20.87 -29.01
CA ILE D 211 3.09 21.03 -30.32
C ILE D 211 2.86 22.48 -30.76
N PRO D 212 3.91 23.31 -30.82
CA PRO D 212 3.68 24.75 -31.07
C PRO D 212 3.42 25.11 -32.52
N TYR D 213 3.76 24.24 -33.48
CA TYR D 213 3.68 24.57 -34.89
C TYR D 213 2.80 23.59 -35.63
N VAL D 214 2.22 24.06 -36.73
CA VAL D 214 1.46 23.23 -37.66
C VAL D 214 1.92 23.56 -39.06
N TYR D 215 1.71 22.62 -39.98
CA TYR D 215 2.09 22.80 -41.37
C TYR D 215 0.90 23.32 -42.18
N ILE D 216 1.17 24.28 -43.06
CA ILE D 216 0.15 24.89 -43.90
C ILE D 216 0.66 24.90 -45.33
N ARG D 217 -0.24 24.56 -46.27
CA ARG D 217 0.09 24.51 -47.68
C ARG D 217 -0.66 25.59 -48.43
N HIS D 218 -0.17 25.90 -49.64
CA HIS D 218 -0.65 27.07 -50.36
C HIS D 218 -2.13 26.99 -50.68
N GLN D 219 -2.67 25.78 -50.82
CA GLN D 219 -4.08 25.60 -51.16
C GLN D 219 -4.99 25.61 -49.94
N GLY D 220 -4.44 25.74 -48.74
CA GLY D 220 -5.22 25.93 -47.53
C GLY D 220 -5.17 24.79 -46.54
N GLU D 221 -4.65 23.62 -46.92
CA GLU D 221 -4.61 22.49 -46.01
C GLU D 221 -3.71 22.80 -44.81
N VAL D 222 -4.19 22.47 -43.62
CA VAL D 222 -3.46 22.66 -42.38
C VAL D 222 -3.27 21.29 -41.75
N GLN D 223 -2.02 20.94 -41.44
CA GLN D 223 -1.68 19.66 -40.84
C GLN D 223 -1.26 19.88 -39.39
N ASN D 224 -1.94 19.19 -38.47
CA ASN D 224 -1.66 19.29 -37.04
C ASN D 224 -1.36 17.91 -36.50
N TYR D 225 -0.12 17.70 -36.07
CA TYR D 225 0.30 16.47 -35.42
C TYR D 225 0.49 16.74 -33.94
N LYS D 226 -0.07 15.87 -33.09
CA LYS D 226 0.10 16.06 -31.65
C LYS D 226 -0.16 14.75 -30.93
N PRO D 227 0.69 14.37 -29.97
CA PRO D 227 0.39 13.20 -29.16
C PRO D 227 -0.55 13.54 -28.02
N LEU D 228 -1.33 12.53 -27.60
CA LEU D 228 -2.34 12.72 -26.57
C LEU D 228 -2.31 11.55 -25.60
N GLN D 229 -2.22 11.86 -24.31
CA GLN D 229 -2.45 10.89 -23.25
C GLN D 229 -3.91 11.03 -22.84
N VAL D 230 -4.74 10.08 -23.24
CA VAL D 230 -6.19 10.15 -23.05
C VAL D 230 -6.58 9.18 -21.96
N VAL D 231 -7.29 9.69 -20.95
CA VAL D 231 -7.82 8.88 -19.86
C VAL D 231 -9.30 8.74 -20.12
N THR D 232 -9.70 7.56 -20.59
CA THR D 232 -11.07 7.31 -21.03
C THR D 232 -11.67 6.17 -20.22
N ALA D 233 -12.98 6.25 -19.98
CA ALA D 233 -13.72 5.21 -19.29
C ALA D 233 -14.45 4.34 -20.30
N CYS D 234 -14.30 3.02 -20.14
CA CYS D 234 -14.95 2.07 -21.02
C CYS D 234 -15.39 0.88 -20.19
N SER D 235 -15.99 -0.12 -20.85
CA SER D 235 -16.50 -1.32 -20.20
C SER D 235 -15.40 -2.36 -20.18
N LEU D 236 -14.82 -2.58 -19.00
CA LEU D 236 -13.74 -3.55 -18.82
C LEU D 236 -14.34 -4.80 -18.17
N ASP D 237 -14.88 -5.68 -19.00
CA ASP D 237 -15.43 -6.95 -18.53
C ASP D 237 -14.29 -7.94 -18.32
N ILE D 238 -14.16 -8.44 -17.10
CA ILE D 238 -13.06 -9.34 -16.74
C ILE D 238 -13.60 -10.74 -16.52
N TYR D 239 -14.72 -11.07 -17.18
CA TYR D 239 -15.31 -12.39 -17.02
C TYR D 239 -14.34 -13.49 -17.45
N ASN D 240 -13.64 -13.29 -18.57
CA ASN D 240 -12.68 -14.26 -19.08
C ASN D 240 -11.27 -14.00 -18.56
N PHE D 241 -11.14 -13.25 -17.46
CA PHE D 241 -9.82 -12.98 -16.91
C PHE D 241 -9.14 -14.30 -16.52
N PRO D 242 -7.84 -14.46 -16.79
CA PRO D 242 -6.89 -13.51 -17.40
C PRO D 242 -6.84 -13.57 -18.92
N PHE D 243 -7.77 -14.29 -19.57
CA PHE D 243 -7.83 -14.37 -21.01
C PHE D 243 -8.84 -13.39 -21.60
N ASP D 244 -9.07 -12.27 -20.94
CA ASP D 244 -10.08 -11.31 -21.36
C ASP D 244 -9.59 -10.47 -22.53
N VAL D 245 -10.50 -10.19 -23.46
CA VAL D 245 -10.25 -9.31 -24.59
C VAL D 245 -11.16 -8.10 -24.42
N GLN D 246 -10.55 -6.95 -24.18
CA GLN D 246 -11.30 -5.72 -23.92
C GLN D 246 -11.59 -4.99 -25.23
N ASN D 247 -12.69 -4.24 -25.22
CA ASN D 247 -13.17 -3.52 -26.40
C ASN D 247 -13.56 -2.12 -25.95
N CYS D 248 -12.58 -1.21 -25.94
CA CYS D 248 -12.77 0.15 -25.48
C CYS D 248 -12.80 1.08 -26.68
N SER D 249 -13.75 2.00 -26.69
CA SER D 249 -14.02 2.87 -27.83
C SER D 249 -13.55 4.28 -27.54
N LEU D 250 -12.99 4.93 -28.57
CA LEU D 250 -12.60 6.33 -28.52
C LEU D 250 -13.46 7.08 -29.53
N THR D 251 -14.33 7.95 -29.03
CA THR D 251 -15.31 8.65 -29.85
C THR D 251 -14.84 10.09 -30.03
N PHE D 252 -14.19 10.37 -31.15
CA PHE D 252 -13.74 11.72 -31.46
C PHE D 252 -14.90 12.50 -32.06
N THR D 253 -15.24 13.63 -31.45
CA THR D 253 -16.36 14.44 -31.90
C THR D 253 -16.12 15.88 -31.51
N SER D 254 -16.72 16.79 -32.28
CA SER D 254 -16.67 18.21 -31.96
C SER D 254 -17.63 18.49 -30.82
N TRP D 255 -17.11 18.98 -29.70
CA TRP D 255 -17.93 19.13 -28.50
C TRP D 255 -19.08 20.11 -28.73
N LEU D 256 -18.79 21.25 -29.36
CA LEU D 256 -19.78 22.30 -29.55
C LEU D 256 -20.38 22.27 -30.95
N HIS D 257 -19.54 22.40 -31.97
CA HIS D 257 -20.02 22.58 -33.33
C HIS D 257 -20.81 21.35 -33.79
N THR D 258 -21.96 21.60 -34.41
CA THR D 258 -22.76 20.54 -34.98
C THR D 258 -22.24 20.16 -36.36
N ILE D 259 -22.84 19.12 -36.94
CA ILE D 259 -22.37 18.61 -38.22
C ILE D 259 -22.51 19.65 -39.32
N GLN D 260 -23.43 20.61 -39.16
CA GLN D 260 -23.55 21.68 -40.15
C GLN D 260 -22.35 22.61 -40.16
N ASP D 261 -21.48 22.53 -39.15
CA ASP D 261 -20.28 23.35 -39.06
C ASP D 261 -19.01 22.53 -39.17
N ILE D 262 -18.86 21.51 -38.34
CA ILE D 262 -17.68 20.64 -38.35
C ILE D 262 -18.14 19.21 -38.61
N ASN D 263 -17.54 18.57 -39.61
CA ASN D 263 -17.72 17.16 -39.89
C ASN D 263 -16.37 16.47 -39.85
N ILE D 264 -16.39 15.17 -39.56
CA ILE D 264 -15.17 14.41 -39.31
C ILE D 264 -15.12 13.24 -40.28
N SER D 265 -13.92 12.96 -40.78
CA SER D 265 -13.66 11.85 -41.69
C SER D 265 -12.30 11.26 -41.35
N LEU D 266 -11.93 10.20 -42.08
CA LEU D 266 -10.67 9.51 -41.85
C LEU D 266 -9.59 10.01 -42.78
N TRP D 267 -8.38 10.16 -42.23
CA TRP D 267 -7.23 10.54 -43.07
C TRP D 267 -6.90 9.42 -44.05
N ARG D 268 -6.77 8.20 -43.55
CA ARG D 268 -6.36 7.04 -44.31
C ARG D 268 -7.56 6.15 -44.59
N LEU D 269 -7.32 5.08 -45.35
CA LEU D 269 -8.36 4.09 -45.57
C LEU D 269 -8.64 3.34 -44.27
N PRO D 270 -9.87 2.88 -44.07
CA PRO D 270 -10.18 2.16 -42.82
C PRO D 270 -9.31 0.93 -42.60
N GLU D 271 -8.94 0.22 -43.67
CA GLU D 271 -8.14 -0.99 -43.51
C GLU D 271 -6.77 -0.67 -42.93
N LYS D 272 -6.13 0.40 -43.42
CA LYS D 272 -4.81 0.75 -42.92
C LYS D 272 -4.85 1.13 -41.45
N VAL D 273 -5.87 1.88 -41.04
CA VAL D 273 -6.03 2.23 -39.63
C VAL D 273 -6.29 0.98 -38.81
N LYS D 274 -7.03 0.02 -39.38
CA LYS D 274 -7.39 -1.19 -38.64
C LYS D 274 -6.16 -2.01 -38.28
N SER D 275 -5.17 -2.05 -39.16
CA SER D 275 -3.98 -2.88 -38.98
C SER D 275 -2.72 -2.05 -38.76
N ASP D 276 -2.85 -0.86 -38.17
CA ASP D 276 -1.69 0.00 -37.91
C ASP D 276 -1.11 -0.36 -36.55
N ARG D 277 0.03 -1.06 -36.54
CA ARG D 277 0.68 -1.49 -35.32
C ARG D 277 2.19 -1.27 -35.43
N SER D 278 2.59 -0.17 -36.07
CA SER D 278 4.00 0.05 -36.37
C SER D 278 4.79 0.44 -35.12
N VAL D 279 4.23 1.31 -34.30
CA VAL D 279 4.96 1.89 -33.17
C VAL D 279 4.38 1.43 -31.83
N PHE D 280 3.48 0.46 -31.83
CA PHE D 280 2.88 0.01 -30.58
C PHE D 280 3.92 -0.68 -29.71
N MET D 281 3.87 -0.42 -28.41
CA MET D 281 4.74 -1.07 -27.44
C MET D 281 4.18 -2.45 -27.17
N ASN D 282 4.68 -3.44 -27.89
CA ASN D 282 4.15 -4.80 -27.83
C ASN D 282 4.68 -5.60 -26.65
N GLN D 283 5.63 -5.07 -25.89
CA GLN D 283 6.21 -5.78 -24.76
C GLN D 283 5.40 -5.65 -23.49
N GLY D 284 4.30 -4.90 -23.51
CA GLY D 284 3.49 -4.69 -22.34
C GLY D 284 2.56 -5.84 -22.05
N GLU D 285 1.74 -5.64 -21.00
CA GLU D 285 0.79 -6.67 -20.59
C GLU D 285 -0.31 -6.87 -21.63
N TRP D 286 -0.60 -5.85 -22.43
CA TRP D 286 -1.72 -5.87 -23.35
C TRP D 286 -1.24 -5.89 -24.80
N GLU D 287 -1.89 -6.71 -25.61
CA GLU D 287 -1.59 -6.83 -27.03
C GLU D 287 -2.70 -6.16 -27.84
N LEU D 288 -2.29 -5.34 -28.80
CA LEU D 288 -3.25 -4.60 -29.62
C LEU D 288 -3.68 -5.46 -30.79
N LEU D 289 -4.98 -5.79 -30.85
CA LEU D 289 -5.48 -6.57 -31.97
C LEU D 289 -5.84 -5.69 -33.16
N GLY D 290 -6.48 -4.56 -32.92
CA GLY D 290 -6.85 -3.67 -34.01
C GLY D 290 -7.49 -2.41 -33.46
N VAL D 291 -7.65 -1.44 -34.37
CA VAL D 291 -8.30 -0.16 -34.07
C VAL D 291 -9.36 0.03 -35.15
N LEU D 292 -10.61 -0.26 -34.83
CA LEU D 292 -11.68 -0.25 -35.83
C LEU D 292 -12.35 1.11 -35.85
N PRO D 293 -12.29 1.86 -36.96
CA PRO D 293 -13.00 3.12 -37.04
C PRO D 293 -14.45 2.96 -37.48
N TYR D 294 -15.28 3.91 -37.06
CA TYR D 294 -16.70 3.88 -37.39
C TYR D 294 -17.27 5.28 -37.24
N PHE D 295 -17.94 5.76 -38.29
CA PHE D 295 -18.52 7.09 -38.31
C PHE D 295 -20.01 7.03 -38.01
N ARG D 296 -20.49 8.01 -37.25
CA ARG D 296 -21.90 8.07 -36.85
C ARG D 296 -22.31 9.52 -36.71
N GLU D 297 -23.53 9.83 -37.14
CA GLU D 297 -24.11 11.17 -37.00
C GLU D 297 -25.00 11.15 -35.76
N PHE D 298 -24.39 11.40 -34.61
CA PHE D 298 -25.09 11.38 -33.35
C PHE D 298 -26.00 12.59 -33.19
N SER D 299 -27.06 12.42 -32.42
CA SER D 299 -28.02 13.49 -32.22
C SER D 299 -28.86 13.22 -30.98
N MET D 300 -29.22 14.30 -30.29
CA MET D 300 -30.18 14.28 -29.19
C MET D 300 -31.33 15.27 -29.40
N GLU D 301 -31.05 16.44 -29.97
CA GLU D 301 -32.08 17.44 -30.21
C GLU D 301 -32.76 17.18 -31.55
N SER D 302 -33.65 18.08 -31.93
CA SER D 302 -34.39 17.92 -33.18
C SER D 302 -33.51 18.16 -34.40
N SER D 303 -32.52 19.05 -34.29
CA SER D 303 -31.65 19.38 -35.41
C SER D 303 -30.18 19.42 -35.04
N ASN D 304 -29.82 19.19 -33.78
CA ASN D 304 -28.42 19.23 -33.34
C ASN D 304 -27.78 17.86 -33.63
N TYR D 305 -27.46 17.64 -34.89
CA TYR D 305 -26.76 16.43 -35.30
C TYR D 305 -25.25 16.65 -35.19
N TYR D 306 -24.56 15.67 -34.63
CA TYR D 306 -23.14 15.78 -34.32
C TYR D 306 -22.38 14.67 -35.04
N ALA D 307 -21.21 15.01 -35.57
CA ALA D 307 -20.36 14.02 -36.21
C ALA D 307 -19.48 13.33 -35.19
N GLU D 308 -19.41 12.01 -35.29
CA GLU D 308 -18.61 11.19 -34.39
C GLU D 308 -17.79 10.20 -35.20
N MET D 309 -16.56 9.97 -34.76
CA MET D 309 -15.68 8.95 -35.32
C MET D 309 -15.21 8.06 -34.19
N LYS D 310 -15.73 6.84 -34.14
CA LYS D 310 -15.47 5.92 -33.04
C LYS D 310 -14.35 4.97 -33.42
N PHE D 311 -13.28 4.97 -32.64
CA PHE D 311 -12.17 4.05 -32.81
C PHE D 311 -12.26 2.99 -31.71
N TYR D 312 -12.49 1.74 -32.12
CA TYR D 312 -12.63 0.64 -31.17
C TYR D 312 -11.26 0.02 -30.94
N VAL D 313 -10.64 0.36 -29.82
CA VAL D 313 -9.33 -0.16 -29.47
C VAL D 313 -9.51 -1.52 -28.81
N VAL D 314 -9.16 -2.58 -29.55
CA VAL D 314 -9.27 -3.94 -29.05
C VAL D 314 -7.91 -4.38 -28.54
N ILE D 315 -7.85 -4.75 -27.26
CA ILE D 315 -6.62 -5.16 -26.61
C ILE D 315 -6.85 -6.49 -25.92
N ARG D 316 -5.86 -7.38 -26.03
CA ARG D 316 -5.91 -8.71 -25.44
C ARG D 316 -4.82 -8.84 -24.39
N ARG D 317 -5.18 -9.33 -23.21
CA ARG D 317 -4.23 -9.49 -22.13
C ARG D 317 -3.34 -10.71 -22.37
N ARG D 318 -2.10 -10.62 -21.87
CA ARG D 318 -1.19 -11.74 -21.91
C ARG D 318 -1.33 -12.53 -20.62
N PRO D 319 -1.82 -13.78 -20.65
CA PRO D 319 -2.17 -14.47 -19.40
C PRO D 319 -1.06 -15.27 -18.75
N LEU D 320 0.11 -15.42 -19.39
CA LEU D 320 1.12 -16.33 -18.88
C LEU D 320 1.56 -15.92 -17.48
N PHE D 321 1.78 -14.63 -17.26
CA PHE D 321 2.20 -14.16 -15.94
C PHE D 321 1.16 -14.52 -14.88
N TYR D 322 -0.10 -14.15 -15.11
CA TYR D 322 -1.15 -14.46 -14.17
C TYR D 322 -1.35 -15.96 -14.04
N VAL D 323 -1.31 -16.67 -15.17
CA VAL D 323 -1.47 -18.13 -15.13
C VAL D 323 -0.45 -18.74 -14.18
N VAL D 324 0.81 -18.37 -14.32
CA VAL D 324 1.85 -18.91 -13.44
C VAL D 324 1.58 -18.48 -12.00
N SER D 325 1.49 -17.17 -11.77
CA SER D 325 1.39 -16.66 -10.40
C SER D 325 0.17 -17.19 -9.67
N LEU D 326 -0.84 -17.66 -10.37
CA LEU D 326 -2.03 -18.22 -9.73
C LEU D 326 -2.00 -19.74 -9.63
N LEU D 327 -1.60 -20.43 -10.70
CA LEU D 327 -1.61 -21.89 -10.67
C LEU D 327 -0.52 -22.44 -9.78
N LEU D 328 0.71 -21.94 -9.92
CA LEU D 328 1.84 -22.57 -9.25
C LEU D 328 1.64 -22.72 -7.75
N PRO D 329 1.23 -21.70 -6.99
CA PRO D 329 0.91 -21.94 -5.58
C PRO D 329 -0.23 -22.93 -5.40
N SER D 330 -1.23 -22.89 -6.28
CA SER D 330 -2.37 -23.80 -6.15
C SER D 330 -1.95 -25.24 -6.34
N ILE D 331 -1.18 -25.51 -7.40
CA ILE D 331 -0.74 -26.89 -7.64
C ILE D 331 0.24 -27.32 -6.56
N PHE D 332 1.07 -26.41 -6.06
CA PHE D 332 1.98 -26.77 -4.97
C PHE D 332 1.20 -27.19 -3.73
N LEU D 333 0.18 -26.42 -3.35
CA LEU D 333 -0.61 -26.75 -2.17
C LEU D 333 -1.41 -28.03 -2.38
N MET D 334 -1.93 -28.24 -3.59
CA MET D 334 -2.66 -29.47 -3.87
C MET D 334 -1.75 -30.68 -3.76
N VAL D 335 -0.52 -30.57 -4.29
CA VAL D 335 0.43 -31.66 -4.18
C VAL D 335 0.76 -31.93 -2.72
N MET D 336 0.95 -30.87 -1.94
CA MET D 336 1.22 -31.06 -0.52
C MET D 336 0.05 -31.77 0.16
N ASP D 337 -1.17 -31.42 -0.23
CA ASP D 337 -2.34 -32.11 0.31
C ASP D 337 -2.32 -33.58 -0.06
N ILE D 338 -1.94 -33.90 -1.30
CA ILE D 338 -1.85 -35.30 -1.71
C ILE D 338 -0.84 -36.04 -0.86
N VAL D 339 0.31 -35.41 -0.61
CA VAL D 339 1.36 -36.05 0.19
C VAL D 339 0.88 -36.26 1.62
N GLY D 340 0.08 -35.35 2.15
CA GLY D 340 -0.37 -35.45 3.53
C GLY D 340 -1.16 -36.71 3.82
N PHE D 341 -1.75 -37.33 2.80
CA PHE D 341 -2.53 -38.54 3.03
C PHE D 341 -1.66 -39.68 3.53
N TYR D 342 -0.37 -39.67 3.19
CA TYR D 342 0.51 -40.77 3.59
C TYR D 342 0.80 -40.77 5.09
N LEU D 343 0.52 -39.68 5.79
CA LEU D 343 0.73 -39.65 7.23
C LEU D 343 -0.24 -40.62 7.90
N PRO D 344 0.24 -41.50 8.80
CA PRO D 344 -0.67 -42.42 9.47
C PRO D 344 -1.66 -41.67 10.33
N PRO D 345 -2.92 -42.11 10.37
CA PRO D 345 -3.92 -41.39 11.19
C PRO D 345 -3.61 -41.41 12.68
N ASN D 346 -2.87 -42.40 13.16
CA ASN D 346 -2.61 -42.51 14.59
C ASN D 346 -1.63 -41.45 15.06
N SER D 347 -0.75 -40.97 14.17
CA SER D 347 0.28 -40.02 14.60
C SER D 347 -0.33 -38.74 15.15
N GLY D 348 -1.53 -38.37 14.69
CA GLY D 348 -2.16 -37.14 15.10
C GLY D 348 -1.70 -35.91 14.36
N GLU D 349 -0.49 -35.94 13.79
CA GLU D 349 0.01 -34.81 13.02
C GLU D 349 -0.73 -34.61 11.71
N ARG D 350 -1.54 -35.58 11.27
CA ARG D 350 -2.25 -35.44 10.01
C ARG D 350 -3.25 -34.28 10.07
N VAL D 351 -3.99 -34.17 11.17
CA VAL D 351 -4.98 -33.11 11.29
C VAL D 351 -4.29 -31.75 11.33
N SER D 352 -3.21 -31.63 12.10
CA SER D 352 -2.48 -30.38 12.14
C SER D 352 -1.93 -30.01 10.77
N PHE D 353 -1.38 -30.99 10.06
CA PHE D 353 -0.88 -30.76 8.71
C PHE D 353 -1.99 -30.23 7.81
N LYS D 354 -3.14 -30.89 7.82
CA LYS D 354 -4.23 -30.50 6.93
C LYS D 354 -4.75 -29.10 7.27
N ILE D 355 -4.93 -28.82 8.56
CA ILE D 355 -5.47 -27.51 8.94
C ILE D 355 -4.47 -26.41 8.66
N THR D 356 -3.18 -26.67 8.86
CA THR D 356 -2.16 -25.67 8.51
C THR D 356 -2.15 -25.42 7.01
N LEU D 357 -2.27 -26.49 6.21
CA LEU D 357 -2.32 -26.32 4.76
C LEU D 357 -3.54 -25.50 4.35
N LEU D 358 -4.69 -25.76 4.98
CA LEU D 358 -5.88 -24.99 4.66
C LEU D 358 -5.73 -23.53 5.05
N LEU D 359 -5.10 -23.26 6.20
CA LEU D 359 -4.85 -21.88 6.60
C LEU D 359 -3.93 -21.19 5.61
N GLY D 360 -2.87 -21.87 5.17
CA GLY D 360 -2.00 -21.28 4.17
C GLY D 360 -2.72 -20.99 2.87
N TYR D 361 -3.56 -21.91 2.43
CA TYR D 361 -4.33 -21.68 1.21
C TYR D 361 -5.29 -20.51 1.36
N SER D 362 -5.92 -20.39 2.53
CA SER D 362 -6.82 -19.27 2.77
C SER D 362 -6.06 -17.94 2.72
N VAL D 363 -4.88 -17.90 3.33
CA VAL D 363 -4.07 -16.69 3.29
C VAL D 363 -3.69 -16.36 1.85
N PHE D 364 -3.27 -17.38 1.10
CA PHE D 364 -2.91 -17.17 -0.30
C PHE D 364 -4.09 -16.64 -1.10
N LEU D 365 -5.27 -17.20 -0.87
CA LEU D 365 -6.46 -16.77 -1.61
C LEU D 365 -6.85 -15.34 -1.24
N ILE D 366 -6.72 -14.98 0.04
CA ILE D 366 -7.01 -13.61 0.45
C ILE D 366 -6.06 -12.64 -0.22
N ILE D 367 -4.77 -12.99 -0.26
CA ILE D 367 -3.79 -12.12 -0.92
C ILE D 367 -4.11 -12.01 -2.42
N VAL D 368 -4.46 -13.13 -3.05
CA VAL D 368 -4.78 -13.12 -4.47
C VAL D 368 -5.98 -12.22 -4.74
N SER D 369 -7.02 -12.34 -3.92
CA SER D 369 -8.20 -11.49 -4.09
C SER D 369 -7.83 -10.02 -3.90
N ASP D 370 -6.99 -9.72 -2.91
CA ASP D 370 -6.57 -8.34 -2.68
C ASP D 370 -5.71 -7.82 -3.82
N THR D 371 -5.06 -8.70 -4.59
CA THR D 371 -4.18 -8.28 -5.68
C THR D 371 -4.83 -8.35 -7.05
N LEU D 372 -5.72 -9.33 -7.29
CA LEU D 372 -6.30 -9.48 -8.61
C LEU D 372 -7.37 -8.42 -8.87
N PRO D 373 -7.57 -8.03 -10.12
CA PRO D 373 -8.64 -7.09 -10.44
C PRO D 373 -10.01 -7.72 -10.29
N ALA D 374 -11.01 -6.88 -10.03
CA ALA D 374 -12.38 -7.33 -9.89
C ALA D 374 -13.32 -6.19 -10.26
N THR D 375 -14.54 -6.55 -10.63
CA THR D 375 -15.57 -5.60 -11.00
C THR D 375 -16.83 -5.88 -10.19
N ALA D 376 -17.51 -4.81 -9.78
CA ALA D 376 -18.71 -4.98 -8.97
C ALA D 376 -19.89 -5.52 -9.77
N ILE D 377 -19.82 -5.48 -11.10
CA ILE D 377 -20.93 -5.98 -11.90
C ILE D 377 -20.87 -7.49 -12.10
N GLY D 378 -19.68 -8.09 -12.01
CA GLY D 378 -19.57 -9.53 -12.18
C GLY D 378 -18.19 -10.04 -11.82
N THR D 379 -18.14 -11.25 -11.20
CA THR D 379 -16.88 -11.83 -10.79
C THR D 379 -16.26 -12.63 -11.94
N PRO D 380 -14.94 -12.75 -11.99
CA PRO D 380 -14.31 -13.54 -13.03
C PRO D 380 -14.57 -15.03 -12.85
N LEU D 381 -14.49 -15.75 -13.97
CA LEU D 381 -14.69 -17.20 -13.94
C LEU D 381 -13.56 -17.91 -13.20
N ILE D 382 -12.38 -17.29 -13.10
CA ILE D 382 -11.26 -17.91 -12.42
C ILE D 382 -11.56 -18.14 -10.95
N GLY D 383 -12.45 -17.34 -10.36
CA GLY D 383 -12.80 -17.51 -8.96
C GLY D 383 -13.50 -18.82 -8.67
N VAL D 384 -14.14 -19.42 -9.67
CA VAL D 384 -14.78 -20.71 -9.48
C VAL D 384 -13.75 -21.80 -9.22
N TYR D 385 -12.61 -21.73 -9.92
CA TYR D 385 -11.59 -22.76 -9.74
C TYR D 385 -10.96 -22.68 -8.35
N PHE D 386 -10.78 -21.47 -7.82
CA PHE D 386 -10.31 -21.34 -6.45
C PHE D 386 -11.30 -21.95 -5.46
N VAL D 387 -12.59 -21.72 -5.69
CA VAL D 387 -13.61 -22.33 -4.83
C VAL D 387 -13.55 -23.84 -4.93
N VAL D 388 -13.32 -24.37 -6.14
CA VAL D 388 -13.22 -25.82 -6.31
C VAL D 388 -12.02 -26.37 -5.55
N CYS D 389 -10.89 -25.67 -5.61
CA CYS D 389 -9.71 -26.12 -4.88
C CYS D 389 -9.95 -26.08 -3.38
N MET D 390 -10.61 -25.02 -2.89
CA MET D 390 -10.95 -24.95 -1.47
C MET D 390 -11.88 -26.10 -1.08
N ALA D 391 -12.85 -26.42 -1.93
CA ALA D 391 -13.75 -27.53 -1.66
C ALA D 391 -12.98 -28.85 -1.61
N LEU D 392 -12.02 -29.03 -2.52
CA LEU D 392 -11.20 -30.23 -2.49
C LEU D 392 -10.41 -30.33 -1.20
N LEU D 393 -9.81 -29.23 -0.75
CA LEU D 393 -9.06 -29.25 0.49
C LEU D 393 -9.97 -29.54 1.68
N VAL D 394 -11.17 -28.96 1.69
CA VAL D 394 -12.12 -29.21 2.77
C VAL D 394 -12.54 -30.68 2.78
N ILE D 395 -12.74 -31.25 1.59
CA ILE D 395 -13.08 -32.67 1.51
C ILE D 395 -11.95 -33.52 2.04
N SER D 396 -10.70 -33.17 1.70
CA SER D 396 -9.56 -33.92 2.23
C SER D 396 -9.51 -33.85 3.75
N LEU D 397 -9.72 -32.67 4.31
CA LEU D 397 -9.68 -32.54 5.76
C LEU D 397 -10.84 -33.29 6.41
N ALA D 398 -12.02 -33.27 5.79
CA ALA D 398 -13.15 -34.02 6.32
C ALA D 398 -12.87 -35.51 6.30
N GLU D 399 -12.27 -36.00 5.23
CA GLU D 399 -11.90 -37.42 5.18
C GLU D 399 -10.87 -37.74 6.26
N THR D 400 -9.89 -36.87 6.46
CA THR D 400 -8.90 -37.09 7.52
C THR D 400 -9.57 -37.15 8.88
N ILE D 401 -10.50 -36.24 9.14
CA ILE D 401 -11.21 -36.21 10.42
C ILE D 401 -12.04 -37.48 10.59
N PHE D 402 -12.71 -37.91 9.53
CA PHE D 402 -13.51 -39.13 9.61
C PHE D 402 -12.64 -40.33 9.92
N ILE D 403 -11.49 -40.44 9.26
CA ILE D 403 -10.59 -41.56 9.53
C ILE D 403 -10.05 -41.49 10.95
N VAL D 404 -9.73 -40.30 11.42
CA VAL D 404 -9.23 -40.14 12.79
C VAL D 404 -10.29 -40.58 13.79
N ARG D 405 -11.54 -40.16 13.58
CA ARG D 405 -12.61 -40.56 14.47
C ARG D 405 -12.83 -42.07 14.43
N LEU D 406 -12.76 -42.65 13.23
CA LEU D 406 -12.96 -44.09 13.10
C LEU D 406 -11.86 -44.86 13.83
N VAL D 407 -10.61 -44.38 13.73
CA VAL D 407 -9.52 -45.03 14.44
C VAL D 407 -9.68 -44.87 15.95
N HIS D 408 -10.03 -43.65 16.41
CA HIS D 408 -10.21 -43.41 17.83
C HIS D 408 -11.41 -44.13 18.40
N LYS D 409 -12.33 -44.61 17.54
CA LYS D 409 -13.44 -45.42 18.02
C LYS D 409 -12.96 -46.60 18.85
N GLN D 410 -11.68 -46.96 18.76
CA GLN D 410 -11.13 -47.94 19.70
C GLN D 410 -11.35 -47.50 21.13
N ASP D 411 -11.39 -46.20 21.37
CA ASP D 411 -11.71 -45.68 22.70
C ASP D 411 -13.18 -45.87 23.05
N LEU D 412 -14.01 -46.32 22.12
CA LEU D 412 -15.40 -46.62 22.41
C LEU D 412 -15.60 -48.04 22.96
N GLN D 413 -14.59 -48.90 22.87
CA GLN D 413 -14.68 -50.27 23.37
C GLN D 413 -15.87 -51.00 22.75
N GLN D 414 -16.11 -50.71 21.47
CA GLN D 414 -17.22 -51.30 20.72
C GLN D 414 -16.67 -52.20 19.64
N PRO D 415 -16.92 -53.52 19.66
CA PRO D 415 -16.40 -54.38 18.60
C PRO D 415 -16.94 -53.96 17.23
N VAL D 416 -16.11 -54.16 16.21
CA VAL D 416 -16.47 -53.73 14.85
C VAL D 416 -17.71 -54.49 14.41
N PRO D 417 -18.73 -53.83 13.87
CA PRO D 417 -19.90 -54.56 13.37
C PRO D 417 -19.51 -55.54 12.28
N ALA D 418 -20.25 -56.66 12.23
CA ALA D 418 -19.94 -57.70 11.25
C ALA D 418 -20.10 -57.20 9.83
N TRP D 419 -21.16 -56.43 9.56
CA TRP D 419 -21.39 -55.94 8.21
C TRP D 419 -20.25 -55.03 7.74
N LEU D 420 -19.81 -54.12 8.62
CA LEU D 420 -18.68 -53.27 8.28
C LEU D 420 -17.41 -54.10 8.07
N ARG D 421 -17.20 -55.10 8.93
CA ARG D 421 -16.07 -56.00 8.76
C ARG D 421 -16.06 -56.61 7.37
N HIS D 422 -17.18 -57.21 6.98
CA HIS D 422 -17.27 -57.81 5.65
C HIS D 422 -16.99 -56.77 4.58
N LEU D 423 -17.72 -55.66 4.61
CA LEU D 423 -17.64 -54.67 3.55
C LEU D 423 -16.21 -54.18 3.36
N VAL D 424 -15.50 -53.92 4.45
CA VAL D 424 -14.18 -53.30 4.37
C VAL D 424 -13.09 -54.33 4.12
N LEU D 425 -13.04 -55.39 4.94
CA LEU D 425 -11.93 -56.32 4.88
C LEU D 425 -12.08 -57.41 3.82
N GLU D 426 -13.25 -57.53 3.17
CA GLU D 426 -13.45 -58.55 2.16
C GLU D 426 -13.69 -57.95 0.78
N ARG D 427 -14.68 -57.07 0.64
CA ARG D 427 -14.96 -56.47 -0.66
C ARG D 427 -13.96 -55.39 -1.00
N ILE D 428 -13.86 -54.35 -0.16
CA ILE D 428 -12.99 -53.23 -0.46
C ILE D 428 -11.53 -53.67 -0.44
N ALA D 429 -11.15 -54.49 0.54
CA ALA D 429 -9.76 -54.95 0.61
C ALA D 429 -9.39 -55.74 -0.64
N TRP D 430 -10.29 -56.60 -1.11
CA TRP D 430 -10.05 -57.31 -2.36
C TRP D 430 -9.93 -56.35 -3.53
N LEU D 431 -10.79 -55.33 -3.57
CA LEU D 431 -10.71 -54.34 -4.63
C LEU D 431 -9.37 -53.62 -4.62
N LEU D 432 -8.85 -53.30 -3.43
CA LEU D 432 -7.58 -52.60 -3.30
C LEU D 432 -6.38 -53.53 -3.40
N CYS D 433 -6.59 -54.80 -3.74
CA CYS D 433 -5.49 -55.75 -3.92
C CYS D 433 -4.68 -55.91 -2.63
N LEU D 434 -5.38 -55.90 -1.49
CA LEU D 434 -4.73 -56.10 -0.20
C LEU D 434 -4.82 -57.56 0.22
N ALA D 488 -3.37 -78.62 52.41
CA ALA D 488 -3.17 -77.30 51.85
C ALA D 488 -3.90 -77.14 50.53
N SER D 489 -4.86 -78.02 50.27
CA SER D 489 -5.61 -77.97 49.02
C SER D 489 -6.45 -76.71 48.93
N LEU D 490 -7.04 -76.27 50.05
CA LEU D 490 -7.88 -75.08 50.02
C LEU D 490 -7.08 -73.84 49.66
N ALA D 491 -5.88 -73.71 50.21
CA ALA D 491 -5.03 -72.58 49.86
C ALA D 491 -4.67 -72.61 48.38
N VAL D 492 -4.40 -73.80 47.85
CA VAL D 492 -4.05 -73.93 46.44
C VAL D 492 -5.24 -73.57 45.56
N CYS D 493 -6.45 -73.95 45.97
CA CYS D 493 -7.64 -73.59 45.19
C CYS D 493 -7.91 -72.10 45.25
N GLY D 494 -7.62 -71.46 46.40
CA GLY D 494 -7.68 -70.00 46.45
C GLY D 494 -6.69 -69.36 45.51
N LEU D 495 -5.46 -69.87 45.50
CA LEU D 495 -4.47 -69.41 44.52
C LEU D 495 -5.02 -69.54 43.10
N LEU D 496 -5.65 -70.67 42.79
CA LEU D 496 -6.21 -70.90 41.47
C LEU D 496 -7.28 -69.86 41.15
N GLN D 497 -8.20 -69.62 42.08
CA GLN D 497 -9.27 -68.67 41.84
C GLN D 497 -8.71 -67.29 41.57
N GLU D 498 -7.72 -66.86 42.36
CA GLU D 498 -7.19 -65.53 42.12
C GLU D 498 -6.39 -65.45 40.83
N LEU D 499 -5.59 -66.47 40.54
CA LEU D 499 -4.78 -66.40 39.34
C LEU D 499 -5.69 -66.43 38.12
N SER D 500 -6.90 -66.98 38.28
CA SER D 500 -7.92 -66.84 37.25
C SER D 500 -8.54 -65.44 37.23
N SER D 501 -8.59 -64.75 38.36
CA SER D 501 -8.95 -63.33 38.30
C SER D 501 -7.92 -62.54 37.48
N ILE D 502 -6.64 -62.84 37.68
CA ILE D 502 -5.58 -62.31 36.82
C ILE D 502 -5.85 -62.69 35.37
N ARG D 503 -6.25 -63.95 35.15
CA ARG D 503 -6.62 -64.38 33.79
C ARG D 503 -7.63 -63.43 33.20
N GLN D 504 -8.69 -63.15 33.95
CA GLN D 504 -9.81 -62.38 33.42
C GLN D 504 -9.40 -60.94 33.14
N PHE D 505 -8.55 -60.36 33.99
CA PHE D 505 -8.12 -58.99 33.75
C PHE D 505 -7.22 -58.89 32.51
N LEU D 506 -6.26 -59.81 32.37
CA LEU D 506 -5.44 -59.77 31.16
C LEU D 506 -6.26 -60.12 29.93
N GLU D 507 -7.24 -61.01 30.06
CA GLU D 507 -8.19 -61.26 28.99
C GLU D 507 -8.85 -59.97 28.52
N LYS D 508 -9.36 -59.19 29.47
CA LYS D 508 -10.04 -57.95 29.11
C LYS D 508 -9.09 -56.97 28.43
N ARG D 509 -7.87 -56.83 28.97
CA ARG D 509 -6.92 -55.90 28.36
C ARG D 509 -6.59 -56.32 26.94
N ASP D 510 -6.33 -57.61 26.72
CA ASP D 510 -6.01 -58.10 25.39
C ASP D 510 -7.18 -57.95 24.44
N GLU D 511 -8.41 -58.18 24.93
CA GLU D 511 -9.59 -58.01 24.10
C GLU D 511 -9.76 -56.55 23.67
N ILE D 512 -9.50 -55.62 24.60
CA ILE D 512 -9.54 -54.20 24.23
C ILE D 512 -8.51 -53.90 23.16
N ARG D 513 -7.30 -54.45 23.32
CA ARG D 513 -6.26 -54.24 22.33
C ARG D 513 -6.67 -54.78 20.97
N GLU D 514 -7.32 -55.95 20.94
CA GLU D 514 -7.74 -56.53 19.68
C GLU D 514 -8.88 -55.73 19.04
N VAL D 515 -9.77 -55.18 19.84
CA VAL D 515 -10.83 -54.32 19.30
C VAL D 515 -10.20 -53.10 18.64
N ALA D 516 -9.22 -52.49 19.32
CA ALA D 516 -8.48 -51.39 18.72
C ALA D 516 -7.80 -51.84 17.43
N ARG D 517 -7.27 -53.06 17.43
CA ARG D 517 -6.66 -53.63 16.23
C ARG D 517 -7.64 -53.64 15.06
N ASP D 518 -8.84 -54.17 15.28
CA ASP D 518 -9.83 -54.26 14.22
C ASP D 518 -10.21 -52.88 13.72
N TRP D 519 -10.46 -51.95 14.65
CA TRP D 519 -10.83 -50.60 14.25
C TRP D 519 -9.73 -49.95 13.42
N LEU D 520 -8.48 -50.13 13.83
CA LEU D 520 -7.36 -49.55 13.09
C LEU D 520 -7.25 -50.15 11.69
N ARG D 521 -7.42 -51.46 11.57
CA ARG D 521 -7.34 -52.09 10.25
C ARG D 521 -8.43 -51.55 9.33
N VAL D 522 -9.66 -51.46 9.85
CA VAL D 522 -10.75 -50.92 9.05
C VAL D 522 -10.46 -49.49 8.63
N GLY D 523 -9.97 -48.68 9.57
CA GLY D 523 -9.66 -47.29 9.25
C GLY D 523 -8.59 -47.17 8.20
N SER D 524 -7.55 -48.00 8.28
CA SER D 524 -6.49 -47.95 7.29
C SER D 524 -7.01 -48.32 5.91
N VAL D 525 -7.84 -49.36 5.83
CA VAL D 525 -8.37 -49.78 4.53
C VAL D 525 -9.23 -48.67 3.93
N LEU D 526 -10.11 -48.09 4.75
CA LEU D 526 -10.96 -47.00 4.24
C LEU D 526 -10.13 -45.78 3.86
N ASP D 527 -9.05 -45.51 4.61
CA ASP D 527 -8.19 -44.39 4.26
C ASP D 527 -7.54 -44.62 2.89
N LYS D 528 -7.08 -45.84 2.63
CA LYS D 528 -6.50 -46.13 1.32
C LYS D 528 -7.54 -45.93 0.22
N LEU D 529 -8.76 -46.44 0.44
CA LEU D 529 -9.82 -46.27 -0.56
C LEU D 529 -10.09 -44.81 -0.84
N LEU D 530 -10.30 -44.02 0.21
CA LEU D 530 -10.65 -42.62 0.02
C LEU D 530 -9.48 -41.83 -0.57
N PHE D 531 -8.24 -42.20 -0.23
CA PHE D 531 -7.10 -41.57 -0.87
C PHE D 531 -7.08 -41.82 -2.37
N HIS D 532 -7.34 -43.07 -2.77
CA HIS D 532 -7.40 -43.36 -4.20
C HIS D 532 -8.50 -42.55 -4.88
N ILE D 533 -9.69 -42.49 -4.25
CA ILE D 533 -10.80 -41.76 -4.85
C ILE D 533 -10.46 -40.28 -4.99
N TYR D 534 -9.90 -39.69 -3.93
CA TYR D 534 -9.57 -38.27 -3.96
C TYR D 534 -8.49 -37.98 -4.99
N LEU D 535 -7.50 -38.86 -5.10
CA LEU D 535 -6.45 -38.67 -6.10
C LEU D 535 -7.03 -38.73 -7.50
N LEU D 536 -7.94 -39.67 -7.76
CA LEU D 536 -8.56 -39.75 -9.07
C LEU D 536 -9.37 -38.49 -9.37
N ALA D 537 -10.11 -37.99 -8.38
CA ALA D 537 -10.89 -36.78 -8.59
C ALA D 537 -9.98 -35.58 -8.88
N VAL D 538 -8.88 -35.45 -8.14
CA VAL D 538 -7.95 -34.36 -8.38
C VAL D 538 -7.34 -34.46 -9.77
N LEU D 539 -6.98 -35.67 -10.19
CA LEU D 539 -6.42 -35.86 -11.52
C LEU D 539 -7.44 -35.47 -12.59
N ALA D 540 -8.70 -35.86 -12.40
CA ALA D 540 -9.73 -35.50 -13.37
C ALA D 540 -9.91 -33.99 -13.44
N TYR D 541 -9.93 -33.32 -12.28
CA TYR D 541 -10.07 -31.86 -12.29
C TYR D 541 -8.90 -31.20 -12.98
N SER D 542 -7.68 -31.67 -12.71
CA SER D 542 -6.50 -31.09 -13.36
C SER D 542 -6.56 -31.31 -14.86
N ILE D 543 -6.98 -32.49 -15.30
CA ILE D 543 -7.07 -32.75 -16.73
C ILE D 543 -8.11 -31.85 -17.38
N THR D 544 -9.25 -31.65 -16.72
CA THR D 544 -10.27 -30.76 -17.25
C THR D 544 -9.74 -29.34 -17.37
N LEU D 545 -9.03 -28.87 -16.34
CA LEU D 545 -8.46 -27.52 -16.40
C LEU D 545 -7.44 -27.41 -17.53
N VAL D 546 -6.61 -28.44 -17.71
CA VAL D 546 -5.62 -28.41 -18.79
C VAL D 546 -6.31 -28.40 -20.14
N MET D 547 -7.41 -29.14 -20.27
CA MET D 547 -8.15 -29.15 -21.54
C MET D 547 -8.77 -27.78 -21.81
N LEU D 548 -9.30 -27.13 -20.78
CA LEU D 548 -9.82 -25.77 -20.95
C LEU D 548 -8.71 -24.82 -21.39
N TRP D 549 -7.53 -24.93 -20.77
CA TRP D 549 -6.42 -24.08 -21.16
C TRP D 549 -6.00 -24.35 -22.61
N SER D 550 -5.98 -25.62 -23.01
CA SER D 550 -5.63 -25.96 -24.39
C SER D 550 -6.65 -25.38 -25.36
N ILE D 551 -7.93 -25.42 -25.00
CA ILE D 551 -8.96 -24.83 -25.85
C ILE D 551 -8.72 -23.33 -26.00
N TRP D 552 -8.46 -22.65 -24.88
CA TRP D 552 -8.18 -21.22 -24.94
C TRP D 552 -6.88 -20.91 -25.67
N GLN D 553 -5.96 -21.86 -25.75
CA GLN D 553 -4.65 -21.64 -26.37
C GLN D 553 -4.68 -21.85 -27.87
N TYR D 554 -5.30 -22.94 -28.33
CA TYR D 554 -5.22 -23.33 -29.74
C TYR D 554 -6.47 -23.00 -30.54
N ALA D 555 -7.61 -22.77 -29.90
CA ALA D 555 -8.83 -22.44 -30.61
C ALA D 555 -8.75 -21.05 -31.21
N THR E 106 -26.77 59.33 -21.74
CA THR E 106 -25.67 58.91 -22.67
C THR E 106 -26.08 57.65 -23.43
N THR E 107 -25.65 57.57 -24.69
CA THR E 107 -26.06 56.45 -25.55
C THR E 107 -25.51 55.12 -25.02
N ARG E 108 -24.26 55.12 -24.57
CA ARG E 108 -23.64 53.87 -24.17
C ARG E 108 -24.29 53.33 -22.89
N PRO E 109 -24.26 52.01 -22.69
CA PRO E 109 -24.77 51.45 -21.44
C PRO E 109 -24.01 51.97 -20.24
N ALA E 110 -24.71 52.09 -19.11
CA ALA E 110 -24.10 52.67 -17.92
C ALA E 110 -22.93 51.84 -17.43
N LEU E 111 -23.08 50.51 -17.38
CA LEU E 111 -22.00 49.66 -16.91
C LEU E 111 -20.78 49.76 -17.81
N LEU E 112 -20.99 49.73 -19.12
CA LEU E 112 -19.86 49.82 -20.05
C LEU E 112 -19.15 51.16 -19.91
N ARG E 113 -19.92 52.25 -19.82
CA ARG E 113 -19.32 53.57 -19.68
C ARG E 113 -18.53 53.68 -18.37
N LEU E 114 -19.09 53.15 -17.27
CA LEU E 114 -18.39 53.21 -16.00
C LEU E 114 -17.10 52.39 -16.03
N SER E 115 -17.16 51.20 -16.62
CA SER E 115 -15.95 50.37 -16.72
C SER E 115 -14.89 51.07 -17.55
N ASP E 116 -15.29 51.69 -18.66
CA ASP E 116 -14.33 52.44 -19.47
C ASP E 116 -13.74 53.61 -18.68
N TYR E 117 -14.59 54.32 -17.93
CA TYR E 117 -14.11 55.46 -17.15
C TYR E 117 -13.14 55.02 -16.07
N LEU E 118 -13.33 53.83 -15.51
CA LEU E 118 -12.48 53.38 -14.41
C LEU E 118 -11.17 52.77 -14.90
N LEU E 119 -11.25 51.80 -15.80
CA LEU E 119 -10.12 50.94 -16.11
C LEU E 119 -9.27 51.42 -17.28
N THR E 120 -9.64 52.52 -17.93
CA THR E 120 -8.86 52.97 -19.08
C THR E 120 -7.55 53.63 -18.66
N ASN E 121 -7.50 54.22 -17.47
CA ASN E 121 -6.30 54.86 -16.95
C ASN E 121 -5.74 54.17 -15.72
N TYR E 122 -6.28 53.01 -15.36
CA TYR E 122 -5.85 52.32 -14.15
C TYR E 122 -4.58 51.53 -14.39
N ARG E 123 -3.67 51.60 -13.41
CA ARG E 123 -2.43 50.82 -13.43
C ARG E 123 -2.55 49.66 -12.46
N LYS E 124 -2.34 48.44 -12.96
CA LYS E 124 -2.56 47.25 -12.16
C LYS E 124 -1.46 47.06 -11.12
N GLY E 125 -0.25 47.52 -11.41
CA GLY E 125 0.89 47.28 -10.55
C GLY E 125 1.23 48.38 -9.58
N VAL E 126 0.29 49.28 -9.30
CA VAL E 126 0.51 50.41 -8.39
C VAL E 126 -0.44 50.26 -7.21
N ARG E 127 0.11 50.36 -6.01
CA ARG E 127 -0.70 50.26 -4.81
C ARG E 127 -1.70 51.42 -4.78
N PRO E 128 -2.99 51.15 -4.55
CA PRO E 128 -4.02 52.21 -4.69
C PRO E 128 -4.13 53.15 -3.50
N VAL E 129 -3.20 54.11 -3.43
CA VAL E 129 -3.23 55.16 -2.43
C VAL E 129 -2.71 56.44 -3.08
N ARG E 130 -3.48 57.52 -2.95
CA ARG E 130 -3.03 58.81 -3.46
C ARG E 130 -1.78 59.28 -2.72
N ASP E 131 -1.75 59.10 -1.40
CA ASP E 131 -0.60 59.41 -0.59
C ASP E 131 0.11 58.10 -0.22
N TRP E 132 1.36 57.96 -0.66
CA TRP E 132 2.09 56.72 -0.44
C TRP E 132 2.36 56.46 1.03
N ARG E 133 2.24 57.48 1.88
CA ARG E 133 2.46 57.29 3.31
C ARG E 133 1.28 56.60 3.99
N LYS E 134 0.12 56.53 3.33
CA LYS E 134 -1.06 55.90 3.91
C LYS E 134 -1.03 54.41 3.61
N PRO E 135 -1.03 53.54 4.62
CA PRO E 135 -1.05 52.11 4.35
C PRO E 135 -2.41 51.65 3.84
N THR E 136 -2.39 50.53 3.11
CA THR E 136 -3.61 49.91 2.59
C THR E 136 -4.07 48.86 3.58
N THR E 137 -5.23 49.08 4.19
CA THR E 137 -5.76 48.18 5.21
C THR E 137 -6.63 47.12 4.55
N VAL E 138 -6.28 45.86 4.76
CA VAL E 138 -7.00 44.73 4.19
C VAL E 138 -7.73 44.03 5.32
N SER E 139 -9.06 44.09 5.31
CA SER E 139 -9.89 43.43 6.30
C SER E 139 -10.27 42.05 5.76
N ILE E 140 -9.82 41.00 6.45
CA ILE E 140 -9.99 39.64 5.98
C ILE E 140 -10.98 38.90 6.88
N ASP E 141 -11.47 37.78 6.36
CA ASP E 141 -12.36 36.90 7.10
C ASP E 141 -12.09 35.47 6.65
N VAL E 142 -12.19 34.53 7.58
CA VAL E 142 -11.90 33.13 7.31
C VAL E 142 -13.07 32.29 7.81
N ILE E 143 -13.56 31.39 6.96
CA ILE E 143 -14.61 30.45 7.31
C ILE E 143 -14.12 29.06 6.93
N VAL E 144 -13.97 28.19 7.93
CA VAL E 144 -13.45 26.86 7.70
C VAL E 144 -14.58 25.98 7.18
N TYR E 145 -14.34 25.30 6.06
CA TYR E 145 -15.33 24.45 5.42
C TYR E 145 -15.14 22.98 5.75
N ALA E 146 -13.91 22.48 5.63
CA ALA E 146 -13.66 21.06 5.88
C ALA E 146 -12.20 20.85 6.22
N ILE E 147 -11.92 19.77 6.94
CA ILE E 147 -10.57 19.32 7.25
C ILE E 147 -10.28 18.16 6.32
N LEU E 148 -9.67 18.45 5.17
CA LEU E 148 -9.49 17.42 4.15
C LEU E 148 -8.57 16.30 4.62
N ASN E 149 -7.47 16.64 5.29
CA ASN E 149 -6.50 15.65 5.70
C ASN E 149 -5.64 16.21 6.82
N VAL E 150 -5.36 15.37 7.81
CA VAL E 150 -4.43 15.67 8.89
C VAL E 150 -3.35 14.61 8.86
N ASP E 151 -2.13 15.00 8.53
CA ASP E 151 -1.01 14.09 8.38
C ASP E 151 -0.09 14.25 9.60
N GLU E 152 -0.33 13.44 10.62
CA GLU E 152 0.48 13.50 11.82
C GLU E 152 1.91 13.07 11.55
N LYS E 153 2.11 12.15 10.60
CA LYS E 153 3.46 11.69 10.27
C LYS E 153 4.31 12.84 9.73
N ASN E 154 3.78 13.58 8.76
CA ASN E 154 4.50 14.67 8.12
C ASN E 154 4.24 16.03 8.77
N GLN E 155 3.38 16.08 9.79
CA GLN E 155 3.04 17.34 10.46
C GLN E 155 2.49 18.35 9.46
N VAL E 156 1.57 17.88 8.62
CA VAL E 156 0.97 18.69 7.56
C VAL E 156 -0.54 18.65 7.72
N LEU E 157 -1.16 19.82 7.68
CA LEU E 157 -2.61 19.95 7.78
C LEU E 157 -3.15 20.49 6.46
N THR E 158 -4.20 19.85 5.95
CA THR E 158 -4.87 20.26 4.72
C THR E 158 -6.32 20.58 5.05
N THR E 159 -6.72 21.83 4.80
CA THR E 159 -8.07 22.29 5.10
C THR E 159 -8.55 23.20 3.99
N TYR E 160 -9.87 23.27 3.85
CA TYR E 160 -10.53 24.11 2.86
C TYR E 160 -11.28 25.23 3.58
N ILE E 161 -10.99 26.47 3.18
CA ILE E 161 -11.58 27.64 3.82
C ILE E 161 -12.20 28.54 2.76
N TRP E 162 -13.16 29.34 3.18
CA TRP E 162 -13.80 30.35 2.34
C TRP E 162 -13.23 31.70 2.75
N TYR E 163 -12.13 32.09 2.12
CA TYR E 163 -11.42 33.30 2.47
C TYR E 163 -11.96 34.48 1.69
N ARG E 164 -12.17 35.60 2.38
CA ARG E 164 -12.66 36.81 1.75
C ARG E 164 -11.99 38.02 2.40
N GLN E 165 -11.66 39.01 1.57
CA GLN E 165 -10.98 40.20 2.02
C GLN E 165 -11.52 41.40 1.26
N TYR E 166 -11.53 42.56 1.92
CA TYR E 166 -11.87 43.80 1.24
C TYR E 166 -10.91 44.90 1.64
N TRP E 167 -10.63 45.78 0.68
CA TRP E 167 -9.74 46.92 0.88
C TRP E 167 -10.30 48.10 0.10
N THR E 168 -9.68 49.25 0.27
CA THR E 168 -10.12 50.49 -0.37
C THR E 168 -9.21 50.80 -1.56
N ASP E 169 -9.81 50.97 -2.73
CA ASP E 169 -9.09 51.34 -3.95
C ASP E 169 -9.40 52.80 -4.24
N GLU E 170 -8.44 53.68 -3.92
CA GLU E 170 -8.67 55.11 -4.05
C GLU E 170 -8.79 55.55 -5.50
N PHE E 171 -8.31 54.75 -6.45
CA PHE E 171 -8.42 55.08 -7.86
C PHE E 171 -9.75 54.64 -8.46
N LEU E 172 -10.38 53.61 -7.90
CA LEU E 172 -11.65 53.10 -8.42
C LEU E 172 -12.82 53.72 -7.66
N GLN E 173 -12.95 55.04 -7.82
CA GLN E 173 -14.02 55.81 -7.19
C GLN E 173 -14.77 56.57 -8.27
N TRP E 174 -16.08 56.69 -8.10
CA TRP E 174 -16.93 57.36 -9.08
C TRP E 174 -18.16 57.92 -8.40
N ASN E 175 -18.82 58.84 -9.08
CA ASN E 175 -20.06 59.44 -8.59
C ASN E 175 -21.24 58.68 -9.18
N PRO E 176 -22.08 58.02 -8.36
CA PRO E 176 -23.17 57.23 -8.94
C PRO E 176 -24.11 58.03 -9.83
N GLU E 177 -24.36 59.31 -9.50
CA GLU E 177 -25.31 60.10 -10.26
C GLU E 177 -24.87 60.30 -11.71
N ASP E 178 -23.58 60.18 -11.99
CA ASP E 178 -23.07 60.35 -13.34
C ASP E 178 -23.11 59.06 -14.15
N PHE E 179 -23.47 57.94 -13.54
CA PHE E 179 -23.49 56.63 -14.20
C PHE E 179 -24.78 55.89 -13.89
N ASP E 180 -25.90 56.57 -14.03
CA ASP E 180 -27.22 55.97 -13.85
C ASP E 180 -27.37 55.37 -12.45
N ASN E 181 -26.85 56.07 -11.45
CA ASN E 181 -27.01 55.69 -10.05
C ASN E 181 -26.48 54.28 -9.79
N ILE E 182 -25.33 53.96 -10.37
CA ILE E 182 -24.66 52.68 -10.11
C ILE E 182 -23.81 52.85 -8.86
N THR E 183 -24.15 52.09 -7.81
CA THR E 183 -23.41 52.14 -6.56
C THR E 183 -22.52 50.91 -6.35
N LYS E 184 -22.72 49.85 -7.13
CA LYS E 184 -21.93 48.63 -7.00
C LYS E 184 -21.66 48.08 -8.38
N LEU E 185 -20.42 47.62 -8.58
CA LEU E 185 -19.97 47.15 -9.88
C LEU E 185 -19.08 45.92 -9.71
N SER E 186 -19.11 45.05 -10.70
CA SER E 186 -18.26 43.87 -10.75
C SER E 186 -17.17 44.08 -11.77
N ILE E 187 -15.92 43.83 -11.37
CA ILE E 187 -14.77 44.05 -12.24
C ILE E 187 -13.90 42.79 -12.18
N PRO E 188 -13.24 42.41 -13.27
CA PRO E 188 -12.37 41.23 -13.22
C PRO E 188 -11.24 41.40 -12.20
N THR E 189 -10.89 40.30 -11.55
CA THR E 189 -9.82 40.33 -10.57
C THR E 189 -8.48 40.64 -11.22
N ASP E 190 -8.24 40.11 -12.42
CA ASP E 190 -6.97 40.25 -13.11
C ASP E 190 -6.79 41.62 -13.75
N SER E 191 -7.64 42.60 -13.42
CA SER E 191 -7.53 43.95 -13.98
C SER E 191 -7.34 45.01 -12.91
N ILE E 192 -7.16 44.61 -11.64
CA ILE E 192 -6.98 45.56 -10.54
C ILE E 192 -5.89 45.05 -9.61
N TRP E 193 -5.39 45.97 -8.78
CA TRP E 193 -4.38 45.62 -7.80
C TRP E 193 -4.97 44.71 -6.73
N VAL E 194 -4.24 43.65 -6.39
CA VAL E 194 -4.68 42.69 -5.38
C VAL E 194 -3.54 42.49 -4.39
N PRO E 195 -3.79 42.58 -3.09
CA PRO E 195 -2.70 42.39 -2.12
C PRO E 195 -2.18 40.97 -2.14
N ASP E 196 -0.89 40.84 -1.79
CA ASP E 196 -0.22 39.55 -1.77
C ASP E 196 -0.28 38.92 -0.39
N ILE E 197 -1.51 38.71 0.07
CA ILE E 197 -1.75 38.08 1.37
C ILE E 197 -1.56 36.58 1.23
N LEU E 198 -0.68 36.01 2.04
CA LEU E 198 -0.38 34.59 2.02
C LEU E 198 -0.33 34.06 3.45
N ILE E 199 -0.16 32.75 3.57
CA ILE E 199 -0.07 32.08 4.85
C ILE E 199 1.37 31.63 5.05
N ASN E 200 1.97 32.01 6.19
CA ASN E 200 3.36 31.66 6.45
C ASN E 200 3.53 30.14 6.51
N GLU E 201 2.57 29.45 7.10
CA GLU E 201 2.66 28.00 7.29
C GLU E 201 2.56 27.22 6.00
N PHE E 202 2.50 27.85 4.83
CA PHE E 202 2.40 27.10 3.59
C PHE E 202 3.60 26.18 3.41
N VAL E 203 3.33 24.93 3.07
CA VAL E 203 4.36 24.00 2.62
C VAL E 203 4.05 23.44 1.24
N ASP E 204 2.86 23.71 0.69
CA ASP E 204 2.43 23.18 -0.58
C ASP E 204 1.35 24.09 -1.10
N VAL E 205 1.13 24.05 -2.42
CA VAL E 205 0.11 24.87 -3.07
C VAL E 205 -1.08 23.98 -3.36
N GLY E 206 -2.21 24.26 -2.71
CA GLY E 206 -3.43 23.56 -3.00
C GLY E 206 -4.12 24.11 -4.24
N LYS E 207 -4.89 23.26 -4.90
CA LYS E 207 -5.54 23.62 -6.14
C LYS E 207 -6.95 24.11 -5.83
N SER E 208 -7.20 25.39 -6.08
CA SER E 208 -8.48 25.99 -5.75
C SER E 208 -9.06 26.70 -6.97
N PRO E 209 -10.39 26.72 -7.09
CA PRO E 209 -10.99 27.40 -8.24
C PRO E 209 -10.68 28.89 -8.26
N ASN E 210 -10.48 29.43 -9.45
CA ASN E 210 -10.18 30.84 -9.61
C ASN E 210 -11.47 31.64 -9.70
N ILE E 211 -11.56 32.72 -8.91
CA ILE E 211 -12.70 33.61 -8.93
C ILE E 211 -12.36 34.77 -9.86
N PRO E 212 -13.01 34.90 -11.02
CA PRO E 212 -12.57 35.90 -12.00
C PRO E 212 -13.02 37.32 -11.71
N TYR E 213 -14.03 37.52 -10.85
CA TYR E 213 -14.61 38.83 -10.63
C TYR E 213 -14.55 39.21 -9.16
N VAL E 214 -14.54 40.52 -8.92
CA VAL E 214 -14.63 41.09 -7.58
C VAL E 214 -15.66 42.21 -7.62
N TYR E 215 -16.21 42.53 -6.46
CA TYR E 215 -17.20 43.59 -6.34
C TYR E 215 -16.53 44.89 -5.94
N ILE E 216 -16.94 45.98 -6.56
CA ILE E 216 -16.40 47.31 -6.30
C ILE E 216 -17.56 48.27 -6.09
N ARG E 217 -17.42 49.13 -5.09
CA ARG E 217 -18.44 50.11 -4.74
C ARG E 217 -17.92 51.52 -5.02
N HIS E 218 -18.87 52.45 -5.13
CA HIS E 218 -18.54 53.78 -5.63
C HIS E 218 -17.54 54.50 -4.74
N GLN E 219 -17.50 54.18 -3.45
CA GLN E 219 -16.59 54.84 -2.52
C GLN E 219 -15.21 54.19 -2.48
N GLY E 220 -14.99 53.12 -3.24
CA GLY E 220 -13.68 52.53 -3.40
C GLY E 220 -13.51 51.15 -2.82
N GLU E 221 -14.44 50.67 -1.99
CA GLU E 221 -14.30 49.36 -1.38
C GLU E 221 -14.31 48.28 -2.45
N VAL E 222 -13.39 47.33 -2.33
CA VAL E 222 -13.28 46.19 -3.24
C VAL E 222 -13.47 44.92 -2.42
N GLN E 223 -14.42 44.09 -2.83
CA GLN E 223 -14.72 42.84 -2.14
C GLN E 223 -14.25 41.67 -2.98
N ASN E 224 -13.41 40.82 -2.39
CA ASN E 224 -12.85 39.66 -3.07
C ASN E 224 -13.18 38.41 -2.26
N TYR E 225 -14.01 37.54 -2.82
CA TYR E 225 -14.35 36.26 -2.21
C TYR E 225 -13.65 35.16 -3.01
N LYS E 226 -12.99 34.25 -2.31
CA LYS E 226 -12.33 33.15 -3.00
C LYS E 226 -12.09 32.00 -2.04
N PRO E 227 -12.37 30.76 -2.45
CA PRO E 227 -12.02 29.62 -1.61
C PRO E 227 -10.57 29.21 -1.79
N LEU E 228 -10.00 28.63 -0.74
CA LEU E 228 -8.60 28.26 -0.73
C LEU E 228 -8.42 26.89 -0.11
N GLN E 229 -7.74 26.00 -0.82
CA GLN E 229 -7.25 24.75 -0.26
C GLN E 229 -5.83 24.98 0.19
N VAL E 230 -5.62 25.11 1.51
CA VAL E 230 -4.33 25.49 2.07
C VAL E 230 -3.70 24.25 2.71
N VAL E 231 -2.47 23.96 2.31
CA VAL E 231 -1.69 22.87 2.87
C VAL E 231 -0.66 23.51 3.79
N THR E 232 -0.90 23.42 5.10
CA THR E 232 -0.09 24.09 6.09
C THR E 232 0.50 23.08 7.06
N ALA E 233 1.70 23.38 7.55
CA ALA E 233 2.39 22.56 8.52
C ALA E 233 2.21 23.15 9.91
N CYS E 234 1.82 22.31 10.86
CA CYS E 234 1.62 22.73 12.24
C CYS E 234 2.11 21.62 13.15
N SER E 235 1.97 21.84 14.47
CA SER E 235 2.40 20.89 15.48
C SER E 235 1.24 19.96 15.79
N LEU E 236 1.33 18.72 15.32
CA LEU E 236 0.29 17.71 15.54
C LEU E 236 0.77 16.78 16.63
N ASP E 237 0.54 17.15 17.88
CA ASP E 237 0.89 16.32 19.02
C ASP E 237 -0.19 15.27 19.22
N ILE E 238 0.21 14.00 19.18
CA ILE E 238 -0.74 12.89 19.27
C ILE E 238 -0.56 12.18 20.60
N TYR E 239 -0.10 12.91 21.61
CA TYR E 239 0.10 12.31 22.93
C TYR E 239 -1.20 11.76 23.50
N ASN E 240 -2.29 12.51 23.35
CA ASN E 240 -3.59 12.08 23.84
C ASN E 240 -4.39 11.32 22.79
N PHE E 241 -3.72 10.80 21.76
CA PHE E 241 -4.43 10.06 20.73
C PHE E 241 -5.12 8.85 21.35
N PRO E 242 -6.35 8.53 20.95
CA PRO E 242 -7.19 9.17 19.91
C PRO E 242 -8.04 10.32 20.43
N PHE E 243 -7.82 10.78 21.66
CA PHE E 243 -8.55 11.90 22.23
C PHE E 243 -7.78 13.22 22.11
N ASP E 244 -6.95 13.33 21.07
CA ASP E 244 -6.09 14.51 20.92
C ASP E 244 -6.88 15.69 20.38
N VAL E 245 -6.55 16.88 20.89
CA VAL E 245 -7.11 18.14 20.41
C VAL E 245 -5.96 18.93 19.80
N GLN E 246 -6.01 19.12 18.49
CA GLN E 246 -4.95 19.80 17.77
C GLN E 246 -5.19 21.30 17.73
N ASN E 247 -4.10 22.06 17.65
CA ASN E 247 -4.13 23.52 17.67
C ASN E 247 -3.20 24.00 16.56
N CYS E 248 -3.75 24.13 15.36
CA CYS E 248 -2.98 24.53 14.18
C CYS E 248 -3.34 25.97 13.83
N SER E 249 -2.32 26.77 13.53
CA SER E 249 -2.47 28.20 13.32
C SER E 249 -2.32 28.54 11.84
N LEU E 250 -3.14 29.48 11.38
CA LEU E 250 -3.05 30.02 10.03
C LEU E 250 -2.68 31.50 10.16
N THR E 251 -1.48 31.85 9.71
CA THR E 251 -0.94 33.19 9.87
C THR E 251 -1.01 33.91 8.52
N PHE E 252 -2.06 34.71 8.34
CA PHE E 252 -2.21 35.50 7.13
C PHE E 252 -1.38 36.77 7.24
N THR E 253 -0.47 36.97 6.29
CA THR E 253 0.42 38.12 6.31
C THR E 253 0.80 38.48 4.89
N SER E 254 1.13 39.75 4.69
CA SER E 254 1.65 40.20 3.39
C SER E 254 3.10 39.77 3.27
N TRP E 255 3.39 38.96 2.25
CA TRP E 255 4.72 38.37 2.14
C TRP E 255 5.79 39.44 1.97
N LEU E 256 5.53 40.43 1.11
CA LEU E 256 6.53 41.45 0.79
C LEU E 256 6.27 42.75 1.55
N HIS E 257 5.09 43.33 1.36
CA HIS E 257 4.82 44.66 1.89
C HIS E 257 4.89 44.66 3.41
N THR E 258 5.55 45.67 3.96
CA THR E 258 5.62 45.86 5.40
C THR E 258 4.36 46.57 5.90
N ILE E 259 4.27 46.70 7.22
CA ILE E 259 3.08 47.29 7.82
C ILE E 259 2.90 48.74 7.40
N GLN E 260 3.98 49.42 7.00
CA GLN E 260 3.85 50.78 6.50
C GLN E 260 3.12 50.86 5.17
N ASP E 261 2.94 49.72 4.49
CA ASP E 261 2.23 49.67 3.21
C ASP E 261 0.93 48.90 3.32
N ILE E 262 0.96 47.66 3.81
CA ILE E 262 -0.22 46.83 3.95
C ILE E 262 -0.38 46.46 5.43
N ASN E 263 -1.56 46.73 5.98
CA ASN E 263 -1.94 46.28 7.30
C ASN E 263 -3.20 45.44 7.21
N ILE E 264 -3.38 44.55 8.18
CA ILE E 264 -4.44 43.55 8.14
C ILE E 264 -5.31 43.70 9.38
N SER E 265 -6.62 43.54 9.18
CA SER E 265 -7.59 43.60 10.27
C SER E 265 -8.68 42.57 9.99
N LEU E 266 -9.64 42.48 10.91
CA LEU E 266 -10.73 41.52 10.79
C LEU E 266 -11.96 42.14 10.16
N TRP E 267 -12.62 41.38 9.28
CA TRP E 267 -13.87 41.83 8.69
C TRP E 267 -14.95 41.92 9.75
N ARG E 268 -15.12 40.86 10.53
CA ARG E 268 -16.17 40.73 11.52
C ARG E 268 -15.58 40.90 12.92
N LEU E 269 -16.46 40.88 13.92
CA LEU E 269 -16.01 40.89 15.30
C LEU E 269 -15.30 39.58 15.62
N PRO E 270 -14.33 39.61 16.53
CA PRO E 270 -13.62 38.35 16.86
C PRO E 270 -14.54 37.26 17.38
N GLU E 271 -15.58 37.61 18.12
CA GLU E 271 -16.48 36.60 18.68
C GLU E 271 -17.19 35.84 17.57
N LYS E 272 -17.68 36.55 16.55
CA LYS E 272 -18.39 35.88 15.46
C LYS E 272 -17.48 34.93 14.70
N VAL E 273 -16.23 35.34 14.45
CA VAL E 273 -15.29 34.46 13.79
C VAL E 273 -14.98 33.26 14.67
N LYS E 274 -14.95 33.48 15.99
CA LYS E 274 -14.60 32.40 16.91
C LYS E 274 -15.62 31.27 16.87
N SER E 275 -16.89 31.61 16.72
CA SER E 275 -17.98 30.64 16.76
C SER E 275 -18.67 30.46 15.41
N ASP E 276 -17.92 30.64 14.32
CA ASP E 276 -18.50 30.48 12.97
C ASP E 276 -18.34 29.03 12.55
N ARG E 277 -19.45 28.28 12.56
CA ARG E 277 -19.45 26.87 12.20
C ARG E 277 -20.66 26.56 11.34
N SER E 278 -21.03 27.49 10.46
CA SER E 278 -22.27 27.35 9.71
C SER E 278 -22.15 26.30 8.61
N VAL E 279 -21.03 26.28 7.90
CA VAL E 279 -20.86 25.44 6.71
C VAL E 279 -19.83 24.36 6.93
N PHE E 280 -19.36 24.16 8.16
CA PHE E 280 -18.34 23.15 8.42
C PHE E 280 -18.91 21.75 8.21
N MET E 281 -18.12 20.88 7.59
CA MET E 281 -18.49 19.48 7.39
C MET E 281 -18.26 18.75 8.71
N ASN E 282 -19.32 18.65 9.49
CA ASN E 282 -19.23 18.09 10.84
C ASN E 282 -19.25 16.57 10.86
N GLN E 283 -19.47 15.92 9.73
CA GLN E 283 -19.55 14.46 9.67
C GLN E 283 -18.18 13.80 9.55
N GLY E 284 -17.11 14.58 9.47
CA GLY E 284 -15.79 14.04 9.30
C GLY E 284 -15.19 13.53 10.61
N GLU E 285 -13.94 13.09 10.49
CA GLU E 285 -13.23 12.57 11.66
C GLU E 285 -12.93 13.65 12.68
N TRP E 286 -12.84 14.91 12.25
CA TRP E 286 -12.42 16.01 13.10
C TRP E 286 -13.57 16.97 13.35
N GLU E 287 -13.69 17.43 14.59
CA GLU E 287 -14.71 18.37 15.01
C GLU E 287 -14.07 19.73 15.25
N LEU E 288 -14.67 20.77 14.69
CA LEU E 288 -14.12 22.12 14.81
C LEU E 288 -14.63 22.77 16.10
N LEU E 289 -13.70 23.08 17.01
CA LEU E 289 -14.08 23.73 18.26
C LEU E 289 -14.19 25.24 18.09
N GLY E 290 -13.23 25.85 17.39
CA GLY E 290 -13.26 27.29 17.19
C GLY E 290 -12.13 27.73 16.30
N VAL E 291 -12.21 28.99 15.88
CA VAL E 291 -11.18 29.62 15.05
C VAL E 291 -10.84 30.94 15.75
N LEU E 292 -9.74 30.97 16.48
CA LEU E 292 -9.41 32.12 17.30
C LEU E 292 -8.50 33.06 16.52
N PRO E 293 -8.93 34.30 16.24
CA PRO E 293 -8.05 35.25 15.57
C PRO E 293 -7.16 36.01 16.55
N TYR E 294 -6.02 36.45 16.03
CA TYR E 294 -5.04 37.17 16.85
C TYR E 294 -4.13 37.96 15.94
N PHE E 295 -4.00 39.26 16.21
CA PHE E 295 -3.19 40.16 15.41
C PHE E 295 -1.85 40.40 16.07
N ARG E 296 -0.79 40.46 15.27
CA ARG E 296 0.56 40.66 15.76
C ARG E 296 1.37 41.44 14.73
N GLU E 297 2.21 42.35 15.20
CA GLU E 297 3.11 43.11 14.34
C GLU E 297 4.47 42.44 14.39
N PHE E 298 4.65 41.45 13.52
CA PHE E 298 5.88 40.66 13.47
C PHE E 298 7.02 41.49 12.86
N SER E 299 8.24 41.14 13.26
CA SER E 299 9.42 41.87 12.78
C SER E 299 10.66 41.03 13.01
N MET E 300 11.61 41.16 12.08
CA MET E 300 12.96 40.62 12.21
C MET E 300 14.03 41.67 12.03
N GLU E 301 13.83 42.63 11.12
CA GLU E 301 14.80 43.68 10.88
C GLU E 301 14.58 44.84 11.84
N SER E 302 15.36 45.91 11.66
CA SER E 302 15.24 47.06 12.55
C SER E 302 13.95 47.83 12.32
N SER E 303 13.46 47.87 11.08
CA SER E 303 12.26 48.63 10.75
C SER E 303 11.27 47.86 9.90
N ASN E 304 11.58 46.62 9.50
CA ASN E 304 10.68 45.83 8.67
C ASN E 304 9.66 45.13 9.55
N TYR E 305 8.67 45.90 10.00
CA TYR E 305 7.56 45.37 10.77
C TYR E 305 6.46 44.88 9.83
N TYR E 306 5.93 43.70 10.12
CA TYR E 306 4.97 43.03 9.25
C TYR E 306 3.69 42.76 10.03
N ALA E 307 2.56 42.95 9.35
CA ALA E 307 1.27 42.68 9.96
C ALA E 307 0.91 41.22 9.76
N GLU E 308 0.44 40.60 10.85
CA GLU E 308 0.05 39.19 10.84
C GLU E 308 -1.31 39.05 11.51
N MET E 309 -2.14 38.16 10.97
CA MET E 309 -3.42 37.79 11.56
C MET E 309 -3.45 36.27 11.70
N LYS E 310 -3.32 35.79 12.93
CA LYS E 310 -3.20 34.37 13.20
C LYS E 310 -4.58 33.80 13.57
N PHE E 311 -5.03 32.82 12.80
CA PHE E 311 -6.26 32.10 13.07
C PHE E 311 -5.90 30.73 13.63
N TYR E 312 -6.26 30.48 14.88
CA TYR E 312 -5.95 29.22 15.55
C TYR E 312 -7.10 28.26 15.32
N VAL E 313 -6.92 27.33 14.38
CA VAL E 313 -7.94 26.34 14.05
C VAL E 313 -7.83 25.19 15.05
N VAL E 314 -8.77 25.11 15.98
CA VAL E 314 -8.79 24.07 16.99
C VAL E 314 -9.74 22.97 16.52
N ILE E 315 -9.21 21.76 16.39
CA ILE E 315 -9.98 20.60 15.91
C ILE E 315 -9.80 19.46 16.89
N ARG E 316 -10.89 18.76 17.18
CA ARG E 316 -10.89 17.63 18.11
C ARG E 316 -11.27 16.36 17.35
N ARG E 317 -10.48 15.31 17.54
CA ARG E 317 -10.73 14.05 16.87
C ARG E 317 -11.90 13.31 17.51
N ARG E 318 -12.62 12.54 16.69
CA ARG E 318 -13.69 11.68 17.18
C ARG E 318 -13.10 10.31 17.47
N PRO E 319 -13.06 9.87 18.72
CA PRO E 319 -12.31 8.66 19.07
C PRO E 319 -13.09 7.34 18.98
N LEU E 320 -14.40 7.38 18.74
CA LEU E 320 -15.19 6.16 18.83
C LEU E 320 -14.71 5.12 17.84
N PHE E 321 -14.42 5.52 16.61
CA PHE E 321 -13.95 4.57 15.60
C PHE E 321 -12.65 3.92 16.05
N TYR E 322 -11.66 4.73 16.43
CA TYR E 322 -10.38 4.18 16.89
C TYR E 322 -10.57 3.38 18.17
N VAL E 323 -11.39 3.89 19.10
CA VAL E 323 -11.63 3.18 20.35
C VAL E 323 -12.12 1.76 20.06
N VAL E 324 -13.12 1.63 19.18
CA VAL E 324 -13.63 0.31 18.85
C VAL E 324 -12.55 -0.52 18.17
N SER E 325 -12.00 -0.01 17.07
CA SER E 325 -11.06 -0.78 16.26
C SER E 325 -9.84 -1.23 17.04
N LEU E 326 -9.51 -0.56 18.14
CA LEU E 326 -8.37 -0.94 18.95
C LEU E 326 -8.76 -1.81 20.15
N LEU E 327 -9.82 -1.47 20.87
CA LEU E 327 -10.19 -2.23 22.06
C LEU E 327 -10.76 -3.59 21.69
N LEU E 328 -11.70 -3.63 20.74
CA LEU E 328 -12.43 -4.87 20.50
C LEU E 328 -11.51 -6.07 20.24
N PRO E 329 -10.51 -5.99 19.35
CA PRO E 329 -9.58 -7.12 19.25
C PRO E 329 -8.83 -7.38 20.55
N SER E 330 -8.47 -6.33 21.28
CA SER E 330 -7.73 -6.51 22.51
C SER E 330 -8.56 -7.24 23.56
N ILE E 331 -9.80 -6.80 23.76
CA ILE E 331 -10.66 -7.47 24.74
C ILE E 331 -10.99 -8.88 24.29
N PHE E 332 -11.16 -9.10 22.98
CA PHE E 332 -11.42 -10.44 22.49
C PHE E 332 -10.25 -11.37 22.81
N LEU E 333 -9.03 -10.92 22.53
CA LEU E 333 -7.86 -11.75 22.81
C LEU E 333 -7.67 -11.96 24.30
N MET E 334 -7.94 -10.94 25.11
CA MET E 334 -7.82 -11.11 26.56
C MET E 334 -8.84 -12.11 27.07
N VAL E 335 -10.08 -12.06 26.56
CA VAL E 335 -11.09 -13.03 26.96
C VAL E 335 -10.66 -14.43 26.56
N MET E 336 -10.11 -14.58 25.35
CA MET E 336 -9.63 -15.88 24.92
C MET E 336 -8.53 -16.38 25.84
N ASP E 337 -7.64 -15.48 26.26
CA ASP E 337 -6.60 -15.85 27.22
C ASP E 337 -7.21 -16.33 28.53
N ILE E 338 -8.25 -15.64 29.01
CA ILE E 338 -8.92 -16.07 30.24
C ILE E 338 -9.50 -17.46 30.07
N VAL E 339 -10.13 -17.73 28.93
CA VAL E 339 -10.72 -19.04 28.69
C VAL E 339 -9.65 -20.12 28.64
N GLY E 340 -8.47 -19.80 28.11
CA GLY E 340 -7.42 -20.79 27.97
C GLY E 340 -6.96 -21.39 29.28
N PHE E 341 -7.19 -20.69 30.40
CA PHE E 341 -6.77 -21.23 31.69
C PHE E 341 -7.52 -22.51 32.04
N TYR E 342 -8.73 -22.68 31.52
CA TYR E 342 -9.53 -23.86 31.86
C TYR E 342 -8.98 -25.13 31.24
N LEU E 343 -8.09 -25.03 30.27
CA LEU E 343 -7.51 -26.23 29.68
C LEU E 343 -6.63 -26.92 30.71
N PRO E 344 -6.79 -28.23 30.92
CA PRO E 344 -5.95 -28.93 31.89
C PRO E 344 -4.49 -28.89 31.49
N PRO E 345 -3.57 -28.71 32.43
CA PRO E 345 -2.15 -28.65 32.06
C PRO E 345 -1.62 -29.94 31.44
N ASN E 346 -2.23 -31.08 31.75
CA ASN E 346 -1.72 -32.35 31.25
C ASN E 346 -1.98 -32.52 29.75
N SER E 347 -3.02 -31.87 29.23
CA SER E 347 -3.38 -32.07 27.83
C SER E 347 -2.25 -31.64 26.90
N GLY E 348 -1.42 -30.68 27.32
CA GLY E 348 -0.36 -30.16 26.50
C GLY E 348 -0.79 -29.11 25.50
N GLU E 349 -2.08 -29.08 25.14
CA GLU E 349 -2.59 -28.07 24.22
C GLU E 349 -2.62 -26.68 24.82
N ARG E 350 -2.45 -26.56 26.14
CA ARG E 350 -2.50 -25.25 26.78
C ARG E 350 -1.35 -24.36 26.30
N VAL E 351 -0.14 -24.92 26.22
CA VAL E 351 1.01 -24.14 25.78
C VAL E 351 0.84 -23.71 24.33
N SER E 352 0.39 -24.62 23.46
CA SER E 352 0.17 -24.27 22.07
C SER E 352 -0.89 -23.19 21.95
N PHE E 353 -1.98 -23.31 22.72
CA PHE E 353 -3.02 -22.29 22.72
C PHE E 353 -2.46 -20.94 23.11
N LYS E 354 -1.69 -20.89 24.20
CA LYS E 354 -1.18 -19.61 24.68
C LYS E 354 -0.20 -19.00 23.69
N ILE E 355 0.70 -19.81 23.12
CA ILE E 355 1.68 -19.27 22.20
C ILE E 355 1.02 -18.81 20.91
N THR E 356 0.01 -19.54 20.43
CA THR E 356 -0.72 -19.11 19.26
C THR E 356 -1.45 -17.80 19.52
N LEU E 357 -2.06 -17.67 20.70
CA LEU E 357 -2.74 -16.42 21.05
C LEU E 357 -1.74 -15.26 21.10
N LEU E 358 -0.55 -15.50 21.66
CA LEU E 358 0.45 -14.44 21.71
C LEU E 358 0.93 -14.06 20.32
N LEU E 359 1.09 -15.05 19.43
CA LEU E 359 1.47 -14.74 18.06
C LEU E 359 0.39 -13.92 17.37
N GLY E 360 -0.87 -14.28 17.56
CA GLY E 360 -1.95 -13.50 16.99
C GLY E 360 -1.96 -12.07 17.51
N TYR E 361 -1.75 -11.90 18.81
CA TYR E 361 -1.72 -10.57 19.38
C TYR E 361 -0.54 -9.77 18.84
N SER E 362 0.61 -10.41 18.66
CA SER E 362 1.76 -9.71 18.10
C SER E 362 1.48 -9.26 16.68
N VAL E 363 0.86 -10.12 15.87
CA VAL E 363 0.51 -9.74 14.51
C VAL E 363 -0.47 -8.57 14.52
N PHE E 364 -1.47 -8.63 15.40
CA PHE E 364 -2.44 -7.54 15.50
C PHE E 364 -1.76 -6.24 15.89
N LEU E 365 -0.83 -6.31 16.84
CA LEU E 365 -0.15 -5.10 17.29
C LEU E 365 0.74 -4.53 16.19
N ILE E 366 1.41 -5.40 15.44
CA ILE E 366 2.23 -4.93 14.33
C ILE E 366 1.37 -4.23 13.29
N ILE E 367 0.22 -4.81 12.96
CA ILE E 367 -0.69 -4.18 12.00
C ILE E 367 -1.18 -2.83 12.54
N VAL E 368 -1.53 -2.79 13.84
CA VAL E 368 -2.02 -1.55 14.44
C VAL E 368 -0.95 -0.48 14.37
N SER E 369 0.30 -0.83 14.70
CA SER E 369 1.39 0.15 14.62
C SER E 369 1.59 0.62 13.18
N ASP E 370 1.51 -0.30 12.22
CA ASP E 370 1.65 0.08 10.82
C ASP E 370 0.50 0.97 10.34
N THR E 371 -0.66 0.90 11.00
CA THR E 371 -1.83 1.67 10.58
C THR E 371 -2.04 2.93 11.40
N LEU E 372 -1.71 2.92 12.69
CA LEU E 372 -1.98 4.08 13.52
C LEU E 372 -0.96 5.20 13.24
N PRO E 373 -1.36 6.45 13.44
CA PRO E 373 -0.40 7.55 13.28
C PRO E 373 0.61 7.58 14.40
N ALA E 374 1.78 8.14 14.11
CA ALA E 374 2.84 8.28 15.10
C ALA E 374 3.72 9.46 14.73
N THR E 375 4.41 9.99 15.74
CA THR E 375 5.31 11.12 15.57
C THR E 375 6.68 10.77 16.15
N ALA E 376 7.73 11.22 15.48
CA ALA E 376 9.09 10.91 15.92
C ALA E 376 9.47 11.66 17.19
N ILE E 377 8.72 12.71 17.56
CA ILE E 377 9.06 13.48 18.74
C ILE E 377 8.51 12.83 20.02
N GLY E 378 7.43 12.05 19.92
CA GLY E 378 6.85 11.41 21.08
C GLY E 378 5.80 10.39 20.73
N THR E 379 5.76 9.27 21.48
CA THR E 379 4.78 8.22 21.22
C THR E 379 3.48 8.51 21.95
N PRO E 380 2.35 8.03 21.42
CA PRO E 380 1.08 8.24 22.10
C PRO E 380 0.98 7.42 23.38
N LEU E 381 0.15 7.91 24.30
CA LEU E 381 -0.08 7.21 25.56
C LEU E 381 -0.80 5.89 25.36
N ILE E 382 -1.52 5.72 24.25
CA ILE E 382 -2.24 4.48 24.01
C ILE E 382 -1.29 3.30 23.86
N GLY E 383 -0.04 3.55 23.45
CA GLY E 383 0.93 2.47 23.31
C GLY E 383 1.29 1.82 24.62
N VAL E 384 1.12 2.53 25.74
CA VAL E 384 1.39 1.92 27.04
C VAL E 384 0.40 0.82 27.35
N TYR E 385 -0.86 1.01 26.97
CA TYR E 385 -1.89 0.00 27.26
C TYR E 385 -1.64 -1.27 26.45
N PHE E 386 -1.17 -1.13 25.21
CA PHE E 386 -0.80 -2.31 24.43
C PHE E 386 0.35 -3.06 25.09
N VAL E 387 1.33 -2.33 25.60
CA VAL E 387 2.44 -2.97 26.31
C VAL E 387 1.93 -3.68 27.55
N VAL E 388 0.97 -3.08 28.25
CA VAL E 388 0.41 -3.71 29.44
C VAL E 388 -0.31 -5.00 29.07
N CYS E 389 -1.07 -4.97 27.98
CA CYS E 389 -1.76 -6.19 27.53
C CYS E 389 -0.77 -7.27 27.15
N MET E 390 0.30 -6.90 26.44
CA MET E 390 1.34 -7.87 26.10
C MET E 390 1.99 -8.45 27.34
N ALA E 391 2.24 -7.60 28.34
CA ALA E 391 2.81 -8.08 29.60
C ALA E 391 1.85 -9.06 30.29
N LEU E 392 0.56 -8.76 30.27
CA LEU E 392 -0.42 -9.67 30.85
C LEU E 392 -0.40 -11.02 30.13
N LEU E 393 -0.35 -11.01 28.81
CA LEU E 393 -0.31 -12.26 28.05
C LEU E 393 0.97 -13.04 28.35
N VAL E 394 2.10 -12.33 28.45
CA VAL E 394 3.36 -12.99 28.76
C VAL E 394 3.31 -13.60 30.16
N ILE E 395 2.69 -12.89 31.11
CA ILE E 395 2.54 -13.43 32.46
C ILE E 395 1.67 -14.67 32.44
N SER E 396 0.59 -14.65 31.66
CA SER E 396 -0.26 -15.83 31.56
C SER E 396 0.51 -17.02 30.99
N LEU E 397 1.30 -16.78 29.93
CA LEU E 397 2.07 -17.87 29.35
C LEU E 397 3.13 -18.38 30.31
N ALA E 398 3.76 -17.47 31.06
CA ALA E 398 4.76 -17.89 32.04
C ALA E 398 4.13 -18.74 33.13
N GLU E 399 2.94 -18.36 33.59
CA GLU E 399 2.22 -19.16 34.57
C GLU E 399 1.88 -20.53 34.01
N THR E 400 1.43 -20.58 32.76
CA THR E 400 1.12 -21.86 32.13
C THR E 400 2.36 -22.73 32.06
N ILE E 401 3.50 -22.15 31.68
CA ILE E 401 4.74 -22.91 31.58
C ILE E 401 5.16 -23.41 32.96
N PHE E 402 5.03 -22.57 33.98
CA PHE E 402 5.39 -22.97 35.33
C PHE E 402 4.53 -24.13 35.80
N ILE E 403 3.21 -24.06 35.55
CA ILE E 403 2.33 -25.15 35.94
C ILE E 403 2.66 -26.43 35.17
N VAL E 404 2.97 -26.29 33.88
CA VAL E 404 3.32 -27.46 33.08
C VAL E 404 4.58 -28.11 33.63
N ARG E 405 5.59 -27.30 33.95
CA ARG E 405 6.82 -27.85 34.51
C ARG E 405 6.57 -28.51 35.86
N LEU E 406 5.74 -27.89 36.70
CA LEU E 406 5.43 -28.46 38.00
C LEU E 406 4.72 -29.81 37.86
N VAL E 407 3.79 -29.91 36.91
CA VAL E 407 3.11 -31.17 36.67
C VAL E 407 4.07 -32.22 36.14
N HIS E 408 4.92 -31.84 35.18
CA HIS E 408 5.86 -32.79 34.60
C HIS E 408 6.95 -33.19 35.59
N LYS E 409 7.11 -32.44 36.70
CA LYS E 409 8.04 -32.86 37.73
C LYS E 409 7.77 -34.28 38.20
N GLN E 410 6.59 -34.83 37.91
CA GLN E 410 6.37 -36.25 38.14
C GLN E 410 7.41 -37.09 37.43
N ASP E 411 7.93 -36.59 36.31
CA ASP E 411 9.02 -37.26 35.62
C ASP E 411 10.35 -37.14 36.35
N LEU E 412 10.41 -36.34 37.43
CA LEU E 412 11.60 -36.27 38.25
C LEU E 412 11.67 -37.35 39.31
N GLN E 413 10.57 -38.06 39.57
CA GLN E 413 10.53 -39.12 40.57
C GLN E 413 10.97 -38.61 41.94
N GLN E 414 10.58 -37.37 42.24
CA GLN E 414 10.92 -36.69 43.48
C GLN E 414 9.67 -36.50 44.30
N PRO E 415 9.53 -37.11 45.49
CA PRO E 415 8.32 -36.88 46.28
C PRO E 415 8.16 -35.41 46.63
N VAL E 416 6.89 -34.99 46.72
CA VAL E 416 6.60 -33.57 46.99
C VAL E 416 7.16 -33.18 48.35
N PRO E 417 7.88 -32.07 48.47
CA PRO E 417 8.37 -31.66 49.79
C PRO E 417 7.21 -31.42 50.76
N ALA E 418 7.47 -31.71 52.03
CA ALA E 418 6.43 -31.58 53.05
C ALA E 418 5.95 -30.14 53.18
N TRP E 419 6.87 -29.18 53.14
CA TRP E 419 6.48 -27.78 53.29
C TRP E 419 5.57 -27.34 52.16
N LEU E 420 5.92 -27.71 50.92
CA LEU E 420 5.05 -27.39 49.78
C LEU E 420 3.70 -28.08 49.92
N ARG E 421 3.71 -29.35 50.36
CA ARG E 421 2.46 -30.06 50.60
C ARG E 421 1.55 -29.28 51.54
N HIS E 422 2.09 -28.91 52.70
CA HIS E 422 1.30 -28.12 53.66
C HIS E 422 0.80 -26.84 53.02
N LEU E 423 1.71 -26.05 52.45
CA LEU E 423 1.36 -24.74 51.95
C LEU E 423 0.23 -24.82 50.92
N VAL E 424 0.31 -25.79 50.01
CA VAL E 424 -0.64 -25.86 48.91
C VAL E 424 -1.92 -26.56 49.30
N LEU E 425 -1.83 -27.77 49.88
CA LEU E 425 -3.01 -28.58 50.12
C LEU E 425 -3.73 -28.24 51.42
N GLU E 426 -3.16 -27.40 52.28
CA GLU E 426 -3.81 -27.04 53.54
C GLU E 426 -4.17 -25.57 53.61
N ARG E 427 -3.20 -24.67 53.41
CA ARG E 427 -3.49 -23.25 53.48
C ARG E 427 -4.20 -22.77 52.22
N ILE E 428 -3.55 -22.92 51.07
CA ILE E 428 -4.11 -22.42 49.82
C ILE E 428 -5.40 -23.16 49.48
N ALA E 429 -5.42 -24.48 49.64
CA ALA E 429 -6.62 -25.24 49.34
C ALA E 429 -7.79 -24.78 50.20
N TRP E 430 -7.54 -24.54 51.49
CA TRP E 430 -8.59 -24.01 52.35
C TRP E 430 -9.03 -22.63 51.88
N LEU E 431 -8.08 -21.79 51.47
CA LEU E 431 -8.44 -20.47 50.97
C LEU E 431 -9.33 -20.57 49.74
N LEU E 432 -9.03 -21.52 48.85
CA LEU E 432 -9.79 -21.70 47.62
C LEU E 432 -11.07 -22.51 47.83
N CYS E 433 -11.43 -22.81 49.08
CA CYS E 433 -12.66 -23.53 49.38
C CYS E 433 -12.68 -24.90 48.72
N LEU E 434 -11.52 -25.55 48.68
CA LEU E 434 -11.41 -26.90 48.11
C LEU E 434 -11.53 -27.96 49.21
N ALA E 488 8.95 -80.39 48.96
CA ALA E 488 8.86 -79.35 47.95
C ALA E 488 8.80 -77.97 48.60
N SER E 489 9.21 -77.90 49.87
CA SER E 489 9.17 -76.62 50.59
C SER E 489 10.14 -75.61 49.98
N LEU E 490 11.32 -76.08 49.55
CA LEU E 490 12.31 -75.16 49.00
C LEU E 490 11.80 -74.52 47.71
N ALA E 491 11.17 -75.29 46.85
CA ALA E 491 10.61 -74.72 45.64
C ALA E 491 9.52 -73.70 45.97
N VAL E 492 8.71 -73.98 46.98
CA VAL E 492 7.65 -73.05 47.37
C VAL E 492 8.24 -71.77 47.92
N CYS E 493 9.34 -71.87 48.69
CA CYS E 493 9.98 -70.66 49.22
C CYS E 493 10.65 -69.86 48.10
N GLY E 494 11.18 -70.54 47.08
CA GLY E 494 11.65 -69.82 45.91
C GLY E 494 10.53 -69.08 45.20
N LEU E 495 9.39 -69.75 45.04
CA LEU E 495 8.20 -69.08 44.50
C LEU E 495 7.87 -67.85 45.32
N LEU E 496 7.92 -67.97 46.65
CA LEU E 496 7.61 -66.84 47.53
C LEU E 496 8.58 -65.69 47.29
N GLN E 497 9.87 -66.00 47.25
CA GLN E 497 10.88 -64.96 47.06
C GLN E 497 10.66 -64.22 45.75
N GLU E 498 10.38 -64.96 44.67
CA GLU E 498 10.19 -64.28 43.40
C GLU E 498 8.89 -63.49 43.37
N LEU E 499 7.82 -64.06 43.90
CA LEU E 499 6.55 -63.35 43.85
C LEU E 499 6.64 -62.10 44.71
N SER E 500 7.56 -62.09 45.68
CA SER E 500 7.87 -60.86 46.40
C SER E 500 8.74 -59.91 45.56
N SER E 501 9.56 -60.44 44.65
CA SER E 501 10.20 -59.54 43.69
C SER E 501 9.16 -58.83 42.81
N ILE E 502 8.14 -59.60 42.38
CA ILE E 502 6.99 -58.99 41.71
C ILE E 502 6.33 -57.95 42.62
N ARG E 503 6.20 -58.28 43.91
CA ARG E 503 5.67 -57.33 44.87
C ARG E 503 6.44 -56.02 44.77
N GLN E 504 7.77 -56.10 44.81
CA GLN E 504 8.60 -54.91 44.89
C GLN E 504 8.50 -54.09 43.61
N PHE E 505 8.42 -54.75 42.46
CA PHE E 505 8.31 -54.02 41.21
C PHE E 505 6.97 -53.30 41.08
N LEU E 506 5.87 -53.98 41.42
CA LEU E 506 4.59 -53.29 41.39
C LEU E 506 4.51 -52.21 42.46
N GLU E 507 5.14 -52.44 43.61
CA GLU E 507 5.28 -51.40 44.62
C GLU E 507 5.91 -50.15 44.03
N LYS E 508 7.02 -50.31 43.33
CA LYS E 508 7.72 -49.16 42.77
C LYS E 508 6.87 -48.46 41.72
N ARG E 509 6.21 -49.22 40.85
CA ARG E 509 5.37 -48.59 39.83
C ARG E 509 4.24 -47.79 40.48
N ASP E 510 3.56 -48.38 41.47
CA ASP E 510 2.47 -47.68 42.15
C ASP E 510 2.97 -46.46 42.90
N GLU E 511 4.16 -46.55 43.50
CA GLU E 511 4.72 -45.39 44.21
C GLU E 511 5.03 -44.27 43.24
N ILE E 512 5.56 -44.60 42.06
CA ILE E 512 5.78 -43.58 41.04
C ILE E 512 4.46 -42.93 40.64
N ARG E 513 3.42 -43.76 40.45
CA ARG E 513 2.11 -43.21 40.09
C ARG E 513 1.60 -42.28 41.17
N GLU E 514 1.79 -42.63 42.45
CA GLU E 514 1.31 -41.78 43.53
C GLU E 514 2.11 -40.48 43.64
N VAL E 515 3.41 -40.54 43.36
CA VAL E 515 4.20 -39.31 43.32
C VAL E 515 3.68 -38.38 42.24
N ALA E 516 3.41 -38.94 41.06
CA ALA E 516 2.79 -38.14 40.00
C ALA E 516 1.45 -37.59 40.45
N ARG E 517 0.69 -38.40 41.20
CA ARG E 517 -0.58 -37.94 41.75
C ARG E 517 -0.41 -36.70 42.60
N ASP E 518 0.53 -36.74 43.54
CA ASP E 518 0.75 -35.61 44.43
C ASP E 518 1.18 -34.38 43.65
N TRP E 519 2.10 -34.55 42.71
CA TRP E 519 2.56 -33.41 41.92
C TRP E 519 1.42 -32.81 41.12
N LEU E 520 0.57 -33.64 40.54
CA LEU E 520 -0.56 -33.14 39.77
C LEU E 520 -1.55 -32.39 40.65
N ARG E 521 -1.83 -32.91 41.85
CA ARG E 521 -2.76 -32.22 42.74
C ARG E 521 -2.21 -30.85 43.12
N VAL E 522 -0.93 -30.79 43.47
CA VAL E 522 -0.31 -29.50 43.82
C VAL E 522 -0.38 -28.54 42.63
N GLY E 523 -0.06 -29.03 41.44
CA GLY E 523 -0.10 -28.18 40.26
C GLY E 523 -1.50 -27.65 39.98
N SER E 524 -2.52 -28.49 40.13
CA SER E 524 -3.88 -28.05 39.90
C SER E 524 -4.29 -26.97 40.90
N VAL E 525 -3.93 -27.16 42.17
CA VAL E 525 -4.29 -26.17 43.18
C VAL E 525 -3.62 -24.83 42.88
N LEU E 526 -2.32 -24.87 42.57
CA LEU E 526 -1.61 -23.64 42.26
C LEU E 526 -2.15 -23.00 40.98
N ASP E 527 -2.55 -23.81 40.00
CA ASP E 527 -3.14 -23.26 38.80
C ASP E 527 -4.44 -22.52 39.10
N LYS E 528 -5.28 -23.09 39.95
CA LYS E 528 -6.50 -22.40 40.34
C LYS E 528 -6.19 -21.08 41.03
N LEU E 529 -5.22 -21.10 41.95
CA LEU E 529 -4.85 -19.87 42.66
C LEU E 529 -4.38 -18.80 41.67
N LEU E 530 -3.45 -19.16 40.79
CA LEU E 530 -2.89 -18.18 39.88
C LEU E 530 -3.92 -17.71 38.87
N PHE E 531 -4.85 -18.57 38.47
CA PHE E 531 -5.94 -18.15 37.61
C PHE E 531 -6.79 -17.10 38.29
N HIS E 532 -7.14 -17.33 39.56
CA HIS E 532 -7.92 -16.32 40.28
C HIS E 532 -7.17 -15.00 40.37
N ILE E 533 -5.87 -15.05 40.68
CA ILE E 533 -5.08 -13.83 40.82
C ILE E 533 -5.03 -13.08 39.49
N TYR E 534 -4.77 -13.81 38.40
CA TYR E 534 -4.67 -13.18 37.09
C TYR E 534 -6.00 -12.58 36.67
N LEU E 535 -7.10 -13.29 36.94
CA LEU E 535 -8.41 -12.76 36.60
C LEU E 535 -8.70 -11.48 37.37
N LEU E 536 -8.36 -11.45 38.67
CA LEU E 536 -8.56 -10.23 39.45
C LEU E 536 -7.73 -9.09 38.91
N ALA E 537 -6.47 -9.36 38.54
CA ALA E 537 -5.62 -8.31 37.98
C ALA E 537 -6.18 -7.78 36.68
N VAL E 538 -6.66 -8.67 35.81
CA VAL E 538 -7.24 -8.25 34.53
C VAL E 538 -8.48 -7.41 34.78
N LEU E 539 -9.32 -7.82 35.73
CA LEU E 539 -10.52 -7.05 36.05
C LEU E 539 -10.16 -5.66 36.55
N ALA E 540 -9.14 -5.58 37.41
CA ALA E 540 -8.72 -4.28 37.93
C ALA E 540 -8.20 -3.39 36.81
N TYR E 541 -7.40 -3.95 35.89
CA TYR E 541 -6.89 -3.16 34.78
C TYR E 541 -8.03 -2.67 33.89
N SER E 542 -9.00 -3.54 33.61
CA SER E 542 -10.13 -3.14 32.78
C SER E 542 -10.94 -2.04 33.45
N ILE E 543 -11.14 -2.15 34.77
CA ILE E 543 -11.89 -1.13 35.49
C ILE E 543 -11.14 0.20 35.46
N THR E 544 -9.81 0.16 35.63
CA THR E 544 -9.04 1.38 35.57
C THR E 544 -9.14 2.03 34.19
N LEU E 545 -9.05 1.22 33.13
CA LEU E 545 -9.19 1.75 31.78
C LEU E 545 -10.56 2.36 31.56
N VAL E 546 -11.61 1.69 32.07
CA VAL E 546 -12.96 2.22 31.91
C VAL E 546 -13.12 3.52 32.67
N MET E 547 -12.50 3.63 33.85
CA MET E 547 -12.56 4.87 34.61
C MET E 547 -11.84 6.00 33.87
N LEU E 548 -10.69 5.70 33.27
CA LEU E 548 -9.99 6.70 32.46
C LEU E 548 -10.87 7.17 31.30
N TRP E 549 -11.52 6.21 30.62
CA TRP E 549 -12.40 6.57 29.52
C TRP E 549 -13.56 7.43 30.00
N SER E 550 -14.13 7.10 31.16
CA SER E 550 -15.23 7.89 31.70
C SER E 550 -14.76 9.30 32.04
N ILE E 551 -13.55 9.44 32.58
CA ILE E 551 -13.01 10.76 32.86
C ILE E 551 -12.88 11.55 31.56
N TRP E 552 -12.31 10.93 30.53
CA TRP E 552 -12.18 11.61 29.24
C TRP E 552 -13.53 11.92 28.60
N GLN E 553 -14.58 11.17 28.96
CA GLN E 553 -15.89 11.33 28.35
C GLN E 553 -16.71 12.41 29.02
N TYR E 554 -16.75 12.44 30.36
CA TYR E 554 -17.65 13.32 31.09
C TYR E 554 -16.98 14.55 31.67
N ALA E 555 -15.66 14.54 31.82
CA ALA E 555 -14.95 15.69 32.38
C ALA E 555 -14.96 16.85 31.39
C1 NAG F . 21.62 15.96 -41.27
C2 NAG F . 22.23 15.76 -42.66
C3 NAG F . 23.16 14.55 -42.67
C4 NAG F . 24.18 14.65 -41.55
C5 NAG F . 23.48 14.87 -40.22
C6 NAG F . 24.44 15.08 -39.07
C7 NAG F . 20.69 16.63 -44.36
C8 NAG F . 19.62 16.29 -45.36
N2 NAG F . 21.19 15.61 -43.67
O3 NAG F . 23.82 14.47 -43.94
O4 NAG F . 24.97 13.46 -41.48
O5 NAG F . 22.67 16.04 -40.30
O6 NAG F . 25.29 16.18 -39.30
O7 NAG F . 21.08 17.78 -44.20
H1 NAG F . 21.06 15.19 -41.07
H2 NAG F . 22.77 16.54 -42.88
H3 NAG F . 22.62 13.74 -42.53
H4 NAG F . 24.77 15.42 -41.74
H5 NAG F . 22.92 14.10 -40.04
H61 NAG F . 23.92 15.23 -38.26
H62 NAG F . 24.98 14.27 -38.95
H81 NAG F . 20.02 15.80 -46.10
H82 NAG F . 18.94 15.73 -44.93
H83 NAG F . 19.20 17.11 -45.68
HN2 NAG F . 20.87 14.77 -43.82
HO3 NAG F . 24.69 14.39 -43.80
HO6 NAG F . 25.73 16.38 -38.54
C1 NAG F . 26.33 13.77 -41.82
C2 NAG F . 27.19 12.54 -41.52
C3 NAG F . 28.64 12.81 -41.91
C4 NAG F . 28.72 13.25 -43.36
C5 NAG F . 27.79 14.44 -43.60
C6 NAG F . 27.73 14.86 -45.06
C7 NAG F . 26.33 11.20 -39.65
C8 NAG F . 26.37 10.98 -38.17
N2 NAG F . 27.11 12.19 -40.11
O3 NAG F . 29.41 11.62 -41.72
O4 NAG F . 30.06 13.63 -43.68
O5 NAG F . 26.46 14.10 -43.21
O6 NAG F . 26.99 13.93 -45.83
O7 NAG F . 25.63 10.52 -40.39
H1 NAG F . 26.65 14.51 -41.29
H2 NAG F . 26.86 11.79 -42.05
H3 NAG F . 29.00 13.52 -41.34
H4 NAG F . 28.44 12.51 -43.95
H5 NAG F . 28.10 15.20 -43.07
H61 NAG F . 27.30 15.73 -45.12
H62 NAG F . 28.63 14.92 -45.41
H81 NAG F . 25.83 10.19 -37.94
H82 NAG F . 26.00 11.76 -37.72
H83 NAG F . 27.28 10.84 -37.89
HN2 NAG F . 27.60 12.67 -39.51
HO3 NAG F . 29.28 11.32 -40.90
HO4 NAG F . 30.61 12.99 -43.44
HO6 NAG F . 27.02 14.17 -46.69
C1 NAG G . 31.75 36.88 -7.34
C2 NAG G . 33.16 37.47 -7.48
C3 NAG G . 34.08 36.93 -6.38
C4 NAG G . 33.45 37.14 -5.02
C5 NAG G . 32.05 36.54 -4.99
C6 NAG G . 31.32 36.80 -3.69
C7 NAG G . 33.59 37.99 -9.85
C8 NAG G . 34.22 37.53 -11.12
N2 NAG G . 33.71 37.17 -8.79
O3 NAG G . 35.33 37.59 -6.46
O4 NAG G . 34.24 36.52 -4.02
O5 NAG G . 31.26 37.14 -6.03
O6 NAG G . 31.22 38.19 -3.41
O7 NAG G . 33.00 39.07 -9.77
H1 NAG G . 31.79 35.92 -7.48
H2 NAG G . 33.10 38.44 -7.38
H3 NAG G . 34.21 35.98 -6.53
H4 NAG G . 33.39 38.10 -4.85
H5 NAG G . 32.11 35.58 -5.14
H61 NAG G . 30.43 36.41 -3.74
H62 NAG G . 31.81 36.36 -2.96
H81 NAG G . 35.19 37.56 -11.03
H82 NAG G . 33.94 36.62 -11.30
H83 NAG G . 33.94 38.11 -11.85
HN2 NAG G . 34.15 36.39 -8.91
HO3 NAG G . 35.55 37.89 -5.66
HO6 NAG G . 30.66 38.31 -2.73
C1 NAG G . 34.80 37.53 -3.15
C2 NAG G . 35.44 36.85 -1.95
C3 NAG G . 36.08 37.89 -1.03
C4 NAG G . 37.05 38.76 -1.83
C5 NAG G . 36.35 39.37 -3.03
C6 NAG G . 37.28 40.14 -3.94
C7 NAG G . 34.35 34.73 -1.34
C8 NAG G . 33.29 34.08 -0.52
N2 NAG G . 34.47 36.07 -1.22
O3 NAG G . 36.78 37.22 0.02
O4 NAG G . 37.54 39.81 -1.00
O5 NAG G . 35.78 38.33 -3.84
O6 NAG G . 38.14 39.28 -4.66
O7 NAG G . 35.07 34.09 -2.09
H1 NAG G . 34.09 38.12 -2.83
H2 NAG G . 36.15 36.26 -2.27
H3 NAG G . 35.39 38.45 -0.65
H4 NAG G . 37.80 38.22 -2.12
H5 NAG G . 35.63 39.96 -2.72
H61 NAG G . 36.75 40.68 -4.56
H62 NAG G . 37.82 40.75 -3.38
H81 NAG G . 33.34 33.12 -0.61
H82 NAG G . 32.41 34.40 -0.81
H83 NAG G . 33.42 34.32 0.43
HN2 NAG G . 33.91 36.49 -0.64
HO3 NAG G . 36.23 36.65 0.42
HO4 NAG G . 37.85 39.47 -0.23
HO6 NAG G . 38.71 39.77 -5.14
C1 NAG H . -34.68 33.40 -10.11
C2 NAG H . -35.96 34.19 -9.79
C3 NAG H . -37.04 33.27 -9.23
C4 NAG H . -37.26 32.09 -10.17
C5 NAG H . -35.94 31.38 -10.44
C6 NAG H . -36.07 30.25 -11.43
C7 NAG H . -35.34 36.51 -9.22
C8 NAG H . -35.08 37.48 -8.12
N2 NAG H . -35.67 35.27 -8.85
O3 NAG H . -38.24 34.00 -9.07
O4 NAG H . -38.18 31.17 -9.59
O5 NAG H . -35.00 32.32 -10.99
O6 NAG H . -36.58 30.71 -12.68
O7 NAG H . -35.27 36.83 -10.40
H1 NAG H . -34.32 33.04 -9.28
H2 NAG H . -36.28 34.58 -10.61
H3 NAG H . -36.75 32.93 -8.36
H4 NAG H . -37.63 32.43 -11.01
H5 NAG H . -35.59 31.04 -9.60
H61 NAG H . -35.19 29.87 -11.58
H62 NAG H . -36.66 29.58 -11.07
H81 NAG H . -35.92 37.69 -7.66
H82 NAG H . -34.46 37.08 -7.48
H83 NAG H . -34.70 38.30 -8.49
HN2 NAG H . -35.70 35.08 -7.95
HO3 NAG H . -38.91 33.57 -9.46
HO6 NAG H . -36.50 30.07 -13.29
C1 NAG H . -39.38 31.14 -10.37
C2 NAG H . -40.25 29.98 -9.88
C3 NAG H . -41.56 29.93 -10.65
C4 NAG H . -42.26 31.29 -10.59
C5 NAG H . -41.32 32.40 -11.04
C6 NAG H . -41.91 33.78 -10.88
C7 NAG H . -38.94 28.11 -8.97
C8 NAG H . -38.26 26.81 -9.29
N2 NAG H . -39.54 28.71 -10.00
O3 NAG H . -42.41 28.92 -10.10
O4 NAG H . -43.41 31.27 -11.43
O5 NAG H . -40.11 32.36 -10.26
O6 NAG H . -41.96 34.16 -9.52
O7 NAG H . -38.94 28.59 -7.85
H1 NAG H . -39.16 30.98 -11.31
H2 NAG H . -40.46 30.13 -8.94
H3 NAG H . -41.38 29.72 -11.59
H4 NAG H . -42.53 31.46 -9.67
H5 NAG H . -41.08 32.25 -11.98
H61 NAG H . -41.35 34.42 -11.38
H62 NAG H . -42.81 33.78 -11.25
H81 NAG H . -37.92 26.41 -8.46
H82 NAG H . -37.51 26.97 -9.89
H83 NAG H . -38.90 26.20 -9.70
HN2 NAG H . -39.51 28.32 -10.82
HO3 NAG H . -41.96 28.16 -10.07
HO4 NAG H . -43.90 30.57 -11.24
HO6 NAG H . -42.35 34.95 -9.45
C1 NAG I . -19.56 13.81 -42.99
C2 NAG I . -20.61 13.75 -44.10
C3 NAG I . -20.92 12.29 -44.46
C4 NAG I . -19.65 11.53 -44.77
C5 NAG I . -18.66 11.69 -43.61
C6 NAG I . -17.32 11.03 -43.89
C7 NAG I . -22.05 15.73 -43.98
C8 NAG I . -23.35 16.29 -43.49
N2 NAG I . -21.82 14.45 -43.70
O3 NAG I . -21.80 12.26 -45.58
O4 NAG I . -19.93 10.15 -44.96
O5 NAG I . -18.41 13.07 -43.39
O6 NAG I . -16.72 11.56 -45.06
O7 NAG I . -21.25 16.42 -44.59
H1 NAG I . -19.92 13.41 -42.18
H2 NAG I . -20.24 14.18 -44.89
H3 NAG I . -21.36 11.87 -43.69
H4 NAG I . -19.25 11.91 -45.57
H5 NAG I . -19.05 11.29 -42.81
H61 NAG I . -16.73 11.18 -43.12
H62 NAG I . -17.45 10.07 -44.00
H81 NAG I . -24.08 15.90 -44.01
H82 NAG I . -23.47 16.06 -42.55
H83 NAG I . -23.35 17.25 -43.59
HN2 NAG I . -22.46 13.99 -43.24
HO3 NAG I . -21.48 11.71 -46.19
HO6 NAG I . -15.87 11.28 -45.11
C1 NAG I . -19.65 9.80 -46.34
C2 NAG I . -19.73 8.28 -46.47
C3 NAG I . -19.49 7.88 -47.92
C4 NAG I . -20.44 8.62 -48.85
C5 NAG I . -20.35 10.12 -48.61
C6 NAG I . -21.37 10.91 -49.41
C7 NAG I . -19.10 7.10 -44.42
C8 NAG I . -17.98 6.47 -43.64
N2 NAG I . -18.76 7.63 -45.59
O3 NAG I . -19.68 6.47 -48.05
O4 NAG I . -20.13 8.33 -50.20
O5 NAG I . -20.59 10.41 -47.22
O6 NAG I . -22.67 10.75 -48.88
O7 NAG I . -20.25 7.11 -44.00
H1 NAG I . -18.75 10.09 -46.58
H2 NAG I . -20.62 8.00 -46.22
H3 NAG I . -18.57 8.10 -48.17
H4 NAG I . -21.36 8.32 -48.67
H5 NAG I . -19.45 10.43 -48.85
H61 NAG I . -21.12 11.86 -49.39
H62 NAG I . -21.35 10.60 -50.33
H81 NAG I . -18.33 6.04 -42.85
H82 NAG I . -17.34 7.15 -43.39
H83 NAG I . -17.53 5.80 -44.20
HN2 NAG I . -17.89 7.60 -45.86
HO3 NAG I . -19.18 6.05 -47.45
HO4 NAG I . -20.07 7.45 -50.32
HO6 NAG I . -23.25 11.18 -49.40
C1 NAG J . -2.99 47.64 11.92
C2 NAG J . -2.74 48.84 12.84
C3 NAG J . -3.06 48.49 14.29
C4 NAG J . -4.46 47.91 14.39
C5 NAG J . -4.62 46.75 13.42
C6 NAG J . -6.02 46.17 13.40
C7 NAG J . -0.98 50.25 11.86
C8 NAG J . 0.48 50.60 11.88
N2 NAG J . -1.36 49.30 12.72
O3 NAG J . -2.95 49.65 15.10
O4 NAG J . -4.71 47.46 15.71
O5 NAG J . -4.33 47.19 12.09
O6 NAG J . -6.97 47.16 13.05
O7 NAG J . -1.77 50.82 11.12
H1 NAG J . -2.37 46.93 12.16
H2 NAG J . -3.33 49.57 12.56
H3 NAG J . -2.42 47.82 14.59
H4 NAG J . -5.11 48.61 14.15
H5 NAG J . -3.99 46.04 13.67
H61 NAG J . -6.05 45.44 12.75
H62 NAG J . -6.23 45.81 14.28
H81 NAG J . 0.70 51.06 12.72
H82 NAG J . 1.01 49.77 11.83
H83 NAG J . 0.70 51.17 11.13
HN2 NAG J . -0.73 48.91 13.25
HO3 NAG J . -3.69 49.74 15.59
HO6 NAG J . -7.76 46.77 12.89
C1 NAG J . -5.74 48.27 16.31
C2 NAG J . -6.17 47.62 17.62
C3 NAG J . -7.23 48.48 18.31
C4 NAG J . -6.74 49.91 18.47
C5 NAG J . -6.29 50.46 17.11
C6 NAG J . -5.68 51.83 17.21
C7 NAG J . -5.92 45.18 17.64
C8 NAG J . -6.59 43.87 17.36
N2 NAG J . -6.65 46.27 17.41
O3 NAG J . -7.52 47.93 19.59
O4 NAG J . -7.79 50.73 18.97
O5 NAG J . -5.29 49.60 16.55
O6 NAG J . -4.39 51.78 17.81
O7 NAG J . -4.77 45.25 18.03
H1 NAG J . -6.53 48.30 15.71
H2 NAG J . -5.39 47.59 18.21
H3 NAG J . -8.03 48.47 17.77
H4 NAG J . -5.99 49.93 19.09
H5 NAG J . -7.06 50.50 16.52
H61 NAG J . -5.60 52.22 16.32
H62 NAG J . -6.26 52.41 17.76
H81 NAG J . -5.99 43.14 17.62
H82 NAG J . -6.78 43.80 16.41
H83 NAG J . -7.42 43.81 17.87
HN2 NAG J . -7.51 46.16 17.11
HO3 NAG J . -7.72 47.06 19.51
HO4 NAG J . -8.13 50.35 19.69
HO6 NAG J . -4.07 52.62 17.89
C1 NAG K . 22.13 -1.08 -26.66
C2 NAG K . 23.40 -1.93 -26.72
C3 NAG K . 24.34 -1.38 -27.78
C4 NAG K . 23.61 -1.28 -29.12
C5 NAG K . 22.32 -0.48 -28.97
C6 NAG K . 21.48 -0.48 -30.23
C7 NAG K . 23.95 -3.00 -24.58
C8 NAG K . 24.71 -2.90 -23.30
N2 NAG K . 24.06 -1.98 -25.42
O3 NAG K . 25.47 -2.23 -27.90
O4 NAG K . 24.45 -0.63 -30.08
O5 NAG K . 21.50 -1.06 -27.94
O6 NAG K . 20.76 -1.69 -30.36
O7 NAG K . 23.25 -3.99 -24.85
H1 NAG K . 22.37 -0.17 -26.40
H2 NAG K . 23.14 -2.83 -26.98
H3 NAG K . 24.63 -0.49 -27.52
H4 NAG K . 23.40 -2.18 -29.43
H5 NAG K . 22.55 0.44 -28.73
H61 NAG K . 20.86 0.27 -30.19
H62 NAG K . 22.08 -0.38 -31.00
H81 NAG K . 25.34 -3.64 -23.22
H82 NAG K . 24.09 -2.93 -22.55
H83 NAG K . 25.20 -2.05 -23.28
HN2 NAG K . 24.60 -1.27 -25.18
HO3 NAG K . 26.02 -1.90 -28.52
HO4 NAG K . 25.18 -1.11 -30.21
HO6 NAG K . 20.21 -1.63 -31.06
C1 NAG L . 28.83 18.47 5.18
C2 NAG L . 29.71 18.41 6.42
C3 NAG L . 30.59 19.66 6.51
C4 NAG L . 31.38 19.83 5.22
C5 NAG L . 30.45 19.81 4.01
C6 NAG L . 31.18 19.82 2.69
C7 NAG L . 28.73 17.10 8.25
C8 NAG L . 27.88 17.13 9.48
N2 NAG L . 28.92 18.27 7.63
O3 NAG L . 31.48 19.54 7.61
O4 NAG L . 32.08 21.06 5.23
O5 NAG L . 29.64 18.62 4.02
O6 NAG L . 31.68 18.54 2.36
O7 NAG L . 29.21 16.06 7.83
H1 NAG L . 28.24 19.25 5.25
H2 NAG L . 30.30 17.64 6.34
H3 NAG L . 30.02 20.44 6.63
H4 NAG L . 32.02 19.10 5.13
H5 NAG L . 29.86 20.59 4.05
H61 NAG L . 30.58 20.12 1.98
H62 NAG L . 31.93 20.44 2.75
H81 NAG L . 28.40 16.81 10.24
H82 NAG L . 27.09 16.57 9.36
H83 NAG L . 27.59 18.06 9.65
HN2 NAG L . 28.53 19.01 7.99
HO3 NAG L . 31.97 20.28 7.66
HO4 NAG L . 32.66 21.06 5.90
HO6 NAG L . 32.04 18.54 1.55
C1 NAG M . -32.07 12.98 -1.12
C2 NAG M . -33.37 12.18 -1.01
C3 NAG M . -34.53 12.99 -1.56
C4 NAG M . -34.61 14.35 -0.86
C5 NAG M . -33.27 15.06 -0.96
C6 NAG M . -33.24 16.34 -0.15
C7 NAG M . -33.00 9.75 -1.08
C8 NAG M . -32.92 8.54 -1.94
N2 NAG M . -33.25 10.91 -1.70
O3 NAG M . -35.74 12.27 -1.36
O4 NAG M . -35.61 15.15 -1.49
O5 NAG M . -32.23 14.23 -0.43
O6 NAG M . -33.04 16.08 1.23
O7 NAG M . -32.83 9.70 0.14
H1 NAG M . -31.89 13.16 -2.06
H2 NAG M . -33.53 12.00 -0.06
H3 NAG M . -34.40 13.12 -2.52
H4 NAG M . -34.84 14.21 0.08
H5 NAG M . -33.08 15.26 -1.89
H61 NAG M . -32.51 16.91 -0.48
H62 NAG M . -34.09 16.81 -0.27
H81 NAG M . -33.60 7.89 -1.66
H82 NAG M . -32.03 8.13 -1.86
H83 NAG M . -33.08 8.79 -2.87
HN2 NAG M . -33.37 10.90 -2.61
HO3 NAG M . -36.42 12.73 -1.69
HO4 NAG M . -36.40 14.75 -1.38
HO6 NAG M . -32.95 16.85 1.66
C1 NAG N . -15.60 -4.49 -30.59
C2 NAG N . -15.69 -5.79 -31.37
C3 NAG N . -16.01 -5.52 -32.83
C4 NAG N . -17.28 -4.68 -32.93
C5 NAG N . -17.17 -3.42 -32.08
C6 NAG N . -18.45 -2.63 -32.02
C7 NAG N . -14.29 -7.57 -30.41
C8 NAG N . -12.95 -8.24 -30.42
N2 NAG N . -14.44 -6.54 -31.25
O3 NAG N . -16.18 -6.75 -33.52
O4 NAG N . -17.51 -4.30 -34.28
O5 NAG N . -16.83 -3.77 -30.72
O6 NAG N . -19.36 -3.20 -31.10
O7 NAG N . -15.19 -7.93 -29.65
H1 NAG N . -14.88 -3.94 -30.96
H2 NAG N . -16.40 -6.33 -30.99
H3 NAG N . -15.27 -5.03 -33.23
H4 NAG N . -18.04 -5.21 -32.62
H5 NAG N . -16.45 -2.86 -32.44
H61 NAG N . -18.24 -1.72 -31.76
H62 NAG N . -18.86 -2.62 -32.91
H81 NAG N . -13.06 -9.18 -30.66
H82 NAG N . -12.54 -8.17 -29.54
H83 NAG N . -12.37 -7.81 -31.09
HN2 NAG N . -13.75 -6.32 -31.80
HO3 NAG N . -16.36 -6.60 -34.37
HO4 NAG N . -17.63 -5.04 -34.78
HO6 NAG N . -20.07 -2.68 -31.02
C1 NAG O . -4.62 27.16 20.96
C2 NAG O . -5.32 27.13 22.33
C3 NAG O . -5.75 28.54 22.73
C4 NAG O . -4.55 29.48 22.69
C5 NAG O . -3.86 29.41 21.34
C6 NAG O . -2.58 30.21 21.29
C7 NAG O . -6.42 24.99 22.79
C8 NAG O . -7.70 24.21 22.70
N2 NAG O . -6.46 26.23 22.31
O3 NAG O . -6.30 28.50 24.04
O4 NAG O . -4.98 30.81 22.93
O5 NAG O . -3.50 28.05 21.02
O6 NAG O . -1.51 29.50 21.90
O7 NAG O . -5.40 24.52 23.28
H1 NAG O . -5.25 27.48 20.30
H2 NAG O . -4.68 26.81 22.99
H3 NAG O . -6.42 28.85 22.10
H4 NAG O . -3.91 29.22 23.38
H5 NAG O . -4.47 29.74 20.65
H61 NAG O . -2.35 30.39 20.35
H62 NAG O . -2.71 31.05 21.76
H81 NAG O . -7.98 23.94 23.60
H82 NAG O . -7.55 23.40 22.16
H83 NAG O . -8.39 24.76 22.28
HN2 NAG O . -7.25 26.54 21.96
HO3 NAG O . -6.56 29.32 24.27
HO4 NAG O . -5.33 30.87 23.73
HO6 NAG O . -0.75 29.95 21.78
#